data_6PCD
#
_entry.id   6PCD
#
_cell.length_a   111.078
_cell.length_b   116.621
_cell.length_c   128.561
_cell.angle_alpha   90.000
_cell.angle_beta   90.000
_cell.angle_gamma   90.000
#
_symmetry.space_group_name_H-M   'P 21 21 21'
#
loop_
_entity.id
_entity.type
_entity.pdbx_description
1 polymer 'Beta-ketoadipyl-CoA thiolase'
2 non-polymer 'COENZYME A'
3 non-polymer OCTANAL
4 non-polymer GLYCEROL
5 non-polymer 'CHLORIDE ION'
6 non-polymer 'POTASSIUM ION'
7 water water
#
_entity_poly.entity_id   1
_entity_poly.type   'polypeptide(L)'
_entity_poly.pdbx_seq_one_letter_code
;MHHHHHHSSGVDLGTENLYHQGSMHDVFICDAIRTPIGRFGGALASVRADDLAAVPLKALIERNPGVQWDQVDEVFFGCA
NQAGEDNRNVARMALLLAGLPESIPGVTLNRLSASGMDAVGTAFRAIASGEMELVIAGGVESMSRAPFVMGKAESAYSRN
MKLEDTTIGWRFINPLMKSQYGVDSMPETADNVADDYQVSRADQDAFALRSQQKAAAAQAAGFFAEEIVPVRIAHKKGEI
IVERDEHLRPETTLEALTKLKPVNGPDKTVTAGNASGVNDGAAAMILASAAAVKKHGLTPRARVLGMASGGVAPRVMGIG
PVPAVRKLTERLGIAVSDFDVIELNEAFASQGLAVLRELGVADDAPQVNPNGGAIALGAPLGMSGARLVLTALHQLEKSG
GRKGLATMCVGVGQGLALAIERV
;
_entity_poly.pdbx_strand_id   A,B,C,D
#
# COMPACT_ATOMS: atom_id res chain seq x y z
N HIS A 20 -35.27 -44.70 -1.33
CA HIS A 20 -34.97 -45.45 -0.05
C HIS A 20 -33.47 -45.37 0.24
N GLN A 21 -33.16 -44.89 1.44
CA GLN A 21 -31.81 -44.59 1.87
C GLN A 21 -31.19 -45.79 2.60
N GLY A 22 -29.86 -45.88 2.50
CA GLY A 22 -29.06 -46.79 3.30
C GLY A 22 -28.70 -46.22 4.68
N SER A 23 -27.88 -46.98 5.42
N SER A 23 -27.93 -47.00 5.43
CA SER A 23 -27.52 -46.66 6.80
CA SER A 23 -27.50 -46.64 6.78
C SER A 23 -26.35 -45.68 6.86
C SER A 23 -26.46 -45.53 6.73
N MET A 24 -26.44 -44.70 7.78
CA MET A 24 -25.29 -43.85 8.06
C MET A 24 -24.13 -44.71 8.53
N HIS A 25 -22.92 -44.18 8.38
CA HIS A 25 -21.71 -44.88 8.79
C HIS A 25 -21.09 -44.21 10.01
N ASP A 26 -20.63 -45.03 10.95
CA ASP A 26 -19.89 -44.56 12.11
C ASP A 26 -18.54 -43.97 11.64
N VAL A 27 -18.07 -42.94 12.36
CA VAL A 27 -16.87 -42.21 11.97
C VAL A 27 -15.92 -42.12 13.16
N PHE A 28 -14.64 -42.44 12.93
CA PHE A 28 -13.63 -42.49 13.97
C PHE A 28 -12.52 -41.47 13.74
N ILE A 29 -12.17 -40.76 14.83
CA ILE A 29 -10.91 -40.01 14.85
C ILE A 29 -9.78 -40.98 15.19
N CYS A 30 -8.71 -40.90 14.39
CA CYS A 30 -7.53 -41.74 14.52
C CYS A 30 -6.38 -40.85 14.98
N ASP A 31 -5.20 -40.93 14.34
CA ASP A 31 -4.06 -40.14 14.80
C ASP A 31 -4.33 -38.64 14.66
N ALA A 32 -3.67 -37.85 15.52
CA ALA A 32 -3.79 -36.40 15.51
C ALA A 32 -2.48 -35.80 16.00
N ILE A 33 -2.14 -34.62 15.47
CA ILE A 33 -0.87 -33.99 15.80
C ILE A 33 -0.98 -32.49 15.55
N ARG A 34 -0.12 -31.70 16.22
CA ARG A 34 -0.13 -30.25 16.03
C ARG A 34 1.28 -29.69 16.11
N THR A 35 1.46 -28.47 15.56
CA THR A 35 2.66 -27.71 15.84
C THR A 35 2.57 -27.11 17.25
N PRO A 36 3.69 -26.61 17.80
CA PRO A 36 3.60 -25.67 18.90
C PRO A 36 2.83 -24.42 18.47
N ILE A 37 2.30 -23.68 19.46
CA ILE A 37 1.67 -22.39 19.19
C ILE A 37 2.68 -21.30 19.48
N GLY A 38 2.96 -20.47 18.45
CA GLY A 38 3.91 -19.37 18.59
C GLY A 38 3.23 -18.04 18.92
N ARG A 39 4.00 -17.14 19.56
CA ARG A 39 3.52 -15.79 19.84
C ARG A 39 3.58 -14.96 18.57
N PHE A 40 2.75 -13.91 18.49
CA PHE A 40 2.83 -12.95 17.40
C PHE A 40 4.27 -12.42 17.28
N GLY A 41 4.82 -12.51 16.06
CA GLY A 41 6.18 -12.06 15.77
C GLY A 41 7.25 -12.91 16.45
N GLY A 42 6.85 -14.08 16.97
CA GLY A 42 7.71 -14.92 17.76
C GLY A 42 8.27 -16.13 17.00
N ALA A 43 8.25 -17.29 17.66
CA ALA A 43 9.02 -18.46 17.24
C ALA A 43 8.70 -18.96 15.82
N LEU A 44 7.43 -18.82 15.40
CA LEU A 44 7.01 -19.35 14.11
C LEU A 44 6.72 -18.22 13.10
N ALA A 45 7.08 -16.97 13.44
CA ALA A 45 6.70 -15.85 12.59
C ALA A 45 7.28 -15.92 11.17
N SER A 46 8.43 -16.63 11.00
CA SER A 46 9.07 -16.74 9.69
C SER A 46 8.42 -17.79 8.78
N VAL A 47 7.46 -18.57 9.31
CA VAL A 47 6.94 -19.73 8.58
C VAL A 47 5.65 -19.34 7.84
N ARG A 48 5.66 -19.45 6.50
CA ARG A 48 4.47 -19.17 5.70
C ARG A 48 3.32 -20.06 6.15
N ALA A 49 2.08 -19.56 6.10
CA ALA A 49 0.91 -20.31 6.54
C ALA A 49 0.74 -21.62 5.78
N ASP A 50 1.05 -21.61 4.47
CA ASP A 50 0.89 -22.81 3.67
C ASP A 50 1.92 -23.86 4.10
N ASP A 51 3.18 -23.44 4.31
CA ASP A 51 4.20 -24.37 4.80
C ASP A 51 3.87 -24.84 6.23
N LEU A 52 3.33 -23.92 7.06
CA LEU A 52 3.02 -24.28 8.43
C LEU A 52 1.92 -25.34 8.46
N ALA A 53 0.89 -25.18 7.63
CA ALA A 53 -0.18 -26.17 7.50
C ALA A 53 0.37 -27.54 7.08
N ALA A 54 1.40 -27.53 6.21
CA ALA A 54 1.96 -28.79 5.73
C ALA A 54 2.69 -29.56 6.83
N VAL A 55 3.14 -28.88 7.91
CA VAL A 55 3.93 -29.55 8.94
C VAL A 55 3.17 -30.70 9.59
N PRO A 56 1.94 -30.51 10.12
CA PRO A 56 1.21 -31.64 10.67
C PRO A 56 0.81 -32.70 9.63
N LEU A 57 0.61 -32.28 8.37
CA LEU A 57 0.34 -33.27 7.34
C LEU A 57 1.55 -34.20 7.13
N LYS A 58 2.76 -33.63 7.04
CA LYS A 58 3.97 -34.43 6.88
C LYS A 58 4.13 -35.39 8.06
N ALA A 59 3.81 -34.91 9.27
CA ALA A 59 3.91 -35.73 10.47
C ALA A 59 2.92 -36.88 10.46
N LEU A 60 1.67 -36.63 10.00
CA LEU A 60 0.72 -37.75 9.88
C LEU A 60 1.24 -38.83 8.93
N ILE A 61 1.90 -38.42 7.84
CA ILE A 61 2.43 -39.40 6.90
C ILE A 61 3.49 -40.25 7.58
N GLU A 62 4.42 -39.58 8.28
CA GLU A 62 5.51 -40.29 8.93
C GLU A 62 5.00 -41.24 10.01
N ARG A 63 3.96 -40.81 10.75
CA ARG A 63 3.47 -41.51 11.94
C ARG A 63 2.58 -42.70 11.58
N ASN A 64 2.05 -42.75 10.34
CA ASN A 64 1.04 -43.74 9.97
C ASN A 64 1.42 -44.48 8.69
N PRO A 65 2.47 -45.34 8.73
CA PRO A 65 2.97 -46.01 7.52
C PRO A 65 2.07 -47.07 6.90
N GLY A 66 1.02 -47.49 7.61
CA GLY A 66 0.05 -48.46 7.11
C GLY A 66 -0.95 -47.88 6.12
N VAL A 67 -1.03 -46.54 6.05
CA VAL A 67 -2.00 -45.85 5.21
C VAL A 67 -1.55 -45.87 3.76
N GLN A 68 -2.50 -46.18 2.86
CA GLN A 68 -2.27 -45.99 1.44
C GLN A 68 -2.71 -44.58 1.07
N TRP A 69 -1.74 -43.66 0.98
CA TRP A 69 -2.04 -42.23 0.99
C TRP A 69 -2.86 -41.79 -0.23
N ASP A 70 -2.74 -42.51 -1.35
CA ASP A 70 -3.52 -42.16 -2.52
C ASP A 70 -5.02 -42.45 -2.34
N GLN A 71 -5.41 -42.99 -1.18
N GLN A 71 -5.41 -42.99 -1.18
CA GLN A 71 -6.81 -43.27 -0.89
CA GLN A 71 -6.82 -43.26 -0.90
C GLN A 71 -7.50 -42.13 -0.13
C GLN A 71 -7.40 -42.27 0.10
N VAL A 72 -6.74 -41.13 0.31
CA VAL A 72 -7.35 -40.06 1.09
C VAL A 72 -8.37 -39.36 0.19
N ASP A 73 -9.62 -39.28 0.64
CA ASP A 73 -10.69 -38.71 -0.17
C ASP A 73 -10.69 -37.18 -0.19
N GLU A 74 -10.23 -36.55 0.90
CA GLU A 74 -10.28 -35.09 0.99
C GLU A 74 -9.42 -34.63 2.15
N VAL A 75 -8.82 -33.44 2.01
CA VAL A 75 -8.22 -32.71 3.13
C VAL A 75 -9.09 -31.46 3.36
N PHE A 76 -9.74 -31.40 4.55
CA PHE A 76 -10.55 -30.26 4.97
C PHE A 76 -9.73 -29.43 5.96
N PHE A 77 -9.47 -28.16 5.65
CA PHE A 77 -8.71 -27.33 6.58
C PHE A 77 -9.46 -26.03 6.91
N GLY A 78 -9.43 -25.65 8.19
CA GLY A 78 -9.97 -24.34 8.59
C GLY A 78 -8.91 -23.23 8.50
N CYS A 79 -9.35 -22.03 8.09
CA CYS A 79 -8.46 -20.88 8.02
C CYS A 79 -9.35 -19.64 8.00
N ALA A 80 -9.12 -18.71 8.95
CA ALA A 80 -10.00 -17.55 9.08
C ALA A 80 -9.63 -16.40 8.14
N ASN A 81 -8.39 -16.34 7.63
CA ASN A 81 -7.92 -15.16 6.95
C ASN A 81 -8.00 -15.34 5.42
N GLN A 82 -7.06 -16.11 4.87
CA GLN A 82 -7.05 -16.51 3.45
C GLN A 82 -6.68 -15.36 2.51
N ALA A 83 -6.11 -14.26 3.04
CA ALA A 83 -5.64 -13.16 2.20
C ALA A 83 -4.14 -13.21 1.94
N GLY A 84 -3.40 -13.95 2.79
CA GLY A 84 -1.95 -13.95 2.74
C GLY A 84 -1.40 -15.18 2.01
N GLU A 85 -0.37 -15.78 2.58
CA GLU A 85 0.23 -16.99 2.00
C GLU A 85 -0.71 -18.19 2.12
N ASP A 86 -1.81 -18.01 2.85
CA ASP A 86 -2.91 -18.94 2.98
C ASP A 86 -4.01 -18.73 1.91
N ASN A 87 -3.73 -17.93 0.87
CA ASN A 87 -4.73 -17.62 -0.14
C ASN A 87 -4.97 -18.80 -1.07
N ARG A 88 -6.15 -18.78 -1.70
CA ARG A 88 -6.47 -19.65 -2.83
C ARG A 88 -6.48 -21.13 -2.41
N ASN A 89 -7.17 -21.42 -1.30
CA ASN A 89 -7.49 -22.76 -0.84
C ASN A 89 -6.26 -23.42 -0.22
N VAL A 90 -5.90 -22.96 0.99
CA VAL A 90 -4.70 -23.40 1.69
C VAL A 90 -4.73 -24.91 1.95
N ALA A 91 -5.92 -25.54 2.08
CA ALA A 91 -5.94 -27.00 2.22
C ALA A 91 -5.20 -27.72 1.09
N ARG A 92 -5.51 -27.31 -0.13
CA ARG A 92 -4.90 -27.91 -1.30
C ARG A 92 -3.43 -27.52 -1.40
N MET A 93 -3.10 -26.25 -1.12
CA MET A 93 -1.71 -25.83 -1.14
C MET A 93 -0.90 -26.71 -0.20
N ALA A 94 -1.38 -26.87 1.04
CA ALA A 94 -0.69 -27.58 2.09
C ALA A 94 -0.53 -29.05 1.77
N LEU A 95 -1.59 -29.70 1.25
CA LEU A 95 -1.43 -31.14 0.97
C LEU A 95 -0.36 -31.36 -0.11
N LEU A 96 -0.29 -30.47 -1.10
CA LEU A 96 0.76 -30.63 -2.11
C LEU A 96 2.15 -30.39 -1.51
N LEU A 97 2.29 -29.33 -0.68
CA LEU A 97 3.57 -29.06 -0.04
C LEU A 97 3.99 -30.19 0.89
N ALA A 98 3.00 -30.90 1.46
CA ALA A 98 3.29 -31.98 2.42
C ALA A 98 3.78 -33.25 1.71
N GLY A 99 3.67 -33.30 0.37
CA GLY A 99 4.09 -34.48 -0.36
C GLY A 99 2.98 -35.50 -0.60
N LEU A 100 1.73 -35.13 -0.32
CA LEU A 100 0.62 -36.02 -0.65
C LEU A 100 0.38 -36.00 -2.15
N PRO A 101 -0.11 -37.11 -2.75
CA PRO A 101 -0.29 -37.15 -4.20
C PRO A 101 -1.24 -36.09 -4.75
N GLU A 102 -0.99 -35.61 -5.97
CA GLU A 102 -1.79 -34.56 -6.59
C GLU A 102 -3.23 -35.02 -6.85
N SER A 103 -3.49 -36.33 -6.74
CA SER A 103 -4.84 -36.85 -6.87
C SER A 103 -5.75 -36.53 -5.66
N ILE A 104 -5.18 -36.10 -4.53
N ILE A 104 -5.17 -36.07 -4.54
CA ILE A 104 -5.99 -35.85 -3.33
CA ILE A 104 -5.95 -35.80 -3.32
C ILE A 104 -6.58 -34.44 -3.36
C ILE A 104 -6.58 -34.41 -3.36
N PRO A 105 -7.93 -34.30 -3.29
CA PRO A 105 -8.56 -32.98 -3.25
C PRO A 105 -8.47 -32.30 -1.87
N GLY A 106 -8.64 -30.97 -1.87
CA GLY A 106 -8.67 -30.23 -0.60
C GLY A 106 -9.62 -29.04 -0.71
N VAL A 107 -10.17 -28.66 0.47
CA VAL A 107 -11.11 -27.54 0.57
C VAL A 107 -10.90 -26.83 1.90
N THR A 108 -11.07 -25.49 1.87
CA THR A 108 -10.82 -24.66 3.05
C THR A 108 -12.13 -24.09 3.58
N LEU A 109 -12.29 -24.14 4.92
CA LEU A 109 -13.51 -23.69 5.62
C LEU A 109 -13.19 -22.46 6.44
N ASN A 110 -14.18 -21.54 6.51
CA ASN A 110 -14.00 -20.32 7.30
C ASN A 110 -15.25 -20.08 8.16
N ARG A 111 -15.09 -20.38 9.46
CA ARG A 111 -16.03 -19.88 10.47
C ARG A 111 -15.18 -19.20 11.54
N LEU A 112 -14.24 -18.36 11.09
CA LEU A 112 -13.38 -17.57 11.98
C LEU A 112 -12.71 -18.50 13.01
N SER A 113 -12.83 -18.21 14.31
N SER A 113 -12.83 -18.19 14.31
CA SER A 113 -12.13 -19.00 15.31
CA SER A 113 -12.19 -18.98 15.36
C SER A 113 -12.62 -20.46 15.38
C SER A 113 -12.57 -20.46 15.29
N ALA A 114 -13.77 -20.79 14.78
CA ALA A 114 -14.26 -22.17 14.83
C ALA A 114 -13.88 -22.97 13.57
N SER A 115 -13.11 -22.38 12.65
CA SER A 115 -12.85 -23.01 11.34
C SER A 115 -12.33 -24.44 11.48
N GLY A 116 -11.35 -24.65 12.37
CA GLY A 116 -10.68 -25.94 12.48
C GLY A 116 -11.61 -27.01 13.03
N MET A 117 -12.55 -26.59 13.90
CA MET A 117 -13.57 -27.51 14.41
C MET A 117 -14.60 -27.82 13.31
N ASP A 118 -14.95 -26.81 12.51
N ASP A 118 -15.02 -26.80 12.55
CA ASP A 118 -15.85 -27.00 11.39
CA ASP A 118 -15.86 -27.04 11.38
C ASP A 118 -15.27 -27.95 10.34
C ASP A 118 -15.23 -28.13 10.49
N ALA A 119 -13.93 -27.97 10.19
CA ALA A 119 -13.25 -28.93 9.32
C ALA A 119 -13.48 -30.36 9.84
N VAL A 120 -13.33 -30.59 11.15
CA VAL A 120 -13.55 -31.91 11.73
C VAL A 120 -15.00 -32.36 11.51
N GLY A 121 -15.96 -31.48 11.87
CA GLY A 121 -17.36 -31.86 11.74
C GLY A 121 -17.80 -32.08 10.30
N THR A 122 -17.24 -31.27 9.37
CA THR A 122 -17.56 -31.41 7.96
C THR A 122 -17.00 -32.73 7.41
N ALA A 123 -15.77 -33.08 7.82
CA ALA A 123 -15.20 -34.37 7.47
C ALA A 123 -16.09 -35.50 7.98
N PHE A 124 -16.55 -35.37 9.23
CA PHE A 124 -17.44 -36.37 9.82
C PHE A 124 -18.71 -36.55 8.98
N ARG A 125 -19.36 -35.45 8.60
CA ARG A 125 -20.61 -35.56 7.85
C ARG A 125 -20.36 -36.22 6.49
N ALA A 126 -19.20 -35.96 5.85
CA ALA A 126 -18.90 -36.54 4.56
C ALA A 126 -18.78 -38.07 4.65
N ILE A 127 -18.15 -38.56 5.74
CA ILE A 127 -18.01 -40.00 5.96
C ILE A 127 -19.35 -40.60 6.39
N ALA A 128 -20.06 -39.91 7.29
CA ALA A 128 -21.29 -40.45 7.86
C ALA A 128 -22.33 -40.68 6.76
N SER A 129 -22.36 -39.76 5.78
CA SER A 129 -23.31 -39.82 4.67
C SER A 129 -22.83 -40.74 3.53
N GLY A 130 -21.71 -41.45 3.72
CA GLY A 130 -21.27 -42.48 2.77
C GLY A 130 -20.50 -41.93 1.57
N GLU A 131 -20.18 -40.64 1.59
CA GLU A 131 -19.57 -40.03 0.41
C GLU A 131 -18.04 -40.18 0.42
N MET A 132 -17.47 -40.45 1.60
CA MET A 132 -16.02 -40.60 1.75
C MET A 132 -15.72 -41.69 2.77
N GLU A 133 -14.47 -42.18 2.79
CA GLU A 133 -14.03 -43.22 3.73
C GLU A 133 -12.84 -42.81 4.60
N LEU A 134 -11.92 -42.01 4.04
CA LEU A 134 -10.67 -41.67 4.72
C LEU A 134 -10.37 -40.21 4.44
N VAL A 135 -10.30 -39.37 5.47
N VAL A 135 -10.18 -39.42 5.49
CA VAL A 135 -10.09 -37.95 5.25
CA VAL A 135 -10.16 -37.97 5.38
C VAL A 135 -9.16 -37.38 6.32
C VAL A 135 -9.10 -37.40 6.34
N ILE A 136 -8.60 -36.21 6.01
CA ILE A 136 -7.81 -35.44 6.97
C ILE A 136 -8.55 -34.15 7.24
N ALA A 137 -8.63 -33.77 8.53
CA ALA A 137 -9.22 -32.51 8.95
C ALA A 137 -8.22 -31.77 9.84
N GLY A 138 -8.16 -30.47 9.64
CA GLY A 138 -7.25 -29.68 10.47
C GLY A 138 -7.51 -28.19 10.31
N GLY A 139 -6.51 -27.40 10.68
CA GLY A 139 -6.64 -25.96 10.54
C GLY A 139 -5.29 -25.27 10.75
N VAL A 140 -5.22 -24.03 10.27
CA VAL A 140 -3.97 -23.27 10.35
C VAL A 140 -4.31 -21.79 10.54
N GLU A 141 -3.42 -21.06 11.24
CA GLU A 141 -3.42 -19.62 11.11
C GLU A 141 -1.99 -19.14 11.32
N SER A 142 -1.55 -18.20 10.48
CA SER A 142 -0.36 -17.41 10.78
C SER A 142 -0.80 -15.97 10.97
N MET A 143 -1.06 -15.59 12.23
CA MET A 143 -1.53 -14.24 12.49
C MET A 143 -0.36 -13.27 12.40
N SER A 144 0.87 -13.75 12.70
CA SER A 144 2.05 -12.92 12.49
C SER A 144 2.11 -12.39 11.06
N ARG A 145 1.81 -13.28 10.10
CA ARG A 145 2.06 -12.98 8.70
C ARG A 145 0.79 -12.50 7.97
N ALA A 146 -0.30 -12.27 8.70
CA ALA A 146 -1.51 -11.78 8.07
C ALA A 146 -1.19 -10.48 7.33
N PRO A 147 -1.63 -10.31 6.06
CA PRO A 147 -1.22 -9.14 5.29
C PRO A 147 -2.08 -7.91 5.54
N PHE A 148 -1.68 -6.78 4.94
CA PHE A 148 -2.55 -5.61 4.83
C PHE A 148 -3.34 -5.72 3.52
N VAL A 149 -4.53 -5.11 3.48
CA VAL A 149 -5.37 -5.12 2.28
C VAL A 149 -5.72 -3.69 1.91
N MET A 150 -5.89 -3.46 0.60
CA MET A 150 -6.21 -2.14 0.07
C MET A 150 -7.27 -2.30 -1.01
N GLY A 151 -8.45 -1.71 -0.81
CA GLY A 151 -9.46 -1.74 -1.84
C GLY A 151 -9.01 -1.05 -3.13
N LYS A 152 -9.61 -1.49 -4.25
CA LYS A 152 -9.35 -0.82 -5.53
C LYS A 152 -9.90 0.61 -5.51
N ALA A 153 -9.31 1.48 -6.33
CA ALA A 153 -9.88 2.79 -6.62
C ALA A 153 -11.23 2.62 -7.31
N GLU A 154 -12.20 3.48 -6.94
N GLU A 154 -12.19 3.48 -6.95
CA GLU A 154 -13.52 3.43 -7.54
CA GLU A 154 -13.52 3.43 -7.55
C GLU A 154 -13.62 4.40 -8.72
C GLU A 154 -13.73 4.62 -8.50
N SER A 155 -12.63 5.29 -8.83
CA SER A 155 -12.63 6.36 -9.83
C SER A 155 -11.18 6.66 -10.20
N ALA A 156 -10.96 7.21 -11.40
CA ALA A 156 -9.64 7.66 -11.81
C ALA A 156 -9.17 8.77 -10.89
N TYR A 157 -7.89 8.71 -10.51
CA TYR A 157 -7.24 9.70 -9.66
C TYR A 157 -7.92 9.79 -8.28
N SER A 158 -8.50 8.67 -7.82
CA SER A 158 -9.12 8.65 -6.49
C SER A 158 -8.13 9.06 -5.41
N ARG A 159 -8.57 9.94 -4.50
CA ARG A 159 -7.78 10.37 -3.35
C ARG A 159 -8.07 9.51 -2.12
N ASN A 160 -8.93 8.49 -2.28
CA ASN A 160 -9.46 7.70 -1.17
C ASN A 160 -8.93 6.27 -1.22
N MET A 161 -7.62 6.10 -0.96
CA MET A 161 -7.02 4.78 -0.89
C MET A 161 -6.57 4.55 0.55
N LYS A 162 -6.68 3.30 1.03
CA LYS A 162 -6.49 3.00 2.45
C LYS A 162 -5.95 1.59 2.63
N LEU A 163 -4.99 1.41 3.57
CA LEU A 163 -4.50 0.09 3.94
C LEU A 163 -5.15 -0.33 5.25
N GLU A 164 -5.46 -1.63 5.37
CA GLU A 164 -6.10 -2.14 6.57
C GLU A 164 -5.39 -3.43 6.99
N ASP A 165 -5.13 -3.57 8.29
CA ASP A 165 -4.53 -4.77 8.89
C ASP A 165 -5.55 -5.91 8.93
N THR A 166 -5.14 -7.11 8.49
CA THR A 166 -5.98 -8.29 8.55
C THR A 166 -5.62 -9.24 9.70
N THR A 167 -4.72 -8.83 10.61
CA THR A 167 -4.26 -9.72 11.68
C THR A 167 -5.45 -10.30 12.46
N ILE A 168 -6.37 -9.40 12.88
CA ILE A 168 -7.59 -9.83 13.55
C ILE A 168 -8.64 -8.73 13.45
N GLY A 169 -9.92 -9.12 13.33
CA GLY A 169 -10.97 -8.12 13.52
C GLY A 169 -11.32 -7.31 12.28
N TRP A 170 -12.13 -6.27 12.44
CA TRP A 170 -12.85 -5.68 11.32
C TRP A 170 -11.95 -5.00 10.30
N ARG A 171 -12.27 -5.21 9.02
CA ARG A 171 -11.77 -4.39 7.92
C ARG A 171 -12.86 -4.33 6.85
N PHE A 172 -12.78 -3.34 5.96
CA PHE A 172 -13.84 -3.11 4.97
C PHE A 172 -15.21 -3.09 5.66
N ILE A 173 -15.36 -2.22 6.66
CA ILE A 173 -16.58 -2.17 7.45
C ILE A 173 -17.73 -1.72 6.55
N ASN A 174 -18.83 -2.47 6.59
CA ASN A 174 -20.05 -2.11 5.90
C ASN A 174 -20.88 -1.19 6.80
N PRO A 175 -21.24 0.05 6.37
CA PRO A 175 -22.02 0.96 7.21
C PRO A 175 -23.34 0.35 7.70
N LEU A 176 -23.91 -0.56 6.90
CA LEU A 176 -25.18 -1.21 7.27
C LEU A 176 -24.95 -2.22 8.39
N MET A 177 -23.79 -2.88 8.43
CA MET A 177 -23.46 -3.76 9.54
C MET A 177 -23.29 -2.94 10.82
N LYS A 178 -22.54 -1.85 10.71
CA LYS A 178 -22.29 -0.98 11.86
C LYS A 178 -23.60 -0.44 12.43
N SER A 179 -24.50 0.01 11.55
CA SER A 179 -25.72 0.63 11.99
C SER A 179 -26.67 -0.36 12.66
N GLN A 180 -26.74 -1.60 12.19
CA GLN A 180 -27.71 -2.55 12.70
C GLN A 180 -27.17 -3.36 13.89
N TYR A 181 -25.91 -3.81 13.79
CA TYR A 181 -25.36 -4.78 14.71
C TYR A 181 -24.12 -4.28 15.46
N GLY A 182 -23.58 -3.14 15.01
CA GLY A 182 -22.31 -2.63 15.49
C GLY A 182 -21.13 -3.37 14.88
N VAL A 183 -19.94 -2.80 15.09
CA VAL A 183 -18.69 -3.42 14.70
C VAL A 183 -17.74 -3.41 15.91
N ASP A 184 -18.27 -3.86 17.05
CA ASP A 184 -17.47 -3.99 18.26
C ASP A 184 -16.25 -4.86 17.99
N SER A 185 -15.11 -4.45 18.56
CA SER A 185 -13.91 -5.28 18.52
C SER A 185 -14.17 -6.52 19.36
N MET A 186 -13.36 -7.57 19.20
CA MET A 186 -13.55 -8.78 19.98
C MET A 186 -13.45 -8.47 21.48
N PRO A 187 -12.41 -7.73 21.95
CA PRO A 187 -12.36 -7.37 23.37
C PRO A 187 -13.54 -6.50 23.84
N GLU A 188 -14.07 -5.62 22.98
CA GLU A 188 -15.30 -4.88 23.30
C GLU A 188 -16.47 -5.83 23.52
N THR A 189 -16.63 -6.85 22.67
CA THR A 189 -17.67 -7.85 22.88
C THR A 189 -17.49 -8.56 24.23
N ALA A 190 -16.24 -8.76 24.65
CA ALA A 190 -15.96 -9.47 25.89
C ALA A 190 -16.33 -8.59 27.09
N ASP A 191 -16.09 -7.28 26.95
CA ASP A 191 -16.54 -6.31 27.96
C ASP A 191 -18.07 -6.31 28.02
N ASN A 192 -18.73 -6.42 26.85
CA ASN A 192 -20.18 -6.42 26.79
C ASN A 192 -20.74 -7.64 27.51
N VAL A 193 -20.10 -8.80 27.32
CA VAL A 193 -20.48 -10.03 28.01
C VAL A 193 -20.25 -9.90 29.52
N ALA A 194 -19.12 -9.31 29.94
CA ALA A 194 -18.87 -9.08 31.36
C ALA A 194 -19.99 -8.24 31.99
N ASP A 195 -20.40 -7.19 31.26
CA ASP A 195 -21.43 -6.26 31.75
C ASP A 195 -22.79 -6.97 31.83
N ASP A 196 -23.18 -7.64 30.73
CA ASP A 196 -24.55 -8.13 30.58
C ASP A 196 -24.78 -9.40 31.39
N TYR A 197 -23.71 -10.20 31.58
CA TYR A 197 -23.79 -11.46 32.30
C TYR A 197 -23.21 -11.34 33.72
N GLN A 198 -22.77 -10.14 34.10
CA GLN A 198 -22.29 -9.85 35.45
C GLN A 198 -21.09 -10.74 35.81
N VAL A 199 -20.03 -10.66 35.00
CA VAL A 199 -18.81 -11.42 35.30
C VAL A 199 -17.75 -10.43 35.79
N SER A 200 -17.38 -10.55 37.07
CA SER A 200 -16.49 -9.60 37.72
C SER A 200 -15.05 -9.72 37.20
N ARG A 201 -14.32 -8.60 37.29
CA ARG A 201 -12.89 -8.55 37.01
C ARG A 201 -12.15 -9.58 37.85
N ALA A 202 -12.49 -9.67 39.14
CA ALA A 202 -11.83 -10.61 40.04
C ALA A 202 -12.01 -12.06 39.58
N ASP A 203 -13.24 -12.42 39.17
CA ASP A 203 -13.52 -13.77 38.71
C ASP A 203 -12.77 -14.08 37.39
N GLN A 204 -12.72 -13.09 36.49
CA GLN A 204 -12.01 -13.21 35.22
C GLN A 204 -10.52 -13.50 35.45
N ASP A 205 -9.91 -12.74 36.37
CA ASP A 205 -8.50 -12.88 36.68
C ASP A 205 -8.19 -14.23 37.33
N ALA A 206 -9.09 -14.68 38.21
CA ALA A 206 -8.95 -15.98 38.84
C ALA A 206 -8.99 -17.11 37.80
N PHE A 207 -9.91 -17.00 36.83
CA PHE A 207 -9.99 -17.95 35.72
C PHE A 207 -8.69 -17.98 34.90
N ALA A 208 -8.15 -16.79 34.60
CA ALA A 208 -6.93 -16.60 33.86
C ALA A 208 -5.77 -17.27 34.59
N LEU A 209 -5.69 -17.08 35.92
CA LEU A 209 -4.63 -17.67 36.72
C LEU A 209 -4.70 -19.20 36.69
N ARG A 210 -5.90 -19.77 36.84
CA ARG A 210 -6.06 -21.22 36.76
C ARG A 210 -5.65 -21.76 35.38
N SER A 211 -5.94 -21.04 34.30
CA SER A 211 -5.50 -21.44 32.96
C SER A 211 -3.97 -21.56 32.90
N GLN A 212 -3.28 -20.53 33.41
CA GLN A 212 -1.83 -20.48 33.39
C GLN A 212 -1.26 -21.60 34.26
N GLN A 213 -1.84 -21.81 35.46
CA GLN A 213 -1.35 -22.85 36.36
C GLN A 213 -1.52 -24.24 35.75
N LYS A 214 -2.70 -24.51 35.18
CA LYS A 214 -2.99 -25.83 34.63
C LYS A 214 -2.15 -26.10 33.39
N ALA A 215 -1.96 -25.07 32.56
CA ALA A 215 -1.15 -25.23 31.35
C ALA A 215 0.32 -25.47 31.74
N ALA A 216 0.79 -24.74 32.76
CA ALA A 216 2.18 -24.94 33.20
C ALA A 216 2.39 -26.37 33.70
N ALA A 217 1.42 -26.89 34.46
CA ALA A 217 1.51 -28.25 34.98
C ALA A 217 1.49 -29.27 33.84
N ALA A 218 0.61 -29.06 32.85
CA ALA A 218 0.51 -29.96 31.71
C ALA A 218 1.81 -29.96 30.92
N GLN A 219 2.39 -28.76 30.73
CA GLN A 219 3.61 -28.68 29.95
C GLN A 219 4.73 -29.46 30.65
N ALA A 220 4.87 -29.26 31.97
CA ALA A 220 5.90 -29.93 32.75
C ALA A 220 5.70 -31.44 32.77
N ALA A 221 4.44 -31.90 32.69
CA ALA A 221 4.12 -33.32 32.71
C ALA A 221 4.38 -34.01 31.37
N GLY A 222 4.70 -33.23 30.32
CA GLY A 222 4.92 -33.79 29.00
C GLY A 222 3.64 -33.97 28.18
N PHE A 223 2.51 -33.41 28.67
CA PHE A 223 1.22 -33.60 28.02
C PHE A 223 1.19 -32.95 26.63
N PHE A 224 1.62 -31.68 26.54
CA PHE A 224 1.63 -31.04 25.23
C PHE A 224 2.66 -31.71 24.31
N ALA A 225 3.79 -32.19 24.85
CA ALA A 225 4.81 -32.82 24.01
C ALA A 225 4.24 -34.02 23.25
N GLU A 226 3.26 -34.72 23.87
CA GLU A 226 2.64 -35.88 23.22
C GLU A 226 1.84 -35.47 21.99
N GLU A 227 1.39 -34.21 21.93
CA GLU A 227 0.57 -33.70 20.84
C GLU A 227 1.39 -33.01 19.75
N ILE A 228 2.67 -32.72 20.01
CA ILE A 228 3.42 -31.76 19.21
C ILE A 228 4.43 -32.45 18.30
N VAL A 229 4.53 -31.91 17.08
CA VAL A 229 5.64 -32.14 16.16
CA VAL A 229 5.70 -32.16 16.25
C VAL A 229 6.45 -30.85 16.08
N PRO A 230 7.81 -30.90 16.13
CA PRO A 230 8.58 -29.66 16.04
C PRO A 230 8.50 -29.02 14.66
N VAL A 231 8.71 -27.70 14.63
CA VAL A 231 8.82 -26.95 13.38
C VAL A 231 10.28 -26.55 13.18
N ARG A 232 10.81 -26.80 12.00
CA ARG A 232 12.18 -26.41 11.64
C ARG A 232 12.19 -24.97 11.12
N ILE A 233 13.15 -24.16 11.60
CA ILE A 233 13.26 -22.73 11.29
C ILE A 233 14.64 -22.46 10.69
N ALA A 234 14.67 -21.71 9.58
CA ALA A 234 15.90 -21.25 8.93
C ALA A 234 16.73 -20.41 9.90
N HIS A 235 18.06 -20.66 9.92
CA HIS A 235 18.99 -19.90 10.74
C HIS A 235 20.40 -19.85 10.10
N GLU A 239 19.87 -24.68 10.77
CA GLU A 239 18.44 -24.60 11.17
C GLU A 239 18.27 -25.01 12.62
N ILE A 240 17.20 -24.49 13.24
CA ILE A 240 16.86 -24.80 14.61
C ILE A 240 15.44 -25.37 14.64
N ILE A 241 15.06 -25.94 15.79
CA ILE A 241 13.72 -26.46 15.95
C ILE A 241 12.99 -25.70 17.05
N VAL A 242 11.68 -25.53 16.80
CA VAL A 242 10.75 -25.03 17.79
C VAL A 242 9.93 -26.22 18.31
N GLU A 243 10.02 -26.49 19.62
CA GLU A 243 9.48 -27.72 20.21
C GLU A 243 8.34 -27.45 21.19
N ARG A 244 8.27 -26.25 21.78
CA ARG A 244 7.35 -26.00 22.89
C ARG A 244 6.45 -24.80 22.58
N ASP A 245 5.22 -24.85 23.11
CA ASP A 245 4.28 -23.73 23.08
C ASP A 245 4.93 -22.52 23.74
N GLU A 246 4.85 -21.35 23.06
CA GLU A 246 5.60 -20.14 23.44
C GLU A 246 4.75 -19.15 24.26
N HIS A 247 3.42 -19.28 24.25
CA HIS A 247 2.57 -18.22 24.80
C HIS A 247 2.46 -18.25 26.32
N LEU A 248 2.75 -19.41 26.94
CA LEU A 248 2.50 -19.62 28.36
C LEU A 248 3.26 -18.59 29.20
N ARG A 249 2.61 -18.14 30.28
N ARG A 249 2.59 -18.13 30.27
CA ARG A 249 3.23 -17.29 31.28
CA ARG A 249 3.16 -17.27 31.29
C ARG A 249 3.10 -17.98 32.63
C ARG A 249 3.06 -18.01 32.62
N PRO A 250 3.90 -19.05 32.89
CA PRO A 250 3.73 -19.90 34.08
C PRO A 250 3.87 -19.18 35.42
N GLU A 251 4.56 -18.03 35.41
CA GLU A 251 4.85 -17.35 36.66
C GLU A 251 3.81 -16.26 36.95
N THR A 252 2.72 -16.23 36.17
CA THR A 252 1.64 -15.29 36.34
C THR A 252 1.18 -15.28 37.79
N THR A 253 1.02 -14.06 38.32
CA THR A 253 0.47 -13.84 39.64
C THR A 253 -0.84 -13.07 39.53
N LEU A 254 -1.70 -13.26 40.53
CA LEU A 254 -2.92 -12.47 40.64
C LEU A 254 -2.60 -10.99 40.81
N GLU A 255 -1.54 -10.66 41.58
CA GLU A 255 -1.13 -9.26 41.76
C GLU A 255 -0.87 -8.61 40.40
N ALA A 256 -0.12 -9.30 39.54
CA ALA A 256 0.23 -8.75 38.23
C ALA A 256 -1.05 -8.59 37.40
N LEU A 257 -1.93 -9.60 37.43
CA LEU A 257 -3.19 -9.57 36.69
C LEU A 257 -4.05 -8.40 37.17
N THR A 258 -4.00 -8.15 38.48
CA THR A 258 -4.84 -7.12 39.11
C THR A 258 -4.40 -5.72 38.66
N LYS A 259 -3.09 -5.56 38.41
CA LYS A 259 -2.47 -4.28 38.08
C LYS A 259 -2.67 -3.89 36.61
N LEU A 260 -2.99 -4.85 35.73
CA LEU A 260 -3.14 -4.57 34.31
C LEU A 260 -4.28 -3.59 34.06
N LYS A 261 -4.07 -2.70 33.09
CA LYS A 261 -5.11 -1.76 32.67
C LYS A 261 -6.03 -2.45 31.67
N PRO A 262 -7.36 -2.24 31.73
CA PRO A 262 -8.26 -2.79 30.70
C PRO A 262 -7.95 -2.26 29.30
N VAL A 263 -8.15 -3.14 28.30
CA VAL A 263 -7.94 -2.84 26.89
C VAL A 263 -8.73 -1.59 26.47
N ASN A 264 -9.98 -1.50 26.93
CA ASN A 264 -10.97 -0.56 26.40
C ASN A 264 -11.22 0.64 27.31
N GLY A 265 -10.34 0.84 28.30
CA GLY A 265 -10.45 2.03 29.11
C GLY A 265 -10.70 1.70 30.57
N PRO A 266 -10.54 2.70 31.47
CA PRO A 266 -10.39 2.44 32.90
C PRO A 266 -11.61 1.81 33.62
N ASP A 267 -12.80 1.97 33.01
CA ASP A 267 -14.07 1.50 33.54
C ASP A 267 -14.42 0.06 33.14
N LYS A 268 -13.55 -0.58 32.35
CA LYS A 268 -13.85 -1.89 31.76
C LYS A 268 -13.15 -3.01 32.55
N THR A 269 -13.20 -4.25 32.06
CA THR A 269 -12.72 -5.40 32.83
C THR A 269 -11.78 -6.31 32.03
N VAL A 270 -11.90 -6.32 30.69
CA VAL A 270 -11.06 -7.18 29.87
C VAL A 270 -9.65 -6.60 29.72
N THR A 271 -8.65 -7.42 30.06
CA THR A 271 -7.25 -7.02 29.95
C THR A 271 -6.50 -7.99 29.04
N ALA A 272 -5.24 -7.65 28.74
CA ALA A 272 -4.38 -8.55 27.98
C ALA A 272 -4.12 -9.84 28.77
N GLY A 273 -4.25 -9.76 30.10
CA GLY A 273 -3.96 -10.91 30.94
C GLY A 273 -5.12 -11.89 31.09
N ASN A 274 -6.36 -11.44 30.83
CA ASN A 274 -7.52 -12.32 31.00
C ASN A 274 -8.16 -12.62 29.64
N ALA A 275 -7.38 -12.43 28.56
CA ALA A 275 -7.80 -12.72 27.20
C ALA A 275 -6.76 -13.61 26.54
N SER A 276 -7.21 -14.32 25.50
CA SER A 276 -6.33 -15.02 24.59
CA SER A 276 -6.27 -15.02 24.65
C SER A 276 -5.47 -14.02 23.82
N GLY A 277 -4.48 -14.55 23.09
CA GLY A 277 -3.61 -13.70 22.29
C GLY A 277 -3.87 -13.90 20.80
N VAL A 278 -2.88 -13.39 20.06
N VAL A 278 -3.04 -13.24 19.97
CA VAL A 278 -2.79 -13.46 18.61
CA VAL A 278 -3.01 -13.57 18.56
C VAL A 278 -1.59 -14.34 18.30
C VAL A 278 -1.71 -14.37 18.35
N ASN A 279 -1.78 -15.42 17.53
CA ASN A 279 -0.79 -16.50 17.52
C ASN A 279 -0.73 -17.25 16.20
N ASP A 280 0.31 -18.12 16.07
CA ASP A 280 0.58 -18.91 14.88
C ASP A 280 0.58 -20.41 15.21
N GLY A 281 0.01 -21.25 14.33
CA GLY A 281 0.08 -22.70 14.55
C GLY A 281 -0.79 -23.48 13.55
N ALA A 282 -0.63 -24.82 13.53
CA ALA A 282 -1.43 -25.69 12.65
C ALA A 282 -1.62 -27.05 13.35
N ALA A 283 -2.70 -27.73 12.96
CA ALA A 283 -3.03 -29.04 13.54
C ALA A 283 -3.76 -29.87 12.49
N ALA A 284 -3.68 -31.21 12.60
CA ALA A 284 -4.40 -32.08 11.68
C ALA A 284 -4.64 -33.46 12.32
N MET A 285 -5.70 -34.13 11.84
CA MET A 285 -6.04 -35.45 12.32
C MET A 285 -6.69 -36.26 11.21
N ILE A 286 -6.70 -37.58 11.38
CA ILE A 286 -7.29 -38.51 10.42
C ILE A 286 -8.67 -38.89 10.93
N LEU A 287 -9.67 -38.87 10.04
CA LEU A 287 -10.98 -39.46 10.31
C LEU A 287 -11.22 -40.59 9.30
N ALA A 288 -11.94 -41.63 9.75
CA ALA A 288 -12.10 -42.80 8.90
C ALA A 288 -13.37 -43.56 9.26
N SER A 289 -13.98 -44.20 8.26
CA SER A 289 -15.02 -45.19 8.47
C SER A 289 -14.40 -46.44 9.08
N ALA A 290 -15.24 -47.35 9.60
CA ALA A 290 -14.74 -48.61 10.13
C ALA A 290 -13.95 -49.40 9.08
N ALA A 291 -14.44 -49.41 7.84
CA ALA A 291 -13.80 -50.16 6.77
C ALA A 291 -12.42 -49.55 6.47
N ALA A 292 -12.30 -48.22 6.47
CA ALA A 292 -11.02 -47.55 6.25
C ALA A 292 -10.05 -47.79 7.42
N VAL A 293 -10.55 -47.82 8.65
CA VAL A 293 -9.70 -48.11 9.80
C VAL A 293 -9.02 -49.45 9.59
N LYS A 294 -9.81 -50.45 9.19
CA LYS A 294 -9.31 -51.80 8.96
C LYS A 294 -8.28 -51.82 7.83
N LYS A 295 -8.63 -51.20 6.69
CA LYS A 295 -7.86 -51.26 5.46
C LYS A 295 -6.48 -50.64 5.66
N HIS A 296 -6.42 -49.52 6.39
CA HIS A 296 -5.25 -48.67 6.48
C HIS A 296 -4.47 -48.91 7.78
N GLY A 297 -4.90 -49.89 8.58
CA GLY A 297 -4.22 -50.24 9.83
C GLY A 297 -4.20 -49.11 10.85
N LEU A 298 -5.24 -48.26 10.84
CA LEU A 298 -5.35 -47.14 11.77
C LEU A 298 -5.80 -47.62 13.15
N THR A 299 -5.55 -46.79 14.18
CA THR A 299 -6.06 -47.04 15.52
C THR A 299 -7.27 -46.13 15.73
N PRO A 300 -8.50 -46.69 15.84
CA PRO A 300 -9.66 -45.83 16.08
C PRO A 300 -9.56 -45.37 17.53
N ARG A 301 -9.66 -44.05 17.75
CA ARG A 301 -9.42 -43.52 19.09
C ARG A 301 -10.72 -42.99 19.70
N ALA A 302 -11.60 -42.42 18.86
CA ALA A 302 -12.90 -41.93 19.33
C ALA A 302 -13.90 -42.02 18.18
N ARG A 303 -15.18 -42.16 18.52
CA ARG A 303 -16.24 -41.99 17.54
C ARG A 303 -16.70 -40.54 17.62
N VAL A 304 -16.97 -39.90 16.47
CA VAL A 304 -17.59 -38.58 16.45
C VAL A 304 -19.09 -38.74 16.61
N LEU A 305 -19.67 -38.00 17.56
CA LEU A 305 -21.10 -38.17 17.81
C LEU A 305 -21.92 -37.15 17.00
N GLY A 306 -21.43 -35.92 16.91
CA GLY A 306 -22.14 -34.89 16.18
C GLY A 306 -21.55 -33.49 16.40
N MET A 307 -22.03 -32.54 15.58
CA MET A 307 -21.63 -31.13 15.65
C MET A 307 -22.90 -30.28 15.51
N ALA A 308 -22.92 -29.15 16.22
CA ALA A 308 -23.99 -28.19 16.02
C ALA A 308 -23.42 -26.77 16.10
N SER A 309 -24.09 -25.87 15.37
CA SER A 309 -23.74 -24.45 15.34
C SER A 309 -24.90 -23.63 15.90
N GLY A 310 -24.58 -22.42 16.39
CA GLY A 310 -25.59 -21.52 16.91
C GLY A 310 -25.21 -20.06 16.64
N GLY A 311 -26.21 -19.18 16.62
CA GLY A 311 -25.97 -17.76 16.39
C GLY A 311 -26.49 -16.94 17.58
N VAL A 312 -25.79 -15.83 17.84
CA VAL A 312 -26.17 -14.88 18.88
C VAL A 312 -25.94 -13.47 18.34
N ALA A 313 -26.28 -12.47 19.14
CA ALA A 313 -25.99 -11.09 18.73
C ALA A 313 -24.48 -10.90 18.59
N PRO A 314 -24.00 -10.28 17.49
CA PRO A 314 -22.56 -9.99 17.35
C PRO A 314 -21.93 -9.32 18.56
N ARG A 315 -22.67 -8.38 19.18
CA ARG A 315 -22.10 -7.56 20.25
C ARG A 315 -21.78 -8.38 21.50
N VAL A 316 -22.34 -9.61 21.61
CA VAL A 316 -22.03 -10.49 22.72
C VAL A 316 -21.63 -11.88 22.21
N MET A 317 -20.75 -11.85 21.19
CA MET A 317 -20.42 -13.08 20.47
C MET A 317 -19.90 -14.19 21.38
N GLY A 318 -19.25 -13.81 22.49
CA GLY A 318 -18.65 -14.78 23.39
C GLY A 318 -19.64 -15.78 24.01
N ILE A 319 -20.95 -15.45 24.01
CA ILE A 319 -21.97 -16.34 24.54
C ILE A 319 -22.44 -17.36 23.48
N GLY A 320 -21.92 -17.27 22.24
CA GLY A 320 -22.23 -18.16 21.13
C GLY A 320 -22.25 -19.65 21.47
N PRO A 321 -21.31 -20.20 22.29
CA PRO A 321 -21.36 -21.62 22.64
C PRO A 321 -22.65 -22.10 23.28
N VAL A 322 -23.38 -21.22 23.99
CA VAL A 322 -24.57 -21.67 24.71
C VAL A 322 -25.59 -22.29 23.76
N PRO A 323 -26.11 -21.58 22.72
CA PRO A 323 -27.06 -22.23 21.80
C PRO A 323 -26.51 -23.44 21.04
N ALA A 324 -25.20 -23.44 20.72
CA ALA A 324 -24.62 -24.56 20.00
C ALA A 324 -24.61 -25.81 20.87
N VAL A 325 -24.20 -25.66 22.13
CA VAL A 325 -24.13 -26.80 23.05
C VAL A 325 -25.53 -27.33 23.33
N ARG A 326 -26.48 -26.41 23.54
CA ARG A 326 -27.85 -26.82 23.84
C ARG A 326 -28.43 -27.57 22.64
N LYS A 327 -28.19 -27.07 21.42
CA LYS A 327 -28.67 -27.72 20.20
C LYS A 327 -28.12 -29.14 20.08
N LEU A 328 -26.81 -29.30 20.26
CA LEU A 328 -26.15 -30.58 20.10
C LEU A 328 -26.60 -31.58 21.16
N THR A 329 -26.57 -31.16 22.43
CA THR A 329 -26.87 -32.07 23.53
C THR A 329 -28.34 -32.51 23.49
N GLU A 330 -29.25 -31.58 23.13
CA GLU A 330 -30.66 -31.91 23.01
C GLU A 330 -30.88 -32.97 21.93
N ARG A 331 -30.22 -32.82 20.78
CA ARG A 331 -30.39 -33.77 19.69
C ARG A 331 -29.79 -35.13 20.06
N LEU A 332 -28.61 -35.14 20.68
CA LEU A 332 -27.93 -36.40 21.00
C LEU A 332 -28.55 -37.07 22.23
N GLY A 333 -29.25 -36.30 23.08
CA GLY A 333 -29.80 -36.85 24.32
C GLY A 333 -28.74 -37.05 25.40
N ILE A 334 -27.75 -36.16 25.44
CA ILE A 334 -26.66 -36.15 26.42
C ILE A 334 -26.79 -34.88 27.26
N ALA A 335 -26.68 -34.99 28.59
CA ALA A 335 -26.65 -33.80 29.44
C ALA A 335 -25.23 -33.23 29.43
N VAL A 336 -25.11 -31.91 29.62
CA VAL A 336 -23.79 -31.28 29.69
C VAL A 336 -22.97 -31.96 30.80
N SER A 337 -23.64 -32.33 31.89
CA SER A 337 -23.00 -32.95 33.05
C SER A 337 -22.47 -34.37 32.75
N ASP A 338 -22.84 -34.97 31.60
CA ASP A 338 -22.45 -36.32 31.24
C ASP A 338 -21.03 -36.35 30.65
N PHE A 339 -20.51 -35.19 30.22
CA PHE A 339 -19.20 -35.15 29.59
C PHE A 339 -18.08 -35.27 30.64
N ASP A 340 -17.06 -36.09 30.32
CA ASP A 340 -15.91 -36.32 31.18
C ASP A 340 -14.82 -35.27 30.93
N VAL A 341 -14.85 -34.62 29.76
CA VAL A 341 -14.02 -33.45 29.50
C VAL A 341 -14.87 -32.44 28.73
N ILE A 342 -14.67 -31.16 29.08
CA ILE A 342 -15.19 -30.05 28.29
C ILE A 342 -14.01 -29.15 27.94
N GLU A 343 -13.70 -29.06 26.63
CA GLU A 343 -12.72 -28.11 26.13
C GLU A 343 -13.48 -26.91 25.59
N LEU A 344 -13.48 -25.83 26.39
CA LEU A 344 -14.17 -24.58 26.09
C LEU A 344 -13.10 -23.55 25.72
N ASN A 345 -13.20 -23.03 24.48
CA ASN A 345 -12.21 -22.05 24.05
C ASN A 345 -12.21 -20.85 25.02
N GLU A 346 -11.03 -20.39 25.38
CA GLU A 346 -10.84 -19.25 26.26
C GLU A 346 -10.49 -18.00 25.45
N ALA A 347 -11.39 -17.55 24.57
CA ALA A 347 -11.13 -16.29 23.88
C ALA A 347 -10.93 -15.17 24.91
N PHE A 348 -11.85 -15.12 25.88
CA PHE A 348 -11.81 -14.17 27.00
C PHE A 348 -12.33 -14.87 28.24
N ALA A 349 -11.69 -14.61 29.40
CA ALA A 349 -12.22 -15.17 30.63
C ALA A 349 -13.69 -14.77 30.84
N SER A 350 -14.07 -13.54 30.46
CA SER A 350 -15.45 -13.10 30.70
C SER A 350 -16.44 -14.05 30.02
N GLN A 351 -16.14 -14.43 28.77
CA GLN A 351 -17.09 -15.26 28.05
C GLN A 351 -16.96 -16.73 28.42
N GLY A 352 -15.75 -17.20 28.74
CA GLY A 352 -15.61 -18.54 29.27
C GLY A 352 -16.50 -18.73 30.50
N LEU A 353 -16.40 -17.79 31.45
CA LEU A 353 -17.17 -17.87 32.68
C LEU A 353 -18.68 -17.73 32.38
N ALA A 354 -19.06 -16.81 31.48
CA ALA A 354 -20.47 -16.58 31.20
C ALA A 354 -21.10 -17.84 30.60
N VAL A 355 -20.37 -18.51 29.70
CA VAL A 355 -20.84 -19.74 29.08
C VAL A 355 -21.06 -20.84 30.14
N LEU A 356 -20.06 -21.06 31.00
CA LEU A 356 -20.17 -22.09 32.03
C LEU A 356 -21.38 -21.85 32.92
N ARG A 357 -21.57 -20.58 33.31
CA ARG A 357 -22.66 -20.22 34.23
C ARG A 357 -24.01 -20.50 33.57
N GLU A 358 -24.14 -20.17 32.27
CA GLU A 358 -25.40 -20.38 31.57
C GLU A 358 -25.68 -21.88 31.42
N LEU A 359 -24.62 -22.69 31.30
CA LEU A 359 -24.77 -24.12 31.11
C LEU A 359 -24.84 -24.87 32.45
N GLY A 360 -24.78 -24.12 33.57
CA GLY A 360 -24.91 -24.71 34.90
C GLY A 360 -23.66 -25.46 35.36
N VAL A 361 -22.49 -25.09 34.83
CA VAL A 361 -21.21 -25.70 35.20
C VAL A 361 -20.39 -24.71 36.04
N ALA A 362 -19.80 -25.19 37.14
CA ALA A 362 -19.03 -24.35 38.04
C ALA A 362 -17.85 -23.70 37.30
N ASP A 363 -17.46 -22.50 37.77
CA ASP A 363 -16.40 -21.70 37.18
C ASP A 363 -15.07 -22.47 37.16
N ASP A 364 -14.90 -23.40 38.13
CA ASP A 364 -13.66 -24.13 38.32
C ASP A 364 -13.88 -25.64 38.23
N ALA A 365 -14.96 -26.06 37.53
CA ALA A 365 -15.32 -27.46 37.45
C ALA A 365 -14.13 -28.29 36.96
N PRO A 366 -13.84 -29.45 37.58
CA PRO A 366 -12.59 -30.16 37.27
C PRO A 366 -12.49 -30.71 35.85
N GLN A 367 -13.63 -30.93 35.18
CA GLN A 367 -13.61 -31.49 33.83
C GLN A 367 -13.42 -30.40 32.76
N VAL A 368 -13.48 -29.13 33.17
CA VAL A 368 -13.33 -28.02 32.22
C VAL A 368 -11.86 -27.64 32.04
N ASN A 369 -11.36 -27.67 30.78
CA ASN A 369 -10.02 -27.21 30.45
C ASN A 369 -8.99 -27.68 31.49
N PRO A 370 -8.90 -29.00 31.77
CA PRO A 370 -8.02 -29.49 32.83
C PRO A 370 -6.53 -29.26 32.60
N ASN A 371 -6.16 -28.98 31.33
CA ASN A 371 -4.77 -28.69 30.97
C ASN A 371 -4.60 -27.21 30.59
N GLY A 372 -5.54 -26.37 31.02
CA GLY A 372 -5.52 -24.97 30.65
C GLY A 372 -6.09 -24.74 29.25
N GLY A 373 -6.04 -23.48 28.79
CA GLY A 373 -6.62 -23.11 27.51
C GLY A 373 -5.91 -21.93 26.88
N ALA A 374 -6.62 -21.25 25.96
CA ALA A 374 -6.04 -20.23 25.10
C ALA A 374 -5.49 -19.01 25.84
N ILE A 375 -5.95 -18.72 27.07
CA ILE A 375 -5.31 -17.61 27.77
C ILE A 375 -3.82 -17.92 27.95
N ALA A 376 -3.51 -19.17 28.32
CA ALA A 376 -2.13 -19.61 28.47
C ALA A 376 -1.49 -19.98 27.12
N LEU A 377 -2.22 -20.72 26.28
CA LEU A 377 -1.66 -21.41 25.12
C LEU A 377 -1.69 -20.54 23.86
N GLY A 378 -2.59 -19.55 23.78
CA GLY A 378 -2.80 -18.76 22.57
C GLY A 378 -3.82 -19.42 21.64
N ALA A 379 -4.15 -18.74 20.55
CA ALA A 379 -5.27 -19.16 19.71
C ALA A 379 -5.08 -18.67 18.27
N PRO A 380 -4.28 -19.39 17.46
CA PRO A 380 -4.25 -19.12 16.02
C PRO A 380 -5.62 -19.52 15.48
N LEU A 381 -6.39 -18.57 14.93
CA LEU A 381 -7.82 -18.80 14.73
C LEU A 381 -8.15 -20.14 14.06
N GLY A 382 -7.64 -20.36 12.83
CA GLY A 382 -8.05 -21.56 12.09
C GLY A 382 -7.61 -22.87 12.74
N MET A 383 -6.53 -22.82 13.53
N MET A 383 -6.49 -22.84 13.49
CA MET A 383 -5.95 -24.02 14.13
CA MET A 383 -5.97 -24.01 14.21
C MET A 383 -6.63 -24.39 15.45
C MET A 383 -6.90 -24.38 15.38
N SER A 384 -7.30 -23.42 16.10
N SER A 384 -7.29 -23.36 16.17
CA SER A 384 -7.68 -23.58 17.51
CA SER A 384 -7.71 -23.56 17.55
C SER A 384 -8.76 -24.64 17.71
C SER A 384 -8.74 -24.68 17.68
N GLY A 385 -9.76 -24.66 16.82
CA GLY A 385 -10.86 -25.61 16.95
C GLY A 385 -10.41 -27.06 16.71
N ALA A 386 -9.43 -27.25 15.80
CA ALA A 386 -8.85 -28.57 15.61
C ALA A 386 -8.07 -28.99 16.86
N ARG A 387 -7.34 -28.04 17.47
CA ARG A 387 -6.63 -28.32 18.72
C ARG A 387 -7.62 -28.75 19.82
N LEU A 388 -8.76 -28.07 19.91
CA LEU A 388 -9.67 -28.39 21.02
C LEU A 388 -10.15 -29.84 20.90
N VAL A 389 -10.43 -30.29 19.66
CA VAL A 389 -10.94 -31.65 19.44
C VAL A 389 -9.84 -32.65 19.79
N LEU A 390 -8.62 -32.42 19.27
CA LEU A 390 -7.57 -33.42 19.48
C LEU A 390 -7.14 -33.46 20.94
N THR A 391 -7.17 -32.31 21.64
CA THR A 391 -6.74 -32.29 23.04
C THR A 391 -7.83 -32.88 23.96
N ALA A 392 -9.11 -32.68 23.60
CA ALA A 392 -10.19 -33.32 24.36
C ALA A 392 -10.02 -34.84 24.29
N LEU A 393 -9.72 -35.37 23.08
CA LEU A 393 -9.53 -36.81 22.92
C LEU A 393 -8.32 -37.29 23.72
N HIS A 394 -7.21 -36.56 23.62
CA HIS A 394 -6.01 -36.84 24.41
C HIS A 394 -6.35 -36.94 25.90
N GLN A 395 -7.09 -35.95 26.43
CA GLN A 395 -7.44 -35.91 27.84
C GLN A 395 -8.32 -37.11 28.22
N LEU A 396 -9.28 -37.50 27.35
CA LEU A 396 -10.11 -38.67 27.64
C LEU A 396 -9.24 -39.94 27.77
N GLU A 397 -8.22 -40.07 26.91
CA GLU A 397 -7.31 -41.20 26.99
C GLU A 397 -6.53 -41.21 28.30
N LYS A 398 -5.97 -40.06 28.67
CA LYS A 398 -5.22 -39.93 29.92
C LYS A 398 -6.08 -40.27 31.14
N SER A 399 -7.33 -39.81 31.15
CA SER A 399 -8.17 -39.84 32.34
C SER A 399 -9.01 -41.12 32.40
N GLY A 400 -9.15 -41.81 31.24
CA GLY A 400 -10.04 -42.95 31.09
C GLY A 400 -11.50 -42.53 30.95
N GLY A 401 -11.75 -41.24 30.67
CA GLY A 401 -13.10 -40.76 30.45
C GLY A 401 -13.71 -41.27 29.14
N ARG A 402 -15.02 -41.09 28.99
CA ARG A 402 -15.76 -41.60 27.85
C ARG A 402 -16.12 -40.47 26.88
N LYS A 403 -17.01 -39.56 27.29
CA LYS A 403 -17.55 -38.56 26.38
C LYS A 403 -16.83 -37.23 26.55
N GLY A 404 -16.58 -36.55 25.41
CA GLY A 404 -15.93 -35.26 25.42
C GLY A 404 -16.71 -34.24 24.59
N LEU A 405 -16.69 -32.99 25.07
CA LEU A 405 -17.32 -31.88 24.36
C LEU A 405 -16.27 -30.81 24.12
N ALA A 406 -16.17 -30.34 22.87
CA ALA A 406 -15.34 -29.20 22.50
C ALA A 406 -16.27 -28.12 21.98
N THR A 407 -16.09 -26.88 22.44
CA THR A 407 -16.99 -25.81 22.01
C THR A 407 -16.29 -24.45 22.03
N MET A 408 -16.72 -23.57 21.13
N MET A 408 -16.69 -23.56 21.12
CA MET A 408 -16.04 -22.29 21.01
CA MET A 408 -16.01 -22.27 21.09
C MET A 408 -16.98 -21.20 20.52
C MET A 408 -16.88 -21.20 20.44
N CYS A 409 -16.63 -19.96 20.88
CA CYS A 409 -17.27 -18.78 20.32
C CYS A 409 -16.63 -18.35 19.01
N VAL A 410 -17.37 -17.49 18.28
CA VAL A 410 -17.04 -17.08 16.92
C VAL A 410 -17.37 -15.59 16.77
N GLY A 411 -16.42 -14.82 16.24
CA GLY A 411 -16.66 -13.42 15.93
C GLY A 411 -17.92 -13.22 15.08
N VAL A 412 -18.59 -12.08 15.26
CA VAL A 412 -19.82 -11.75 14.58
C VAL A 412 -20.98 -12.65 15.03
N GLY A 413 -20.79 -13.34 16.18
CA GLY A 413 -21.93 -13.88 16.92
C GLY A 413 -22.28 -15.32 16.55
N GLN A 414 -21.34 -16.26 16.76
CA GLN A 414 -21.71 -17.66 16.62
C GLN A 414 -21.07 -18.51 17.71
N GLY A 415 -21.54 -19.76 17.77
CA GLY A 415 -20.88 -20.80 18.54
C GLY A 415 -20.85 -22.11 17.75
N LEU A 416 -19.88 -22.97 18.08
CA LEU A 416 -19.82 -24.31 17.47
C LEU A 416 -19.51 -25.32 18.58
N ALA A 417 -20.12 -26.51 18.51
CA ALA A 417 -19.90 -27.56 19.50
C ALA A 417 -19.76 -28.91 18.79
N LEU A 418 -18.88 -29.77 19.29
CA LEU A 418 -18.63 -31.07 18.69
C LEU A 418 -18.43 -32.07 19.83
N ALA A 419 -19.11 -33.22 19.74
CA ALA A 419 -19.07 -34.23 20.79
C ALA A 419 -18.38 -35.49 20.25
N ILE A 420 -17.58 -36.13 21.09
CA ILE A 420 -16.87 -37.35 20.75
C ILE A 420 -17.04 -38.39 21.87
N GLU A 421 -16.77 -39.67 21.55
CA GLU A 421 -16.77 -40.71 22.57
C GLU A 421 -15.56 -41.61 22.38
N ARG A 422 -14.73 -41.75 23.43
CA ARG A 422 -13.54 -42.59 23.35
C ARG A 422 -13.96 -44.04 23.08
N VAL A 423 -13.24 -44.71 22.15
CA VAL A 423 -13.43 -46.11 21.80
C VAL A 423 -12.54 -46.91 22.75
N SER B 23 31.27 45.18 -9.03
CA SER B 23 29.86 45.59 -9.23
C SER B 23 28.98 44.36 -9.51
N MET B 24 27.76 44.40 -8.99
CA MET B 24 26.75 43.42 -9.37
C MET B 24 26.27 43.64 -10.79
N HIS B 25 25.72 42.58 -11.38
CA HIS B 25 25.31 42.57 -12.78
C HIS B 25 23.79 42.69 -12.91
N ASP B 26 23.34 43.51 -13.86
CA ASP B 26 21.92 43.57 -14.18
C ASP B 26 21.44 42.22 -14.74
N VAL B 27 20.18 41.86 -14.44
CA VAL B 27 19.57 40.61 -14.85
C VAL B 27 18.25 40.88 -15.56
N PHE B 28 18.05 40.30 -16.75
CA PHE B 28 16.86 40.55 -17.55
C PHE B 28 16.06 39.27 -17.73
N ILE B 29 14.75 39.38 -17.49
CA ILE B 29 13.81 38.35 -17.94
C ILE B 29 13.56 38.59 -19.42
N CYS B 30 13.65 37.47 -20.19
CA CYS B 30 13.46 37.48 -21.63
C CYS B 30 12.17 36.71 -21.91
N ASP B 31 12.17 35.73 -22.83
CA ASP B 31 10.94 35.03 -23.15
C ASP B 31 10.42 34.25 -21.95
N ALA B 32 9.10 34.06 -21.93
CA ALA B 32 8.40 33.28 -20.90
C ALA B 32 7.18 32.63 -21.53
N ILE B 33 6.84 31.42 -21.05
CA ILE B 33 5.74 30.65 -21.63
C ILE B 33 5.21 29.69 -20.56
N ARG B 34 3.95 29.25 -20.69
CA ARG B 34 3.37 28.30 -19.75
C ARG B 34 2.43 27.34 -20.49
N THR B 35 2.15 26.20 -19.85
CA THR B 35 1.04 25.37 -20.27
C THR B 35 -0.27 26.03 -19.84
N PRO B 36 -1.43 25.55 -20.35
CA PRO B 36 -2.70 25.86 -19.69
C PRO B 36 -2.66 25.23 -18.29
N ILE B 37 -3.55 25.72 -17.42
CA ILE B 37 -3.76 25.11 -16.11
C ILE B 37 -4.97 24.18 -16.19
N GLY B 38 -4.74 22.90 -15.85
CA GLY B 38 -5.80 21.90 -15.87
C GLY B 38 -6.46 21.72 -14.50
N ARG B 39 -7.72 21.27 -14.50
CA ARG B 39 -8.41 20.94 -13.24
C ARG B 39 -7.92 19.57 -12.74
N PHE B 40 -8.04 19.33 -11.43
CA PHE B 40 -7.71 18.02 -10.86
C PHE B 40 -8.50 16.95 -11.61
N GLY B 41 -7.80 15.91 -12.10
CA GLY B 41 -8.46 14.83 -12.79
C GLY B 41 -8.96 15.22 -14.18
N GLY B 42 -8.58 16.41 -14.65
CA GLY B 42 -9.08 16.94 -15.91
C GLY B 42 -8.09 16.85 -17.06
N ALA B 43 -7.96 17.95 -17.82
CA ALA B 43 -7.40 17.92 -19.17
C ALA B 43 -5.94 17.46 -19.20
N LEU B 44 -5.18 17.71 -18.13
CA LEU B 44 -3.75 17.37 -18.11
C LEU B 44 -3.46 16.22 -17.16
N ALA B 45 -4.51 15.56 -16.61
CA ALA B 45 -4.30 14.57 -15.57
C ALA B 45 -3.46 13.37 -16.05
N SER B 46 -3.44 13.08 -17.37
CA SER B 46 -2.69 11.95 -17.92
C SER B 46 -1.20 12.26 -18.15
N VAL B 47 -0.79 13.52 -17.94
CA VAL B 47 0.54 13.96 -18.33
C VAL B 47 1.47 13.92 -17.11
N ARG B 48 2.50 13.06 -17.17
CA ARG B 48 3.47 12.95 -16.08
C ARG B 48 4.06 14.33 -15.75
N ALA B 49 4.34 14.61 -14.46
CA ALA B 49 4.90 15.90 -14.09
C ALA B 49 6.22 16.22 -14.80
N ASP B 50 7.08 15.20 -15.00
CA ASP B 50 8.35 15.45 -15.67
C ASP B 50 8.12 15.83 -17.15
N ASP B 51 7.25 15.07 -17.83
CA ASP B 51 6.86 15.42 -19.19
C ASP B 51 6.19 16.80 -19.25
N LEU B 52 5.34 17.11 -18.26
CA LEU B 52 4.66 18.40 -18.26
C LEU B 52 5.67 19.56 -18.13
N ALA B 53 6.66 19.39 -17.24
CA ALA B 53 7.69 20.41 -17.06
C ALA B 53 8.48 20.62 -18.35
N ALA B 54 8.69 19.54 -19.11
CA ALA B 54 9.43 19.62 -20.36
C ALA B 54 8.68 20.45 -21.41
N VAL B 55 7.34 20.56 -21.32
CA VAL B 55 6.59 21.26 -22.37
C VAL B 55 7.05 22.70 -22.55
N PRO B 56 7.07 23.56 -21.52
CA PRO B 56 7.50 24.93 -21.71
C PRO B 56 8.98 25.02 -22.08
N LEU B 57 9.81 24.06 -21.65
CA LEU B 57 11.23 24.09 -22.00
C LEU B 57 11.41 23.86 -23.51
N LYS B 58 10.66 22.90 -24.07
CA LYS B 58 10.70 22.65 -25.51
C LYS B 58 10.18 23.88 -26.27
N ALA B 59 9.17 24.58 -25.70
CA ALA B 59 8.65 25.78 -26.35
C ALA B 59 9.66 26.92 -26.35
N LEU B 60 10.45 27.07 -25.25
CA LEU B 60 11.49 28.09 -25.25
C LEU B 60 12.53 27.83 -26.35
N ILE B 61 12.85 26.56 -26.61
CA ILE B 61 13.74 26.24 -27.72
C ILE B 61 13.14 26.74 -29.04
N GLU B 62 11.87 26.40 -29.29
CA GLU B 62 11.20 26.73 -30.56
C GLU B 62 11.13 28.25 -30.75
N ARG B 63 10.91 29.00 -29.64
CA ARG B 63 10.60 30.42 -29.69
C ARG B 63 11.85 31.31 -29.72
N ASN B 64 13.03 30.73 -29.45
CA ASN B 64 14.24 31.51 -29.26
C ASN B 64 15.36 30.95 -30.13
N PRO B 65 15.28 31.15 -31.46
CA PRO B 65 16.18 30.50 -32.42
C PRO B 65 17.65 30.94 -32.42
N GLY B 66 17.98 32.05 -31.75
CA GLY B 66 19.34 32.55 -31.71
C GLY B 66 20.19 31.98 -30.58
N VAL B 67 19.57 31.23 -29.66
CA VAL B 67 20.24 30.73 -28.48
C VAL B 67 21.17 29.58 -28.87
N GLN B 68 22.40 29.60 -28.32
CA GLN B 68 23.25 28.42 -28.35
C GLN B 68 22.99 27.65 -27.06
N TRP B 69 22.17 26.60 -27.15
CA TRP B 69 21.58 25.98 -25.96
C TRP B 69 22.61 25.37 -25.01
N ASP B 70 23.77 24.92 -25.52
CA ASP B 70 24.77 24.36 -24.61
C ASP B 70 25.44 25.43 -23.74
N GLN B 71 25.03 26.70 -23.89
N GLN B 71 25.03 26.70 -23.88
CA GLN B 71 25.51 27.77 -23.03
CA GLN B 71 25.53 27.72 -22.98
C GLN B 71 24.61 27.98 -21.79
C GLN B 71 24.48 28.15 -21.94
N VAL B 72 23.45 27.33 -21.71
CA VAL B 72 22.57 27.56 -20.54
C VAL B 72 23.32 27.06 -19.31
N ASP B 73 23.45 27.93 -18.29
CA ASP B 73 24.26 27.61 -17.12
C ASP B 73 23.50 26.73 -16.13
N GLU B 74 22.17 26.83 -16.10
CA GLU B 74 21.39 26.11 -15.08
C GLU B 74 19.91 26.21 -15.43
N VAL B 75 19.17 25.15 -15.10
CA VAL B 75 17.71 25.20 -15.06
C VAL B 75 17.29 25.06 -13.60
N PHE B 76 16.60 26.12 -13.11
CA PHE B 76 16.05 26.14 -11.73
C PHE B 76 14.55 25.93 -11.83
N PHE B 77 14.01 24.88 -11.18
CA PHE B 77 12.56 24.66 -11.25
C PHE B 77 11.99 24.50 -9.84
N GLY B 78 10.81 25.13 -9.65
CA GLY B 78 10.05 24.93 -8.42
C GLY B 78 9.12 23.72 -8.50
N CYS B 79 8.97 23.00 -7.37
CA CYS B 79 8.07 21.85 -7.31
C CYS B 79 7.84 21.56 -5.82
N ALA B 80 6.56 21.52 -5.39
CA ALA B 80 6.23 21.39 -3.97
C ALA B 80 6.18 19.94 -3.51
N ASN B 81 6.00 18.97 -4.43
CA ASN B 81 5.73 17.59 -4.02
C ASN B 81 7.03 16.77 -4.05
N GLN B 82 7.44 16.34 -5.26
CA GLN B 82 8.70 15.63 -5.51
C GLN B 82 8.66 14.18 -5.02
N ALA B 83 7.46 13.62 -4.76
CA ALA B 83 7.34 12.21 -4.38
C ALA B 83 6.93 11.34 -5.58
N GLY B 84 6.35 11.97 -6.61
CA GLY B 84 5.75 11.24 -7.74
C GLY B 84 6.70 11.17 -8.93
N GLU B 85 6.15 11.40 -10.13
CA GLU B 85 6.95 11.39 -11.35
C GLU B 85 7.85 12.62 -11.42
N ASP B 86 7.67 13.54 -10.45
CA ASP B 86 8.52 14.70 -10.23
C ASP B 86 9.66 14.42 -9.24
N ASN B 87 9.92 13.14 -8.92
CA ASN B 87 10.96 12.78 -7.96
C ASN B 87 12.37 12.92 -8.55
N ARG B 88 13.35 13.08 -7.64
CA ARG B 88 14.76 12.96 -7.96
C ARG B 88 15.22 14.11 -8.88
N ASN B 89 14.80 15.35 -8.55
CA ASN B 89 15.27 16.58 -9.17
C ASN B 89 14.62 16.76 -10.55
N VAL B 90 13.33 17.14 -10.54
CA VAL B 90 12.53 17.27 -11.74
C VAL B 90 13.15 18.29 -12.71
N ALA B 91 13.84 19.32 -12.23
CA ALA B 91 14.47 20.27 -13.15
C ALA B 91 15.37 19.54 -14.18
N ARG B 92 16.22 18.66 -13.65
CA ARG B 92 17.15 17.93 -14.50
C ARG B 92 16.41 16.90 -15.35
N MET B 93 15.43 16.20 -14.80
CA MET B 93 14.64 15.27 -15.58
C MET B 93 14.01 15.99 -16.76
N ALA B 94 13.40 17.16 -16.50
CA ALA B 94 12.65 17.91 -17.50
C ALA B 94 13.59 18.44 -18.59
N LEU B 95 14.76 18.97 -18.22
CA LEU B 95 15.61 19.52 -19.28
C LEU B 95 16.05 18.40 -20.24
N LEU B 96 16.33 17.22 -19.70
CA LEU B 96 16.76 16.12 -20.56
C LEU B 96 15.58 15.69 -21.45
N LEU B 97 14.37 15.57 -20.89
CA LEU B 97 13.21 15.17 -21.69
C LEU B 97 12.88 16.22 -22.77
N ALA B 98 13.20 17.50 -22.51
CA ALA B 98 12.92 18.58 -23.46
C ALA B 98 13.88 18.56 -24.65
N GLY B 99 14.96 17.77 -24.55
CA GLY B 99 15.95 17.73 -25.63
C GLY B 99 17.09 18.73 -25.44
N LEU B 100 17.17 19.35 -24.24
CA LEU B 100 18.32 20.21 -23.95
C LEU B 100 19.59 19.38 -23.78
N PRO B 101 20.78 19.92 -24.13
CA PRO B 101 22.03 19.15 -23.99
C PRO B 101 22.27 18.60 -22.57
N GLU B 102 22.86 17.40 -22.47
CA GLU B 102 23.08 16.77 -21.17
C GLU B 102 24.13 17.51 -20.36
N SER B 103 24.85 18.43 -20.99
CA SER B 103 25.82 19.26 -20.27
C SER B 103 25.14 20.31 -19.37
N ILE B 104 23.83 20.53 -19.55
CA ILE B 104 23.18 21.59 -18.76
C ILE B 104 22.73 21.08 -17.39
N PRO B 105 23.18 21.72 -16.27
CA PRO B 105 22.73 21.28 -14.95
C PRO B 105 21.33 21.75 -14.59
N GLY B 106 20.73 21.07 -13.61
CA GLY B 106 19.43 21.54 -13.09
C GLY B 106 19.30 21.27 -11.60
N VAL B 107 18.47 22.11 -10.96
CA VAL B 107 18.20 22.02 -9.51
C VAL B 107 16.74 22.39 -9.23
N THR B 108 16.14 21.70 -8.23
CA THR B 108 14.72 21.87 -7.91
C THR B 108 14.56 22.54 -6.55
N LEU B 109 13.68 23.54 -6.52
CA LEU B 109 13.44 24.31 -5.27
C LEU B 109 12.03 24.01 -4.73
N ASN B 110 11.93 24.05 -3.38
CA ASN B 110 10.65 23.79 -2.71
C ASN B 110 10.41 24.83 -1.61
N ARG B 111 9.53 25.78 -1.94
CA ARG B 111 8.93 26.66 -0.93
C ARG B 111 7.41 26.56 -1.11
N LEU B 112 6.90 25.32 -1.23
CA LEU B 112 5.47 25.06 -1.43
C LEU B 112 4.93 25.95 -2.58
N SER B 113 3.89 26.73 -2.31
N SER B 113 3.87 26.72 -2.30
CA SER B 113 3.24 27.51 -3.36
CA SER B 113 3.23 27.54 -3.32
C SER B 113 4.16 28.57 -3.97
C SER B 113 4.18 28.52 -3.99
N ALA B 114 5.25 28.94 -3.27
CA ALA B 114 6.14 29.98 -3.77
C ALA B 114 7.32 29.41 -4.57
N SER B 115 7.37 28.08 -4.76
CA SER B 115 8.55 27.43 -5.37
C SER B 115 8.99 28.02 -6.71
N GLY B 116 8.03 28.29 -7.59
CA GLY B 116 8.34 28.78 -8.92
C GLY B 116 8.85 30.21 -8.90
N MET B 117 8.35 31.02 -7.94
CA MET B 117 8.87 32.36 -7.77
C MET B 117 10.29 32.31 -7.19
N ASP B 118 10.52 31.38 -6.25
N ASP B 118 10.53 31.40 -6.22
CA ASP B 118 11.86 31.19 -5.70
CA ASP B 118 11.87 31.21 -5.71
C ASP B 118 12.86 30.77 -6.79
C ASP B 118 12.83 30.90 -6.87
N ALA B 119 12.40 30.01 -7.78
CA ALA B 119 13.27 29.64 -8.91
C ALA B 119 13.74 30.90 -9.64
N VAL B 120 12.80 31.83 -9.92
CA VAL B 120 13.12 33.08 -10.59
C VAL B 120 14.13 33.90 -9.78
N GLY B 121 13.82 34.10 -8.48
CA GLY B 121 14.70 34.95 -7.70
C GLY B 121 16.07 34.32 -7.48
N THR B 122 16.11 32.97 -7.38
CA THR B 122 17.37 32.25 -7.22
C THR B 122 18.23 32.37 -8.50
N ALA B 123 17.59 32.24 -9.66
CA ALA B 123 18.26 32.45 -10.95
C ALA B 123 18.81 33.87 -11.02
N PHE B 124 18.01 34.85 -10.56
CA PHE B 124 18.44 36.25 -10.54
C PHE B 124 19.70 36.41 -9.70
N ARG B 125 19.70 35.88 -8.47
CA ARG B 125 20.86 36.04 -7.61
C ARG B 125 22.11 35.39 -8.20
N ALA B 126 21.96 34.26 -8.91
CA ALA B 126 23.10 33.59 -9.55
C ALA B 126 23.73 34.48 -10.62
N ILE B 127 22.91 35.17 -11.44
CA ILE B 127 23.45 36.03 -12.49
C ILE B 127 23.97 37.33 -11.87
N ALA B 128 23.22 37.90 -10.91
CA ALA B 128 23.60 39.18 -10.30
C ALA B 128 24.99 39.08 -9.65
N SER B 129 25.26 37.94 -9.01
CA SER B 129 26.52 37.73 -8.32
C SER B 129 27.66 37.31 -9.26
N GLY B 130 27.40 37.27 -10.58
CA GLY B 130 28.42 36.97 -11.56
C GLY B 130 28.74 35.49 -11.73
N GLU B 131 27.93 34.59 -11.13
CA GLU B 131 28.25 33.16 -11.21
C GLU B 131 27.68 32.48 -12.45
N MET B 132 26.72 33.13 -13.12
CA MET B 132 26.09 32.61 -14.34
C MET B 132 25.70 33.75 -15.26
N GLU B 133 25.40 33.41 -16.52
CA GLU B 133 25.04 34.39 -17.54
C GLU B 133 23.68 34.13 -18.18
N LEU B 134 23.33 32.85 -18.35
CA LEU B 134 22.12 32.48 -19.09
C LEU B 134 21.45 31.33 -18.33
N VAL B 135 20.19 31.52 -17.92
CA VAL B 135 19.54 30.51 -17.08
C VAL B 135 18.06 30.39 -17.47
N ILE B 136 17.47 29.25 -17.11
CA ILE B 136 16.04 29.07 -17.22
C ILE B 136 15.49 28.90 -15.80
N ALA B 137 14.35 29.58 -15.56
CA ALA B 137 13.67 29.42 -14.26
C ALA B 137 12.21 29.08 -14.52
N GLY B 138 11.66 28.16 -13.72
CA GLY B 138 10.27 27.83 -13.93
C GLY B 138 9.73 27.01 -12.77
N GLY B 139 8.61 26.32 -13.03
CA GLY B 139 8.04 25.44 -12.04
C GLY B 139 6.96 24.54 -12.62
N VAL B 140 6.62 23.51 -11.84
CA VAL B 140 5.65 22.52 -12.26
C VAL B 140 4.91 21.98 -11.04
N GLU B 141 3.65 21.63 -11.26
CA GLU B 141 3.01 20.70 -10.35
C GLU B 141 1.97 19.87 -11.10
N SER B 142 1.94 18.55 -10.83
CA SER B 142 0.82 17.71 -11.26
C SER B 142 0.12 17.24 -10.00
N MET B 143 -0.89 18.01 -9.55
CA MET B 143 -1.56 17.60 -8.33
C MET B 143 -2.49 16.41 -8.58
N SER B 144 -3.01 16.29 -9.81
CA SER B 144 -3.79 15.11 -10.18
C SER B 144 -2.99 13.85 -9.88
N ARG B 145 -1.68 13.85 -10.24
CA ARG B 145 -0.91 12.62 -10.23
C ARG B 145 -0.07 12.49 -8.94
N ALA B 146 -0.26 13.39 -7.97
CA ALA B 146 0.45 13.26 -6.70
C ALA B 146 0.21 11.88 -6.10
N PRO B 147 1.28 11.15 -5.69
CA PRO B 147 1.09 9.78 -5.22
C PRO B 147 0.59 9.65 -3.80
N PHE B 148 0.33 8.41 -3.37
CA PHE B 148 0.24 8.07 -1.96
C PHE B 148 1.61 7.69 -1.43
N VAL B 149 1.82 7.89 -0.12
CA VAL B 149 3.07 7.58 0.55
C VAL B 149 2.77 6.67 1.73
N MET B 150 3.71 5.76 2.02
CA MET B 150 3.59 4.81 3.12
C MET B 150 4.93 4.72 3.85
N GLY B 151 4.97 5.11 5.13
CA GLY B 151 6.20 4.94 5.91
C GLY B 151 6.69 3.49 5.99
N LYS B 152 8.02 3.33 6.12
CA LYS B 152 8.54 1.98 6.38
C LYS B 152 8.04 1.44 7.72
N ALA B 153 7.99 0.11 7.83
CA ALA B 153 7.76 -0.56 9.12
C ALA B 153 8.90 -0.21 10.08
N GLU B 154 8.58 0.05 11.36
CA GLU B 154 9.59 0.39 12.34
C GLU B 154 10.00 -0.83 13.18
N SER B 155 9.35 -1.97 12.90
CA SER B 155 9.61 -3.25 13.55
C SER B 155 9.16 -4.37 12.64
N ALA B 156 9.76 -5.55 12.83
CA ALA B 156 9.33 -6.72 12.09
C ALA B 156 7.87 -7.02 12.43
N TYR B 157 7.09 -7.38 11.41
CA TYR B 157 5.68 -7.74 11.60
C TYR B 157 4.83 -6.57 12.12
N SER B 158 5.25 -5.33 11.83
CA SER B 158 4.51 -4.17 12.30
C SER B 158 3.06 -4.20 11.80
N ARG B 159 2.12 -3.91 12.71
CA ARG B 159 0.71 -3.82 12.39
C ARG B 159 0.32 -2.39 12.02
N ASN B 160 1.31 -1.48 12.02
CA ASN B 160 1.06 -0.05 11.91
C ASN B 160 1.61 0.46 10.58
N MET B 161 0.93 0.10 9.49
CA MET B 161 1.27 0.59 8.16
C MET B 161 0.08 1.43 7.67
N LYS B 162 0.37 2.54 6.97
CA LYS B 162 -0.65 3.53 6.63
C LYS B 162 -0.30 4.21 5.30
N LEU B 163 -1.32 4.49 4.48
CA LEU B 163 -1.16 5.25 3.24
C LEU B 163 -1.65 6.68 3.50
N GLU B 164 -0.94 7.66 2.94
CA GLU B 164 -1.33 9.07 3.04
C GLU B 164 -1.31 9.70 1.64
N ASP B 165 -2.29 10.55 1.37
CA ASP B 165 -2.41 11.27 0.11
C ASP B 165 -1.45 12.46 0.10
N THR B 166 -0.71 12.65 -1.00
CA THR B 166 0.22 13.77 -1.09
C THR B 166 -0.31 14.88 -2.00
N THR B 167 -1.58 14.79 -2.44
CA THR B 167 -2.15 15.80 -3.34
C THR B 167 -1.95 17.24 -2.83
N ILE B 168 -2.33 17.46 -1.56
CA ILE B 168 -2.16 18.76 -0.91
C ILE B 168 -2.22 18.55 0.60
N GLY B 169 -1.46 19.36 1.32
CA GLY B 169 -1.71 19.44 2.76
C GLY B 169 -0.91 18.43 3.59
N TRP B 170 -1.19 18.34 4.88
CA TRP B 170 -0.33 17.65 5.84
C TRP B 170 -0.29 16.15 5.59
N ARG B 171 0.92 15.58 5.72
CA ARG B 171 1.10 14.13 5.86
C ARG B 171 2.32 13.90 6.74
N PHE B 172 2.44 12.71 7.37
CA PHE B 172 3.51 12.45 8.33
C PHE B 172 3.56 13.59 9.35
N ILE B 173 2.42 13.86 10.01
CA ILE B 173 2.35 14.96 10.97
C ILE B 173 3.28 14.67 12.14
N ASN B 174 4.11 15.66 12.48
CA ASN B 174 4.95 15.57 13.67
C ASN B 174 4.14 16.03 14.89
N PRO B 175 4.00 15.20 15.96
CA PRO B 175 3.27 15.67 17.15
C PRO B 175 3.78 16.99 17.75
N LEU B 176 5.09 17.27 17.63
CA LEU B 176 5.68 18.50 18.18
C LEU B 176 5.23 19.72 17.37
N MET B 177 5.02 19.53 16.06
CA MET B 177 4.51 20.61 15.24
C MET B 177 3.04 20.88 15.63
N LYS B 178 2.25 19.82 15.73
CA LYS B 178 0.84 19.97 16.10
C LYS B 178 0.67 20.69 17.43
N SER B 179 1.44 20.28 18.45
CA SER B 179 1.26 20.82 19.79
C SER B 179 1.64 22.31 19.84
N GLN B 180 2.71 22.73 19.15
CA GLN B 180 3.18 24.10 19.25
C GLN B 180 2.47 25.04 18.29
N TYR B 181 2.34 24.62 17.02
CA TYR B 181 1.92 25.50 15.94
C TYR B 181 0.57 25.11 15.35
N GLY B 182 0.09 23.89 15.65
CA GLY B 182 -1.10 23.36 15.00
C GLY B 182 -0.75 22.78 13.63
N VAL B 183 -1.68 21.99 13.09
CA VAL B 183 -1.57 21.48 11.72
C VAL B 183 -2.88 21.80 10.99
N ASP B 184 -3.30 23.07 11.10
CA ASP B 184 -4.47 23.57 10.38
C ASP B 184 -4.36 23.27 8.89
N SER B 185 -5.47 22.84 8.27
CA SER B 185 -5.50 22.74 6.82
C SER B 185 -5.39 24.13 6.22
N MET B 186 -5.08 24.21 4.92
CA MET B 186 -4.98 25.52 4.27
C MET B 186 -6.31 26.28 4.39
N PRO B 187 -7.48 25.66 4.06
CA PRO B 187 -8.75 26.38 4.23
C PRO B 187 -9.00 26.80 5.68
N GLU B 188 -8.57 26.00 6.67
CA GLU B 188 -8.71 26.42 8.06
C GLU B 188 -7.88 27.68 8.31
N THR B 189 -6.65 27.75 7.77
CA THR B 189 -5.85 28.96 7.98
C THR B 189 -6.53 30.18 7.35
N ALA B 190 -7.23 29.97 6.21
CA ALA B 190 -7.92 31.07 5.56
C ALA B 190 -9.11 31.54 6.39
N ASP B 191 -9.80 30.61 7.05
CA ASP B 191 -10.85 30.98 8.00
C ASP B 191 -10.25 31.77 9.17
N ASN B 192 -9.07 31.37 9.63
CA ASN B 192 -8.39 32.05 10.73
C ASN B 192 -8.04 33.49 10.35
N VAL B 193 -7.56 33.69 9.11
CA VAL B 193 -7.27 35.03 8.60
C VAL B 193 -8.56 35.85 8.51
N ALA B 194 -9.65 35.24 7.99
CA ALA B 194 -10.94 35.95 7.93
C ALA B 194 -11.39 36.45 9.30
N ASP B 195 -11.22 35.58 10.31
CA ASP B 195 -11.63 35.89 11.67
C ASP B 195 -10.73 36.99 12.25
N ASP B 196 -9.42 36.77 12.21
CA ASP B 196 -8.46 37.64 12.90
C ASP B 196 -8.35 39.01 12.22
N TYR B 197 -8.53 39.07 10.90
CA TYR B 197 -8.39 40.30 10.13
C TYR B 197 -9.76 40.90 9.76
N GLN B 198 -10.85 40.27 10.20
CA GLN B 198 -12.22 40.74 9.99
C GLN B 198 -12.51 40.93 8.50
N VAL B 199 -12.41 39.81 7.75
CA VAL B 199 -12.74 39.82 6.33
C VAL B 199 -14.07 39.10 6.12
N SER B 200 -15.13 39.86 5.78
CA SER B 200 -16.47 39.29 5.71
C SER B 200 -16.62 38.31 4.55
N ARG B 201 -17.57 37.38 4.71
CA ARG B 201 -18.00 36.48 3.65
C ARG B 201 -18.41 37.26 2.40
N ALA B 202 -19.15 38.37 2.58
CA ALA B 202 -19.63 39.16 1.46
C ALA B 202 -18.46 39.72 0.65
N ASP B 203 -17.44 40.25 1.34
CA ASP B 203 -16.29 40.82 0.67
C ASP B 203 -15.48 39.72 -0.04
N GLN B 204 -15.36 38.55 0.59
CA GLN B 204 -14.65 37.42 -0.02
C GLN B 204 -15.32 37.04 -1.34
N ASP B 205 -16.65 36.99 -1.34
CA ASP B 205 -17.40 36.56 -2.52
C ASP B 205 -17.32 37.61 -3.62
N ALA B 206 -17.38 38.90 -3.26
CA ALA B 206 -17.20 39.98 -4.22
C ALA B 206 -15.84 39.88 -4.93
N PHE B 207 -14.79 39.58 -4.15
CA PHE B 207 -13.43 39.45 -4.69
C PHE B 207 -13.36 38.26 -5.64
N ALA B 208 -13.94 37.12 -5.22
CA ALA B 208 -13.99 35.94 -6.06
C ALA B 208 -14.72 36.22 -7.38
N LEU B 209 -15.83 36.96 -7.33
CA LEU B 209 -16.58 37.25 -8.56
C LEU B 209 -15.73 38.11 -9.50
N ARG B 210 -15.03 39.11 -8.95
CA ARG B 210 -14.16 39.95 -9.78
C ARG B 210 -13.04 39.11 -10.43
N SER B 211 -12.45 38.17 -9.69
CA SER B 211 -11.46 37.25 -10.27
C SER B 211 -12.03 36.52 -11.49
N GLN B 212 -13.24 35.94 -11.37
CA GLN B 212 -13.85 35.21 -12.47
C GLN B 212 -14.15 36.14 -13.65
N GLN B 213 -14.69 37.33 -13.37
CA GLN B 213 -15.06 38.28 -14.42
C GLN B 213 -13.82 38.74 -15.18
N LYS B 214 -12.79 39.11 -14.44
CA LYS B 214 -11.57 39.60 -15.05
C LYS B 214 -10.86 38.51 -15.86
N ALA B 215 -10.85 37.28 -15.32
CA ALA B 215 -10.22 36.18 -16.04
C ALA B 215 -10.99 35.85 -17.31
N ALA B 216 -12.33 35.84 -17.27
CA ALA B 216 -13.14 35.56 -18.44
C ALA B 216 -12.89 36.59 -19.54
N ALA B 217 -12.73 37.86 -19.13
CA ALA B 217 -12.46 38.96 -20.05
C ALA B 217 -11.08 38.81 -20.71
N ALA B 218 -10.07 38.50 -19.89
CA ALA B 218 -8.72 38.29 -20.38
C ALA B 218 -8.65 37.09 -21.33
N GLN B 219 -9.41 36.03 -21.02
N GLN B 219 -9.35 36.01 -20.96
CA GLN B 219 -9.38 34.82 -21.84
CA GLN B 219 -9.45 34.83 -21.81
C GLN B 219 -10.06 35.10 -23.19
C GLN B 219 -9.93 35.28 -23.19
N ALA B 220 -11.08 35.97 -23.20
CA ALA B 220 -11.76 36.35 -24.44
C ALA B 220 -10.90 37.28 -25.29
N ALA B 221 -10.07 38.11 -24.63
CA ALA B 221 -9.20 39.05 -25.32
C ALA B 221 -7.95 38.35 -25.91
N GLY B 222 -7.74 37.08 -25.57
CA GLY B 222 -6.58 36.33 -26.06
C GLY B 222 -5.33 36.58 -25.22
N PHE B 223 -5.50 37.18 -24.02
CA PHE B 223 -4.35 37.48 -23.16
C PHE B 223 -3.67 36.20 -22.68
N PHE B 224 -4.46 35.24 -22.19
CA PHE B 224 -3.82 33.98 -21.77
C PHE B 224 -3.22 33.21 -22.94
N ALA B 225 -3.84 33.29 -24.13
CA ALA B 225 -3.34 32.59 -25.31
C ALA B 225 -1.92 33.01 -25.63
N GLU B 226 -1.59 34.28 -25.40
N GLU B 226 -1.60 34.29 -25.43
CA GLU B 226 -0.26 34.82 -25.65
CA GLU B 226 -0.25 34.77 -25.69
C GLU B 226 0.78 34.28 -24.67
C GLU B 226 0.76 34.10 -24.76
N GLU B 227 0.32 33.73 -23.55
CA GLU B 227 1.19 33.12 -22.55
C GLU B 227 1.35 31.62 -22.74
N ILE B 228 0.42 31.00 -23.49
CA ILE B 228 0.27 29.54 -23.47
C ILE B 228 0.91 28.85 -24.68
N VAL B 229 1.57 27.71 -24.41
CA VAL B 229 1.91 26.71 -25.42
C VAL B 229 0.97 25.53 -25.18
N PRO B 230 0.36 24.94 -26.22
CA PRO B 230 -0.53 23.80 -26.03
C PRO B 230 0.22 22.55 -25.56
N VAL B 231 -0.52 21.66 -24.89
CA VAL B 231 -0.05 20.34 -24.52
C VAL B 231 -0.77 19.32 -25.40
N ARG B 232 0.00 18.44 -26.07
CA ARG B 232 -0.55 17.52 -27.05
C ARG B 232 -0.76 16.13 -26.42
N ILE B 240 -5.24 14.85 -28.77
CA ILE B 240 -6.04 15.93 -28.11
C ILE B 240 -5.08 17.08 -27.83
N ILE B 241 -5.45 18.29 -28.27
CA ILE B 241 -4.68 19.50 -28.00
C ILE B 241 -5.34 20.26 -26.86
N VAL B 242 -4.60 20.43 -25.76
CA VAL B 242 -5.08 21.20 -24.63
C VAL B 242 -4.48 22.61 -24.74
N GLU B 243 -5.35 23.61 -24.99
CA GLU B 243 -4.83 24.96 -25.22
C GLU B 243 -5.47 26.03 -24.35
N ARG B 244 -6.52 25.70 -23.58
CA ARG B 244 -7.23 26.69 -22.76
C ARG B 244 -7.16 26.32 -21.28
N ASP B 245 -7.00 27.35 -20.42
CA ASP B 245 -7.14 27.21 -18.98
C ASP B 245 -8.54 26.66 -18.67
N GLU B 246 -8.59 25.55 -17.91
CA GLU B 246 -9.79 24.74 -17.70
C GLU B 246 -10.56 25.12 -16.44
N HIS B 247 -9.92 25.84 -15.50
CA HIS B 247 -10.50 26.01 -14.17
C HIS B 247 -11.55 27.12 -14.10
N LEU B 248 -11.55 28.04 -15.08
CA LEU B 248 -12.42 29.21 -15.05
C LEU B 248 -13.89 28.79 -14.92
N ARG B 249 -14.65 29.56 -14.12
CA ARG B 249 -16.10 29.45 -14.00
C ARG B 249 -16.73 30.78 -14.43
N PRO B 250 -16.77 31.08 -15.76
CA PRO B 250 -17.21 32.40 -16.24
C PRO B 250 -18.67 32.74 -15.95
N GLU B 251 -19.45 31.70 -15.62
CA GLU B 251 -20.89 31.80 -15.35
C GLU B 251 -21.16 32.20 -13.90
N THR B 252 -20.10 32.26 -13.07
CA THR B 252 -20.21 32.63 -11.66
C THR B 252 -21.00 33.92 -11.47
N THR B 253 -21.97 33.89 -10.54
CA THR B 253 -22.69 35.07 -10.09
C THR B 253 -22.53 35.20 -8.58
N LEU B 254 -22.76 36.42 -8.07
CA LEU B 254 -22.74 36.65 -6.63
C LEU B 254 -23.79 35.78 -5.94
N GLU B 255 -24.98 35.63 -6.54
CA GLU B 255 -26.04 34.80 -5.98
C GLU B 255 -25.54 33.35 -5.82
N ALA B 256 -24.85 32.83 -6.83
CA ALA B 256 -24.36 31.46 -6.80
C ALA B 256 -23.33 31.28 -5.69
N LEU B 257 -22.42 32.26 -5.53
CA LEU B 257 -21.38 32.17 -4.51
C LEU B 257 -22.00 32.24 -3.11
N THR B 258 -23.09 33.02 -2.98
CA THR B 258 -23.76 33.24 -1.71
C THR B 258 -24.37 31.94 -1.18
N LYS B 259 -24.79 31.06 -2.09
CA LYS B 259 -25.49 29.83 -1.74
C LYS B 259 -24.53 28.77 -1.17
N LEU B 260 -23.24 28.89 -1.50
CA LEU B 260 -22.27 27.84 -1.19
C LEU B 260 -22.09 27.72 0.32
N LYS B 261 -21.86 26.48 0.78
CA LYS B 261 -21.65 26.20 2.19
C LYS B 261 -20.15 26.26 2.48
N PRO B 262 -19.72 26.88 3.60
CA PRO B 262 -18.30 26.94 3.96
C PRO B 262 -17.71 25.55 4.18
N VAL B 263 -16.43 25.43 3.82
CA VAL B 263 -15.69 24.17 3.85
C VAL B 263 -15.68 23.62 5.27
N ASN B 264 -15.52 24.51 6.26
CA ASN B 264 -15.22 24.11 7.64
C ASN B 264 -16.41 24.27 8.57
N GLY B 265 -17.61 24.52 8.01
CA GLY B 265 -18.82 24.52 8.84
C GLY B 265 -19.52 25.88 8.84
N PRO B 266 -20.76 25.97 9.37
CA PRO B 266 -21.60 27.15 9.17
C PRO B 266 -21.16 28.45 9.85
N ASP B 267 -20.22 28.35 10.79
CA ASP B 267 -19.72 29.52 11.51
C ASP B 267 -18.54 30.15 10.77
N LYS B 268 -18.16 29.54 9.64
CA LYS B 268 -16.95 29.90 8.89
C LYS B 268 -17.32 30.61 7.58
N THR B 269 -16.32 30.98 6.77
CA THR B 269 -16.55 31.86 5.62
C THR B 269 -15.94 31.37 4.31
N VAL B 270 -14.89 30.54 4.40
CA VAL B 270 -14.17 30.09 3.21
C VAL B 270 -14.98 28.96 2.56
N THR B 271 -15.24 29.11 1.25
CA THR B 271 -15.99 28.14 0.46
C THR B 271 -15.16 27.69 -0.74
N ALA B 272 -15.65 26.69 -1.48
CA ALA B 272 -14.97 26.27 -2.70
C ALA B 272 -14.97 27.38 -3.73
N GLY B 273 -15.93 28.31 -3.64
CA GLY B 273 -16.10 29.37 -4.63
C GLY B 273 -15.21 30.59 -4.36
N ASN B 274 -14.73 30.76 -3.11
CA ASN B 274 -13.89 31.91 -2.81
C ASN B 274 -12.45 31.49 -2.50
N ALA B 275 -12.08 30.30 -2.99
CA ALA B 275 -10.76 29.71 -2.79
C ALA B 275 -10.23 29.21 -4.13
N SER B 276 -8.90 29.11 -4.26
N SER B 276 -8.90 29.08 -4.20
CA SER B 276 -8.37 28.48 -5.45
CA SER B 276 -8.18 28.44 -5.29
C SER B 276 -8.68 26.99 -5.43
C SER B 276 -8.40 26.93 -5.27
N GLY B 277 -8.12 26.26 -6.39
CA GLY B 277 -8.31 24.83 -6.50
C GLY B 277 -6.99 24.06 -6.41
N VAL B 278 -7.09 22.77 -6.73
CA VAL B 278 -5.96 21.85 -6.89
C VAL B 278 -5.83 21.59 -8.39
N ASN B 279 -4.63 21.76 -8.95
CA ASN B 279 -4.49 21.93 -10.40
C ASN B 279 -3.15 21.41 -10.91
N ASP B 280 -3.06 21.29 -12.26
CA ASP B 280 -1.86 20.82 -12.96
C ASP B 280 -1.35 21.90 -13.92
N GLY B 281 -0.03 22.07 -14.01
CA GLY B 281 0.53 22.98 -15.01
C GLY B 281 2.04 23.19 -14.84
N ALA B 282 2.66 23.83 -15.85
CA ALA B 282 4.09 24.14 -15.81
C ALA B 282 4.35 25.48 -16.52
N ALA B 283 5.47 26.12 -16.17
CA ALA B 283 5.85 27.39 -16.79
C ALA B 283 7.36 27.54 -16.75
N ALA B 284 7.91 28.33 -17.68
CA ALA B 284 9.34 28.57 -17.69
C ALA B 284 9.69 29.89 -18.39
N MET B 285 10.83 30.47 -18.00
CA MET B 285 11.28 31.69 -18.65
C MET B 285 12.80 31.76 -18.64
N ILE B 286 13.32 32.65 -19.49
CA ILE B 286 14.76 32.82 -19.62
C ILE B 286 15.17 34.07 -18.85
N LEU B 287 16.27 33.97 -18.10
CA LEU B 287 16.93 35.13 -17.50
C LEU B 287 18.37 35.21 -18.02
N ALA B 288 18.87 36.43 -18.20
CA ALA B 288 20.16 36.60 -18.85
C ALA B 288 20.83 37.90 -18.42
N SER B 289 22.15 37.89 -18.35
CA SER B 289 22.96 39.10 -18.28
C SER B 289 22.84 39.86 -19.60
N ALA B 290 23.25 41.14 -19.61
CA ALA B 290 23.25 41.91 -20.84
C ALA B 290 24.08 41.24 -21.94
N ALA B 291 25.24 40.71 -21.54
CA ALA B 291 26.12 40.06 -22.51
C ALA B 291 25.44 38.83 -23.13
N ALA B 292 24.73 38.05 -22.31
CA ALA B 292 24.04 36.88 -22.83
C ALA B 292 22.86 37.28 -23.72
N VAL B 293 22.14 38.35 -23.34
CA VAL B 293 21.06 38.85 -24.18
C VAL B 293 21.59 39.08 -25.60
N LYS B 294 22.70 39.82 -25.69
N LYS B 294 22.73 39.75 -25.70
CA LYS B 294 23.31 40.13 -26.97
CA LYS B 294 23.26 40.13 -27.01
C LYS B 294 23.71 38.85 -27.71
C LYS B 294 23.85 38.93 -27.77
N LYS B 295 24.52 38.01 -27.05
CA LYS B 295 25.11 36.84 -27.69
C LYS B 295 24.04 35.94 -28.31
N HIS B 296 22.94 35.74 -27.57
CA HIS B 296 21.94 34.74 -27.92
C HIS B 296 20.75 35.33 -28.67
N GLY B 297 20.81 36.64 -29.01
CA GLY B 297 19.74 37.27 -29.78
C GLY B 297 18.39 37.30 -29.03
N LEU B 298 18.44 37.37 -27.69
CA LEU B 298 17.24 37.41 -26.85
C LEU B 298 16.61 38.80 -26.87
N THR B 299 15.33 38.86 -26.51
CA THR B 299 14.64 40.12 -26.31
C THR B 299 14.55 40.39 -24.81
N PRO B 300 15.30 41.38 -24.26
CA PRO B 300 15.20 41.67 -22.83
C PRO B 300 13.87 42.41 -22.60
N ARG B 301 13.09 41.94 -21.61
CA ARG B 301 11.74 42.45 -21.41
C ARG B 301 11.59 43.21 -20.08
N ALA B 302 12.27 42.72 -19.03
CA ALA B 302 12.25 43.43 -17.75
C ALA B 302 13.56 43.19 -17.03
N ARG B 303 13.95 44.13 -16.16
CA ARG B 303 15.06 43.93 -15.24
C ARG B 303 14.49 43.40 -13.92
N VAL B 304 15.15 42.40 -13.33
CA VAL B 304 14.75 41.97 -11.99
C VAL B 304 15.34 42.91 -10.95
N LEU B 305 14.48 43.40 -10.03
CA LEU B 305 14.96 44.36 -9.02
C LEU B 305 15.34 43.65 -7.72
N GLY B 306 14.58 42.62 -7.33
CA GLY B 306 14.93 41.91 -6.11
C GLY B 306 13.83 40.95 -5.64
N MET B 307 14.15 40.14 -4.62
CA MET B 307 13.22 39.19 -4.04
C MET B 307 13.41 39.26 -2.53
N ALA B 308 12.31 39.10 -1.77
CA ALA B 308 12.43 38.95 -0.32
C ALA B 308 11.41 37.94 0.18
N SER B 309 11.76 37.29 1.30
CA SER B 309 10.90 36.31 1.95
C SER B 309 10.55 36.77 3.37
N GLY B 310 9.42 36.25 3.86
CA GLY B 310 9.00 36.57 5.22
C GLY B 310 8.33 35.36 5.85
N GLY B 311 8.34 35.32 7.19
CA GLY B 311 7.69 34.26 7.95
C GLY B 311 6.58 34.83 8.85
N VAL B 312 5.50 34.06 9.03
CA VAL B 312 4.38 34.38 9.92
C VAL B 312 3.98 33.10 10.66
N ALA B 313 3.02 33.22 11.58
CA ALA B 313 2.49 32.05 12.26
C ALA B 313 1.84 31.12 11.24
N PRO B 314 2.15 29.80 11.28
CA PRO B 314 1.51 28.86 10.36
C PRO B 314 -0.01 28.99 10.30
N ARG B 315 -0.65 29.25 11.45
CA ARG B 315 -2.10 29.23 11.52
C ARG B 315 -2.74 30.37 10.74
N VAL B 316 -1.96 31.41 10.39
CA VAL B 316 -2.47 32.50 9.57
C VAL B 316 -1.54 32.73 8.37
N MET B 317 -1.15 31.61 7.74
CA MET B 317 -0.15 31.62 6.66
C MET B 317 -0.49 32.62 5.57
N GLY B 318 -1.79 32.83 5.31
CA GLY B 318 -2.24 33.70 4.23
C GLY B 318 -1.73 35.14 4.32
N ILE B 319 -1.37 35.59 5.53
CA ILE B 319 -0.88 36.96 5.73
C ILE B 319 0.62 37.05 5.42
N GLY B 320 1.26 35.91 5.08
CA GLY B 320 2.70 35.86 4.83
C GLY B 320 3.25 36.90 3.85
N PRO B 321 2.51 37.27 2.77
CA PRO B 321 3.02 38.30 1.85
C PRO B 321 3.36 39.63 2.51
N VAL B 322 2.69 39.97 3.64
CA VAL B 322 2.85 41.30 4.20
C VAL B 322 4.30 41.55 4.61
N PRO B 323 4.94 40.72 5.47
CA PRO B 323 6.34 40.95 5.80
C PRO B 323 7.28 40.82 4.60
N ALA B 324 6.97 39.93 3.63
CA ALA B 324 7.82 39.82 2.46
C ALA B 324 7.83 41.12 1.64
N VAL B 325 6.63 41.66 1.36
CA VAL B 325 6.52 42.87 0.56
C VAL B 325 7.18 44.04 1.30
N ARG B 326 6.92 44.16 2.62
CA ARG B 326 7.53 45.25 3.38
C ARG B 326 9.06 45.16 3.33
N LYS B 327 9.60 43.93 3.50
CA LYS B 327 11.03 43.76 3.50
C LYS B 327 11.62 44.18 2.14
N LEU B 328 10.97 43.74 1.05
CA LEU B 328 11.50 44.01 -0.27
C LEU B 328 11.44 45.51 -0.59
N THR B 329 10.26 46.10 -0.35
CA THR B 329 10.05 47.51 -0.69
C THR B 329 10.94 48.41 0.14
N GLU B 330 11.11 48.09 1.43
CA GLU B 330 11.97 48.92 2.27
C GLU B 330 13.41 48.90 1.74
N ARG B 331 13.89 47.71 1.36
CA ARG B 331 15.27 47.59 0.88
C ARG B 331 15.46 48.33 -0.45
N LEU B 332 14.48 48.22 -1.35
CA LEU B 332 14.61 48.82 -2.68
C LEU B 332 14.26 50.31 -2.69
N GLY B 333 13.58 50.78 -1.64
CA GLY B 333 13.14 52.17 -1.56
C GLY B 333 11.99 52.47 -2.52
N ILE B 334 11.08 51.50 -2.67
CA ILE B 334 9.93 51.59 -3.56
C ILE B 334 8.67 51.51 -2.68
N ALA B 335 7.72 52.41 -2.87
CA ALA B 335 6.45 52.31 -2.16
C ALA B 335 5.56 51.29 -2.87
N VAL B 336 4.71 50.58 -2.10
CA VAL B 336 3.74 49.69 -2.70
C VAL B 336 2.90 50.39 -3.77
N SER B 337 2.57 51.67 -3.52
CA SER B 337 1.76 52.45 -4.44
C SER B 337 2.49 52.75 -5.76
N ASP B 338 3.82 52.53 -5.81
CA ASP B 338 4.59 52.82 -7.02
C ASP B 338 4.46 51.74 -8.10
N PHE B 339 3.93 50.56 -7.76
CA PHE B 339 3.83 49.47 -8.72
C PHE B 339 2.65 49.68 -9.66
N ASP B 340 2.87 49.47 -10.96
CA ASP B 340 1.84 49.59 -11.98
C ASP B 340 1.03 48.29 -12.13
N VAL B 341 1.58 47.18 -11.64
CA VAL B 341 0.82 45.95 -11.49
C VAL B 341 1.25 45.28 -10.19
N ILE B 342 0.27 44.69 -9.50
CA ILE B 342 0.51 43.79 -8.39
C ILE B 342 -0.20 42.49 -8.72
N GLU B 343 0.59 41.41 -8.81
CA GLU B 343 0.08 40.06 -8.96
C GLU B 343 0.19 39.39 -7.60
N LEU B 344 -0.97 39.33 -6.91
CA LEU B 344 -1.09 38.75 -5.58
C LEU B 344 -1.78 37.39 -5.72
N ASN B 345 -1.11 36.30 -5.29
CA ASN B 345 -1.74 34.99 -5.37
C ASN B 345 -3.08 34.96 -4.63
N GLU B 346 -4.08 34.35 -5.27
CA GLU B 346 -5.40 34.20 -4.69
C GLU B 346 -5.57 32.78 -4.15
N ALA B 347 -4.77 32.39 -3.15
CA ALA B 347 -5.01 31.09 -2.53
C ALA B 347 -6.43 31.07 -1.96
N PHE B 348 -6.80 32.17 -1.27
CA PHE B 348 -8.14 32.36 -0.72
C PHE B 348 -8.47 33.84 -0.80
N ALA B 349 -9.74 34.18 -1.10
CA ALA B 349 -10.15 35.57 -1.06
C ALA B 349 -9.88 36.20 0.32
N SER B 350 -10.10 35.46 1.42
CA SER B 350 -9.88 36.05 2.74
C SER B 350 -8.46 36.57 2.87
N GLN B 351 -7.47 35.78 2.42
CA GLN B 351 -6.10 36.23 2.60
C GLN B 351 -5.68 37.25 1.56
N GLY B 352 -6.18 37.15 0.32
CA GLY B 352 -5.93 38.21 -0.65
C GLY B 352 -6.38 39.57 -0.11
N LEU B 353 -7.61 39.63 0.41
CA LEU B 353 -8.16 40.87 0.95
C LEU B 353 -7.37 41.33 2.17
N ALA B 354 -7.03 40.40 3.09
CA ALA B 354 -6.34 40.80 4.30
C ALA B 354 -4.97 41.41 3.97
N VAL B 355 -4.27 40.81 2.99
CA VAL B 355 -2.98 41.31 2.56
C VAL B 355 -3.12 42.72 1.98
N LEU B 356 -4.08 42.90 1.06
CA LEU B 356 -4.29 44.22 0.47
C LEU B 356 -4.52 45.28 1.55
N ARG B 357 -5.40 44.96 2.50
CA ARG B 357 -5.77 45.91 3.54
C ARG B 357 -4.56 46.29 4.40
N GLU B 358 -3.71 45.31 4.74
CA GLU B 358 -2.54 45.60 5.54
C GLU B 358 -1.55 46.49 4.79
N LEU B 359 -1.49 46.34 3.46
CA LEU B 359 -0.54 47.09 2.66
C LEU B 359 -1.10 48.43 2.19
N GLY B 360 -2.36 48.74 2.57
CA GLY B 360 -2.99 50.03 2.25
C GLY B 360 -3.48 50.12 0.79
N VAL B 361 -3.80 48.97 0.18
CA VAL B 361 -4.30 48.93 -1.19
C VAL B 361 -5.78 48.56 -1.17
N ALA B 362 -6.61 49.27 -1.96
CA ALA B 362 -8.05 49.01 -2.01
C ALA B 362 -8.32 47.57 -2.45
N ASP B 363 -9.44 47.02 -1.98
CA ASP B 363 -9.87 45.66 -2.23
C ASP B 363 -10.06 45.38 -3.73
N ASP B 364 -10.37 46.43 -4.50
CA ASP B 364 -10.66 46.37 -5.92
C ASP B 364 -9.71 47.28 -6.72
N ALA B 365 -8.54 47.59 -6.15
CA ALA B 365 -7.61 48.52 -6.77
C ALA B 365 -7.31 48.06 -8.21
N PRO B 366 -7.30 48.97 -9.21
CA PRO B 366 -7.23 48.53 -10.61
C PRO B 366 -5.93 47.82 -11.00
N GLN B 367 -4.84 48.09 -10.27
CA GLN B 367 -3.53 47.52 -10.62
C GLN B 367 -3.37 46.11 -10.06
N VAL B 368 -4.30 45.66 -9.22
CA VAL B 368 -4.23 44.34 -8.59
C VAL B 368 -4.95 43.29 -9.43
N ASN B 369 -4.23 42.22 -9.82
CA ASN B 369 -4.79 41.07 -10.50
C ASN B 369 -5.75 41.51 -11.62
N PRO B 370 -5.29 42.33 -12.58
CA PRO B 370 -6.21 42.92 -13.56
C PRO B 370 -6.81 41.90 -14.54
N ASN B 371 -6.18 40.71 -14.64
CA ASN B 371 -6.63 39.64 -15.52
C ASN B 371 -7.16 38.47 -14.69
N GLY B 372 -7.48 38.75 -13.42
CA GLY B 372 -7.94 37.72 -12.50
C GLY B 372 -6.77 36.93 -11.91
N GLY B 373 -7.12 35.91 -11.12
CA GLY B 373 -6.11 35.14 -10.42
C GLY B 373 -6.56 33.71 -10.15
N ALA B 374 -5.89 33.06 -9.18
CA ALA B 374 -6.02 31.62 -8.96
C ALA B 374 -7.44 31.18 -8.60
N ILE B 375 -8.31 32.04 -8.07
CA ILE B 375 -9.68 31.59 -7.86
C ILE B 375 -10.29 31.13 -9.19
N ALA B 376 -10.05 31.95 -10.22
CA ALA B 376 -10.52 31.63 -11.57
C ALA B 376 -9.59 30.64 -12.28
N LEU B 377 -8.27 30.85 -12.18
CA LEU B 377 -7.30 30.16 -13.03
C LEU B 377 -6.83 28.82 -12.45
N GLY B 378 -6.92 28.64 -11.12
CA GLY B 378 -6.31 27.49 -10.45
C GLY B 378 -4.85 27.77 -10.07
N ALA B 379 -4.23 26.83 -9.35
CA ALA B 379 -2.91 27.08 -8.76
C ALA B 379 -2.13 25.77 -8.57
N PRO B 380 -1.49 25.21 -9.64
CA PRO B 380 -0.58 24.08 -9.47
C PRO B 380 0.61 24.64 -8.67
N LEU B 381 0.86 24.12 -7.47
CA LEU B 381 1.69 24.85 -6.51
C LEU B 381 3.02 25.30 -7.11
N GLY B 382 3.85 24.36 -7.63
CA GLY B 382 5.19 24.74 -8.05
C GLY B 382 5.23 25.66 -9.26
N MET B 383 4.16 25.68 -10.07
N MET B 383 4.19 25.59 -10.11
CA MET B 383 4.11 26.48 -11.29
CA MET B 383 4.03 26.43 -11.29
C MET B 383 3.59 27.89 -11.02
C MET B 383 3.74 27.87 -10.87
N SER B 384 2.79 28.05 -9.96
N SER B 384 2.79 28.03 -9.93
CA SER B 384 2.04 29.29 -9.75
CA SER B 384 2.03 29.26 -9.75
C SER B 384 2.94 30.52 -9.67
C SER B 384 2.89 30.52 -9.61
N GLY B 385 3.99 30.43 -8.85
CA GLY B 385 4.85 31.60 -8.63
C GLY B 385 5.60 32.04 -9.90
N ALA B 386 5.94 31.07 -10.77
CA ALA B 386 6.52 31.41 -12.07
C ALA B 386 5.46 32.10 -12.94
N ARG B 387 4.21 31.62 -12.90
CA ARG B 387 3.12 32.26 -13.62
C ARG B 387 2.94 33.72 -13.16
N LEU B 388 2.97 33.99 -11.84
CA LEU B 388 2.75 35.34 -11.38
C LEU B 388 3.81 36.29 -11.95
N VAL B 389 5.08 35.86 -11.97
CA VAL B 389 6.13 36.72 -12.49
C VAL B 389 5.91 36.96 -14.00
N LEU B 390 5.66 35.88 -14.76
CA LEU B 390 5.54 36.08 -16.20
C LEU B 390 4.28 36.86 -16.57
N THR B 391 3.19 36.69 -15.81
CA THR B 391 1.97 37.40 -16.17
C THR B 391 2.05 38.87 -15.76
N ALA B 392 2.77 39.16 -14.65
CA ALA B 392 2.98 40.55 -14.28
C ALA B 392 3.71 41.28 -15.41
N LEU B 393 4.75 40.63 -15.95
CA LEU B 393 5.55 41.24 -16.99
C LEU B 393 4.70 41.46 -18.25
N HIS B 394 3.93 40.43 -18.59
CA HIS B 394 3.01 40.50 -19.72
C HIS B 394 2.07 41.71 -19.58
N GLN B 395 1.45 41.85 -18.40
CA GLN B 395 0.56 42.97 -18.13
C GLN B 395 1.26 44.33 -18.24
N LEU B 396 2.50 44.45 -17.71
CA LEU B 396 3.23 45.70 -17.87
C LEU B 396 3.39 46.08 -19.35
N GLU B 397 3.70 45.08 -20.19
CA GLU B 397 3.87 45.33 -21.62
C GLU B 397 2.57 45.83 -22.27
N LYS B 398 1.44 45.21 -21.92
CA LYS B 398 0.17 45.60 -22.52
C LYS B 398 -0.24 47.02 -22.07
N SER B 399 0.01 47.35 -20.79
CA SER B 399 -0.48 48.58 -20.18
C SER B 399 0.52 49.75 -20.32
N GLY B 400 1.77 49.44 -20.66
CA GLY B 400 2.83 50.45 -20.67
C GLY B 400 3.37 50.81 -19.28
N GLY B 401 2.99 50.02 -18.26
CA GLY B 401 3.47 50.26 -16.90
C GLY B 401 4.97 49.94 -16.76
N ARG B 402 5.58 50.39 -15.65
CA ARG B 402 7.01 50.27 -15.42
C ARG B 402 7.32 49.20 -14.38
N LYS B 403 6.94 49.41 -13.11
CA LYS B 403 7.33 48.47 -12.06
C LYS B 403 6.19 47.49 -11.75
N GLY B 404 6.57 46.22 -11.55
CA GLY B 404 5.62 45.18 -11.20
C GLY B 404 6.05 44.44 -9.94
N LEU B 405 5.05 44.03 -9.14
CA LEU B 405 5.27 43.26 -7.92
C LEU B 405 4.45 41.98 -8.02
N ALA B 406 5.10 40.83 -7.76
CA ALA B 406 4.44 39.55 -7.65
C ALA B 406 4.67 39.01 -6.23
N THR B 407 3.61 38.53 -5.58
CA THR B 407 3.75 38.12 -4.18
C THR B 407 2.75 37.03 -3.85
N MET B 408 3.14 36.13 -2.92
CA MET B 408 2.25 35.04 -2.61
C MET B 408 2.51 34.49 -1.22
N CYS B 409 1.46 33.88 -0.66
CA CYS B 409 1.53 33.20 0.63
C CYS B 409 2.00 31.75 0.46
N VAL B 410 2.43 31.15 1.57
CA VAL B 410 3.10 29.86 1.60
C VAL B 410 2.57 29.09 2.81
N GLY B 411 2.18 27.83 2.58
CA GLY B 411 1.82 26.96 3.70
C GLY B 411 2.92 26.89 4.76
N VAL B 412 2.45 26.73 6.02
CA VAL B 412 3.33 26.68 7.19
C VAL B 412 3.91 28.07 7.49
N GLY B 413 3.30 29.11 6.88
CA GLY B 413 3.51 30.49 7.32
C GLY B 413 4.67 31.24 6.69
N GLN B 414 4.63 31.41 5.36
CA GLN B 414 5.63 32.27 4.74
C GLN B 414 4.98 33.16 3.69
N GLY B 415 5.78 34.12 3.22
CA GLY B 415 5.44 34.88 2.03
C GLY B 415 6.70 35.09 1.20
N LEU B 416 6.49 35.34 -0.10
CA LEU B 416 7.60 35.68 -0.97
C LEU B 416 7.16 36.82 -1.88
N ALA B 417 8.06 37.73 -2.21
CA ALA B 417 7.77 38.87 -3.07
C ALA B 417 8.93 39.07 -4.05
N LEU B 418 8.60 39.47 -5.28
CA LEU B 418 9.62 39.69 -6.29
C LEU B 418 9.18 40.89 -7.13
N ALA B 419 10.13 41.81 -7.39
CA ALA B 419 9.86 43.06 -8.10
C ALA B 419 10.65 43.09 -9.40
N ILE B 420 9.99 43.60 -10.46
CA ILE B 420 10.60 43.74 -11.77
C ILE B 420 10.31 45.13 -12.34
N GLU B 421 11.05 45.49 -13.40
CA GLU B 421 10.84 46.77 -14.06
C GLU B 421 10.93 46.55 -15.58
N ARG B 422 9.86 46.92 -16.31
CA ARG B 422 9.86 46.79 -17.76
C ARG B 422 10.99 47.63 -18.38
N VAL B 423 11.73 47.06 -19.35
CA VAL B 423 12.81 47.78 -20.01
C VAL B 423 12.23 48.93 -20.84
N MET C 24 29.35 44.03 -4.84
CA MET C 24 29.07 42.68 -4.25
C MET C 24 29.72 42.59 -2.87
N HIS C 25 29.17 41.70 -2.04
CA HIS C 25 29.57 41.62 -0.64
C HIS C 25 30.32 40.32 -0.37
N ASP C 26 31.40 40.42 0.43
CA ASP C 26 32.07 39.24 0.99
C ASP C 26 31.09 38.41 1.82
N VAL C 27 31.24 37.08 1.76
CA VAL C 27 30.40 36.17 2.51
C VAL C 27 31.28 35.23 3.33
N PHE C 28 31.01 35.10 4.62
CA PHE C 28 31.84 34.29 5.51
C PHE C 28 31.05 33.13 6.11
N ILE C 29 31.62 31.92 6.03
CA ILE C 29 31.14 30.81 6.82
C ILE C 29 31.65 30.99 8.24
N CYS C 30 30.75 30.79 9.22
CA CYS C 30 31.05 30.98 10.63
C CYS C 30 30.92 29.61 11.29
N ASP C 31 30.16 29.47 12.38
CA ASP C 31 30.03 28.17 13.03
C ASP C 31 29.39 27.14 12.12
N ALA C 32 29.76 25.88 12.31
CA ALA C 32 29.24 24.76 11.54
C ALA C 32 29.27 23.51 12.40
N ILE C 33 28.23 22.67 12.28
CA ILE C 33 28.09 21.51 13.14
C ILE C 33 27.29 20.45 12.39
N ARG C 34 27.44 19.18 12.78
CA ARG C 34 26.67 18.10 12.18
C ARG C 34 26.28 17.05 13.23
N THR C 35 25.26 16.24 12.90
CA THR C 35 25.03 15.00 13.63
C THR C 35 26.12 13.98 13.27
N PRO C 36 26.23 12.88 14.04
CA PRO C 36 26.92 11.69 13.50
C PRO C 36 26.14 11.18 12.28
N ILE C 37 26.83 10.35 11.46
CA ILE C 37 26.14 9.68 10.37
C ILE C 37 25.82 8.25 10.81
N GLY C 38 24.53 7.89 10.73
CA GLY C 38 24.12 6.54 11.10
C GLY C 38 24.04 5.60 9.90
N ARG C 39 24.16 4.31 10.20
CA ARG C 39 23.94 3.27 9.20
C ARG C 39 22.45 3.12 8.89
N PHE C 40 22.09 2.66 7.68
CA PHE C 40 20.72 2.29 7.38
C PHE C 40 20.19 1.33 8.44
N GLY C 41 19.03 1.67 9.03
CA GLY C 41 18.39 0.85 10.05
C GLY C 41 19.13 0.88 11.38
N GLY C 42 20.13 1.78 11.48
CA GLY C 42 21.00 1.83 12.64
C GLY C 42 20.65 2.89 13.67
N ALA C 43 21.69 3.58 14.16
CA ALA C 43 21.57 4.32 15.43
C ALA C 43 20.59 5.48 15.33
N LEU C 44 20.38 6.05 14.12
CA LEU C 44 19.49 7.19 13.96
C LEU C 44 18.20 6.80 13.23
N ALA C 45 17.96 5.50 12.97
CA ALA C 45 16.85 5.10 12.14
C ALA C 45 15.48 5.47 12.74
N SER C 46 15.38 5.62 14.08
CA SER C 46 14.12 5.97 14.75
C SER C 46 13.82 7.48 14.71
N VAL C 47 14.76 8.31 14.24
CA VAL C 47 14.65 9.76 14.35
C VAL C 47 14.01 10.32 13.07
N ARG C 48 12.84 10.96 13.20
CA ARG C 48 12.15 11.54 12.05
C ARG C 48 13.10 12.51 11.34
N ALA C 49 13.03 12.58 9.99
CA ALA C 49 13.92 13.45 9.23
C ALA C 49 13.79 14.92 9.64
N ASP C 50 12.57 15.39 9.92
CA ASP C 50 12.41 16.79 10.29
C ASP C 50 13.05 17.07 11.66
N ASP C 51 12.86 16.14 12.61
CA ASP C 51 13.52 16.26 13.92
C ASP C 51 15.03 16.18 13.78
N LEU C 52 15.51 15.29 12.89
CA LEU C 52 16.95 15.16 12.70
C LEU C 52 17.54 16.46 12.13
N ALA C 53 16.86 17.07 11.15
CA ALA C 53 17.29 18.35 10.60
C ALA C 53 17.37 19.42 11.68
N ALA C 54 16.45 19.36 12.66
CA ALA C 54 16.39 20.40 13.70
C ALA C 54 17.58 20.30 14.65
N VAL C 55 18.23 19.13 14.76
CA VAL C 55 19.28 18.92 15.76
C VAL C 55 20.42 19.91 15.56
N PRO C 56 21.04 20.00 14.36
CA PRO C 56 22.10 20.99 14.19
C PRO C 56 21.64 22.44 14.30
N LEU C 57 20.37 22.71 13.93
CA LEU C 57 19.86 24.08 14.10
C LEU C 57 19.82 24.46 15.60
N LYS C 58 19.32 23.55 16.44
CA LYS C 58 19.24 23.84 17.88
C LYS C 58 20.66 24.02 18.41
N ALA C 59 21.62 23.23 17.91
CA ALA C 59 23.01 23.34 18.38
C ALA C 59 23.60 24.70 17.98
N LEU C 60 23.34 25.18 16.75
CA LEU C 60 23.82 26.51 16.37
C LEU C 60 23.32 27.58 17.34
N ILE C 61 22.05 27.47 17.75
CA ILE C 61 21.48 28.44 18.69
C ILE C 61 22.28 28.42 19.99
N GLU C 62 22.50 27.21 20.52
CA GLU C 62 23.13 27.06 21.83
C GLU C 62 24.59 27.55 21.79
N ARG C 63 25.25 27.32 20.65
CA ARG C 63 26.68 27.55 20.51
C ARG C 63 27.00 29.02 20.19
N ASN C 64 25.99 29.82 19.81
CA ASN C 64 26.23 31.15 19.29
C ASN C 64 25.31 32.16 19.98
N PRO C 65 25.50 32.38 21.30
CA PRO C 65 24.59 33.23 22.07
C PRO C 65 24.60 34.72 21.73
N GLY C 66 25.58 35.20 20.95
CA GLY C 66 25.60 36.61 20.58
C GLY C 66 24.68 36.96 19.40
N VAL C 67 24.15 35.92 18.72
CA VAL C 67 23.28 36.11 17.57
C VAL C 67 21.91 36.58 18.03
N GLN C 68 21.37 37.59 17.32
CA GLN C 68 19.97 37.95 17.49
C GLN C 68 19.16 37.13 16.49
N TRP C 69 18.53 36.03 16.96
CA TRP C 69 18.04 34.98 16.07
C TRP C 69 16.89 35.47 15.20
N ASP C 70 16.15 36.49 15.62
CA ASP C 70 15.08 36.98 14.78
C ASP C 70 15.60 37.77 13.57
N GLN C 71 16.93 37.92 13.46
N GLN C 71 16.93 37.91 13.44
CA GLN C 71 17.54 38.55 12.29
CA GLN C 71 17.53 38.53 12.27
C GLN C 71 17.91 37.55 11.19
C GLN C 71 18.17 37.51 11.32
N VAL C 72 17.80 36.24 11.42
CA VAL C 72 18.15 35.25 10.37
C VAL C 72 17.23 35.51 9.18
N ASP C 73 17.83 35.73 7.99
CA ASP C 73 17.10 36.07 6.78
C ASP C 73 16.47 34.85 6.10
N GLU C 74 17.09 33.67 6.27
CA GLU C 74 16.65 32.48 5.57
C GLU C 74 17.39 31.27 6.10
N VAL C 75 16.67 30.13 6.12
CA VAL C 75 17.28 28.82 6.30
C VAL C 75 17.17 28.06 4.96
N PHE C 76 18.34 27.73 4.37
CA PHE C 76 18.38 26.95 3.11
C PHE C 76 18.83 25.54 3.46
N PHE C 77 18.00 24.53 3.14
CA PHE C 77 18.37 23.15 3.48
C PHE C 77 18.29 22.27 2.23
N GLY C 78 19.30 21.41 2.11
CA GLY C 78 19.28 20.39 1.06
C GLY C 78 18.54 19.12 1.51
N CYS C 79 17.80 18.47 0.59
CA CYS C 79 17.13 17.20 0.87
C CYS C 79 16.73 16.57 -0.46
N ALA C 80 17.19 15.32 -0.68
CA ALA C 80 16.99 14.67 -1.98
C ALA C 80 15.63 14.00 -2.10
N ASN C 81 15.00 13.64 -0.96
CA ASN C 81 13.81 12.79 -1.00
C ASN C 81 12.51 13.62 -1.00
N GLN C 82 12.16 14.13 0.19
CA GLN C 82 11.03 15.03 0.41
C GLN C 82 9.67 14.34 0.29
N ALA C 83 9.65 12.98 0.31
CA ALA C 83 8.38 12.25 0.28
C ALA C 83 7.92 11.81 1.67
N GLY C 84 8.86 11.77 2.62
CA GLY C 84 8.59 11.20 3.95
C GLY C 84 8.32 12.30 4.98
N GLU C 85 8.90 12.15 6.18
CA GLU C 85 8.76 13.17 7.22
C GLU C 85 9.49 14.47 6.88
N ASP C 86 10.24 14.44 5.79
CA ASP C 86 10.93 15.59 5.18
C ASP C 86 10.04 16.28 4.12
N ASN C 87 8.74 15.93 4.07
CA ASN C 87 7.86 16.51 3.07
C ASN C 87 7.52 17.97 3.36
N ARG C 88 7.13 18.70 2.31
CA ARG C 88 6.52 20.02 2.44
C ARG C 88 7.48 21.04 3.03
N ASN C 89 8.70 21.09 2.49
CA ASN C 89 9.68 22.13 2.77
C ASN C 89 10.31 21.90 4.13
N VAL C 90 11.16 20.88 4.25
CA VAL C 90 11.74 20.47 5.52
C VAL C 90 12.56 21.62 6.14
N ALA C 91 13.13 22.53 5.34
CA ALA C 91 13.88 23.66 5.91
C ALA C 91 13.01 24.43 6.93
N ARG C 92 11.77 24.74 6.53
CA ARG C 92 10.83 25.50 7.37
C ARG C 92 10.34 24.59 8.51
N MET C 93 10.03 23.33 8.24
CA MET C 93 9.62 22.44 9.32
C MET C 93 10.69 22.42 10.41
N ALA C 94 11.94 22.24 10.01
CA ALA C 94 13.06 22.07 10.93
C ALA C 94 13.31 23.34 11.73
N LEU C 95 13.25 24.51 11.08
CA LEU C 95 13.57 25.72 11.83
C LEU C 95 12.52 25.92 12.92
N LEU C 96 11.26 25.58 12.63
CA LEU C 96 10.22 25.74 13.66
C LEU C 96 10.46 24.72 14.77
N LEU C 97 10.79 23.47 14.43
CA LEU C 97 11.03 22.46 15.45
C LEU C 97 12.25 22.82 16.30
N ALA C 98 13.22 23.55 15.74
CA ALA C 98 14.44 23.91 16.44
C ALA C 98 14.26 25.06 17.43
N GLY C 99 13.10 25.74 17.35
CA GLY C 99 12.83 26.83 18.28
C GLY C 99 13.21 28.19 17.71
N LEU C 100 13.53 28.26 16.41
CA LEU C 100 13.76 29.56 15.79
C LEU C 100 12.42 30.29 15.63
N PRO C 101 12.40 31.63 15.66
CA PRO C 101 11.15 32.38 15.54
C PRO C 101 10.38 32.11 14.25
N GLU C 102 9.05 32.11 14.33
CA GLU C 102 8.17 31.87 13.19
C GLU C 102 8.33 32.93 12.11
N SER C 103 9.02 34.03 12.42
CA SER C 103 9.31 35.05 11.42
C SER C 103 10.42 34.63 10.43
N ILE C 104 11.19 33.56 10.72
CA ILE C 104 12.31 33.16 9.87
CA ILE C 104 12.29 33.22 9.83
C ILE C 104 11.84 32.30 8.69
N PRO C 105 12.07 32.71 7.43
CA PRO C 105 11.69 31.85 6.30
C PRO C 105 12.65 30.68 6.07
N GLY C 106 12.16 29.67 5.31
CA GLY C 106 13.00 28.53 4.94
C GLY C 106 12.61 28.01 3.56
N VAL C 107 13.63 27.45 2.89
CA VAL C 107 13.46 26.86 1.54
C VAL C 107 14.35 25.63 1.38
N THR C 108 13.81 24.60 0.67
CA THR C 108 14.51 23.33 0.52
C THR C 108 14.98 23.13 -0.92
N LEU C 109 16.25 22.71 -1.06
CA LEU C 109 16.85 22.51 -2.40
C LEU C 109 17.07 21.02 -2.64
N ASN C 110 16.98 20.65 -3.94
CA ASN C 110 17.17 19.27 -4.36
C ASN C 110 18.05 19.19 -5.61
N ARG C 111 19.32 18.82 -5.38
CA ARG C 111 20.21 18.37 -6.45
C ARG C 111 20.78 17.01 -6.05
N LEU C 112 19.89 16.11 -5.59
CA LEU C 112 20.27 14.78 -5.13
C LEU C 112 21.45 14.88 -4.14
N SER C 113 22.55 14.16 -4.40
N SER C 113 22.55 14.16 -4.41
CA SER C 113 23.67 14.10 -3.47
CA SER C 113 23.67 14.11 -3.48
C SER C 113 24.28 15.48 -3.22
C SER C 113 24.30 15.48 -3.23
N ALA C 114 24.08 16.43 -4.14
CA ALA C 114 24.71 17.74 -4.02
C ALA C 114 23.83 18.76 -3.29
N SER C 115 22.63 18.36 -2.85
CA SER C 115 21.65 19.31 -2.28
C SER C 115 22.22 20.20 -1.16
N GLY C 116 22.95 19.60 -0.22
CA GLY C 116 23.44 20.36 0.92
C GLY C 116 24.55 21.34 0.52
N MET C 117 25.34 21.00 -0.52
CA MET C 117 26.31 21.95 -1.04
C MET C 117 25.60 23.10 -1.78
N ASP C 118 24.53 22.75 -2.51
N ASP C 118 24.57 22.76 -2.57
CA ASP C 118 23.75 23.75 -3.22
CA ASP C 118 23.76 23.78 -3.23
C ASP C 118 23.09 24.74 -2.23
C ASP C 118 23.25 24.77 -2.18
N ALA C 119 22.72 24.26 -1.05
CA ALA C 119 22.20 25.14 0.00
C ALA C 119 23.25 26.17 0.40
N VAL C 120 24.51 25.74 0.60
CA VAL C 120 25.60 26.65 0.95
C VAL C 120 25.82 27.68 -0.16
N GLY C 121 25.95 27.20 -1.41
CA GLY C 121 26.23 28.14 -2.49
C GLY C 121 25.06 29.10 -2.77
N THR C 122 23.83 28.62 -2.58
CA THR C 122 22.67 29.49 -2.76
C THR C 122 22.61 30.57 -1.67
N ALA C 123 22.91 30.16 -0.42
CA ALA C 123 23.00 31.11 0.68
C ALA C 123 24.07 32.16 0.35
N PHE C 124 25.21 31.70 -0.17
CA PHE C 124 26.31 32.60 -0.55
C PHE C 124 25.83 33.63 -1.58
N ARG C 125 25.16 33.18 -2.65
CA ARG C 125 24.71 34.09 -3.68
C ARG C 125 23.69 35.12 -3.14
N ALA C 126 22.83 34.71 -2.20
CA ALA C 126 21.86 35.62 -1.61
C ALA C 126 22.56 36.75 -0.84
N ILE C 127 23.63 36.41 -0.09
CA ILE C 127 24.35 37.45 0.65
C ILE C 127 25.24 38.28 -0.30
N ALA C 128 25.93 37.63 -1.25
CA ALA C 128 26.85 38.34 -2.13
C ALA C 128 26.11 39.39 -2.96
N SER C 129 24.85 39.08 -3.33
CA SER C 129 24.04 39.97 -4.13
C SER C 129 23.34 41.06 -3.30
N GLY C 130 23.58 41.09 -1.98
CA GLY C 130 23.05 42.14 -1.11
C GLY C 130 21.61 41.92 -0.68
N GLU C 131 21.06 40.71 -0.91
CA GLU C 131 19.65 40.45 -0.62
C GLU C 131 19.43 39.97 0.81
N MET C 132 20.52 39.48 1.44
CA MET C 132 20.48 38.95 2.79
C MET C 132 21.79 39.26 3.50
N GLU C 133 21.77 39.14 4.84
CA GLU C 133 22.95 39.42 5.66
C GLU C 133 23.35 38.23 6.53
N LEU C 134 22.39 37.44 7.00
CA LEU C 134 22.66 36.39 7.97
C LEU C 134 21.78 35.20 7.61
N VAL C 135 22.39 34.04 7.33
N VAL C 135 22.41 34.04 7.37
CA VAL C 135 21.58 32.91 6.94
CA VAL C 135 21.72 32.91 6.78
C VAL C 135 22.11 31.64 7.58
C VAL C 135 22.20 31.60 7.41
N ILE C 136 21.32 30.58 7.45
CA ILE C 136 21.78 29.24 7.81
C ILE C 136 21.66 28.37 6.56
N ALA C 137 22.67 27.54 6.32
CA ALA C 137 22.64 26.59 5.21
C ALA C 137 22.97 25.20 5.75
N GLY C 138 22.26 24.20 5.25
CA GLY C 138 22.60 22.85 5.67
C GLY C 138 21.86 21.81 4.84
N GLY C 139 21.74 20.60 5.41
CA GLY C 139 21.05 19.54 4.71
C GLY C 139 20.75 18.36 5.61
N VAL C 140 19.83 17.53 5.13
CA VAL C 140 19.40 16.37 5.89
C VAL C 140 19.06 15.23 4.93
N GLU C 141 19.28 14.00 5.40
CA GLU C 141 18.59 12.87 4.80
C GLU C 141 18.39 11.80 5.85
N SER C 142 17.17 11.21 5.87
CA SER C 142 16.94 9.97 6.60
C SER C 142 16.63 8.86 5.61
N MET C 143 17.69 8.18 5.15
CA MET C 143 17.47 7.15 4.15
C MET C 143 16.80 5.92 4.77
N SER C 144 17.06 5.68 6.07
CA SER C 144 16.36 4.62 6.78
C SER C 144 14.84 4.77 6.63
N ARG C 145 14.38 6.03 6.79
CA ARG C 145 12.95 6.28 6.89
C ARG C 145 12.33 6.71 5.56
N ALA C 146 13.09 6.65 4.46
CA ALA C 146 12.53 7.00 3.15
C ALA C 146 11.29 6.14 2.91
N PRO C 147 10.15 6.71 2.50
CA PRO C 147 8.91 5.93 2.43
C PRO C 147 8.77 5.14 1.12
N PHE C 148 7.72 4.32 1.04
CA PHE C 148 7.27 3.81 -0.25
C PHE C 148 6.27 4.76 -0.88
N VAL C 149 6.20 4.75 -2.21
CA VAL C 149 5.27 5.60 -2.94
C VAL C 149 4.43 4.75 -3.88
N MET C 150 3.18 5.18 -4.10
CA MET C 150 2.25 4.45 -4.94
C MET C 150 1.50 5.48 -5.79
N GLY C 151 1.62 5.37 -7.13
CA GLY C 151 0.86 6.26 -7.99
C GLY C 151 -0.65 6.08 -7.84
N LYS C 152 -1.42 7.14 -8.17
CA LYS C 152 -2.87 7.05 -8.15
C LYS C 152 -3.33 6.09 -9.25
N ALA C 153 -4.51 5.48 -9.06
CA ALA C 153 -5.16 4.72 -10.13
C ALA C 153 -5.50 5.66 -11.29
N GLU C 154 -5.35 5.15 -12.52
N GLU C 154 -5.33 5.18 -12.53
CA GLU C 154 -5.60 5.94 -13.71
CA GLU C 154 -5.64 6.01 -13.68
C GLU C 154 -6.89 5.48 -14.39
C GLU C 154 -7.06 5.74 -14.17
N SER C 155 -7.66 4.66 -13.66
CA SER C 155 -8.99 4.24 -14.11
C SER C 155 -9.70 3.58 -12.95
N ALA C 156 -11.04 3.55 -13.01
CA ALA C 156 -11.82 2.88 -11.98
C ALA C 156 -11.52 1.38 -12.00
N TYR C 157 -11.33 0.81 -10.79
CA TYR C 157 -11.06 -0.63 -10.61
C TYR C 157 -9.75 -1.02 -11.27
N SER C 158 -8.77 -0.10 -11.33
CA SER C 158 -7.48 -0.42 -11.93
C SER C 158 -6.83 -1.60 -11.21
N ARG C 159 -6.25 -2.52 -12.02
CA ARG C 159 -5.52 -3.68 -11.52
C ARG C 159 -4.03 -3.40 -11.42
N ASN C 160 -3.61 -2.16 -11.75
CA ASN C 160 -2.22 -1.80 -11.93
C ASN C 160 -1.75 -0.84 -10.84
N MET C 161 -1.81 -1.27 -9.58
CA MET C 161 -1.28 -0.48 -8.48
C MET C 161 0.05 -1.09 -8.03
N LYS C 162 1.01 -0.24 -7.65
CA LYS C 162 2.38 -0.66 -7.39
C LYS C 162 3.02 0.21 -6.31
N LEU C 163 3.79 -0.40 -5.40
CA LEU C 163 4.58 0.33 -4.41
C LEU C 163 6.02 0.38 -4.88
N GLU C 164 6.70 1.52 -4.62
CA GLU C 164 8.09 1.66 -4.99
C GLU C 164 8.88 2.26 -3.83
N ASP C 165 10.07 1.71 -3.59
CA ASP C 165 10.97 2.16 -2.53
C ASP C 165 11.62 3.49 -2.95
N THR C 166 11.66 4.48 -2.03
CA THR C 166 12.33 5.75 -2.31
C THR C 166 13.67 5.89 -1.58
N THR C 167 14.20 4.81 -1.01
CA THR C 167 15.45 4.90 -0.26
C THR C 167 16.57 5.51 -1.13
N ILE C 168 16.74 5.00 -2.36
CA ILE C 168 17.71 5.56 -3.30
C ILE C 168 17.36 5.08 -4.70
N GLY C 169 17.66 5.92 -5.69
CA GLY C 169 17.62 5.47 -7.07
C GLY C 169 16.25 5.57 -7.74
N TRP C 170 16.11 4.96 -8.91
CA TRP C 170 14.98 5.22 -9.80
C TRP C 170 13.67 4.74 -9.21
N ARG C 171 12.65 5.59 -9.37
CA ARG C 171 11.26 5.16 -9.20
C ARG C 171 10.41 5.99 -10.16
N PHE C 172 9.20 5.51 -10.49
CA PHE C 172 8.37 6.14 -11.50
C PHE C 172 9.18 6.40 -12.77
N ILE C 173 9.80 5.33 -13.29
CA ILE C 173 10.67 5.47 -14.47
C ILE C 173 9.85 5.93 -15.67
N ASN C 174 10.34 6.99 -16.32
CA ASN C 174 9.75 7.49 -17.56
C ASN C 174 10.34 6.69 -18.73
N PRO C 175 9.52 5.99 -19.56
CA PRO C 175 10.07 5.23 -20.69
C PRO C 175 10.93 6.07 -21.65
N LEU C 176 10.64 7.39 -21.74
CA LEU C 176 11.42 8.26 -22.62
C LEU C 176 12.81 8.53 -22.04
N MET C 177 12.91 8.58 -20.71
CA MET C 177 14.22 8.73 -20.10
C MET C 177 15.01 7.43 -20.32
N LYS C 178 14.37 6.29 -20.11
CA LYS C 178 15.05 5.02 -20.32
C LYS C 178 15.55 4.87 -21.76
N SER C 179 14.72 5.21 -22.75
CA SER C 179 15.08 4.99 -24.14
C SER C 179 16.21 5.93 -24.58
N GLN C 180 16.25 7.17 -24.05
CA GLN C 180 17.24 8.14 -24.52
C GLN C 180 18.55 8.06 -23.73
N TYR C 181 18.46 7.96 -22.40
CA TYR C 181 19.60 8.15 -21.51
C TYR C 181 19.88 6.90 -20.68
N GLY C 182 18.96 5.93 -20.71
CA GLY C 182 19.00 4.79 -19.80
C GLY C 182 18.55 5.16 -18.38
N VAL C 183 18.33 4.12 -17.56
CA VAL C 183 18.07 4.30 -16.13
C VAL C 183 19.02 3.40 -15.35
N ASP C 184 20.32 3.50 -15.67
CA ASP C 184 21.36 2.79 -14.95
C ASP C 184 21.23 3.06 -13.45
N SER C 185 21.39 1.99 -12.64
CA SER C 185 21.53 2.18 -11.21
C SER C 185 22.82 2.94 -10.91
N MET C 186 22.93 3.52 -9.69
CA MET C 186 24.15 4.22 -9.33
C MET C 186 25.37 3.29 -9.46
N PRO C 187 25.37 2.05 -8.91
CA PRO C 187 26.50 1.14 -9.13
C PRO C 187 26.79 0.83 -10.60
N GLU C 188 25.74 0.70 -11.44
CA GLU C 188 25.98 0.49 -12.86
C GLU C 188 26.73 1.68 -13.44
N THR C 189 26.34 2.92 -13.09
CA THR C 189 27.08 4.07 -13.60
C THR C 189 28.55 4.04 -13.18
N ALA C 190 28.81 3.51 -11.97
CA ALA C 190 30.16 3.47 -11.44
C ALA C 190 30.98 2.41 -12.19
N ASP C 191 30.33 1.31 -12.58
CA ASP C 191 30.98 0.32 -13.46
C ASP C 191 31.26 0.95 -14.82
N ASN C 192 30.34 1.76 -15.33
CA ASN C 192 30.53 2.43 -16.61
C ASN C 192 31.72 3.37 -16.57
N VAL C 193 31.87 4.14 -15.47
CA VAL C 193 33.03 5.00 -15.29
C VAL C 193 34.31 4.15 -15.20
N ALA C 194 34.30 3.06 -14.42
CA ALA C 194 35.47 2.16 -14.34
C ALA C 194 35.91 1.69 -15.73
N ASP C 195 34.94 1.32 -16.57
CA ASP C 195 35.28 0.79 -17.90
C ASP C 195 35.77 1.92 -18.82
N ASP C 196 35.03 3.04 -18.86
CA ASP C 196 35.32 4.09 -19.82
C ASP C 196 36.61 4.85 -19.50
N TYR C 197 36.92 4.99 -18.20
CA TYR C 197 38.09 5.71 -17.72
C TYR C 197 39.23 4.77 -17.29
N GLN C 198 39.00 3.44 -17.37
N GLN C 198 39.01 3.44 -17.43
CA GLN C 198 40.02 2.41 -17.15
CA GLN C 198 40.04 2.44 -17.13
C GLN C 198 40.53 2.44 -15.71
C GLN C 198 40.51 2.59 -15.69
N VAL C 199 39.59 2.31 -14.76
CA VAL C 199 39.94 2.31 -13.34
C VAL C 199 39.86 0.88 -12.84
N SER C 200 41.00 0.27 -12.49
CA SER C 200 41.01 -1.15 -12.14
C SER C 200 40.33 -1.43 -10.80
N ARG C 201 39.86 -2.67 -10.65
CA ARG C 201 39.35 -3.16 -9.37
C ARG C 201 40.40 -2.99 -8.27
N ALA C 202 41.67 -3.30 -8.53
CA ALA C 202 42.71 -3.22 -7.51
C ALA C 202 42.89 -1.79 -7.02
N ASP C 203 42.86 -0.82 -7.94
CA ASP C 203 43.01 0.59 -7.55
C ASP C 203 41.78 1.06 -6.76
N GLN C 204 40.58 0.63 -7.17
CA GLN C 204 39.37 0.98 -6.44
C GLN C 204 39.48 0.49 -5.00
N ASP C 205 39.90 -0.75 -4.80
CA ASP C 205 39.97 -1.35 -3.47
C ASP C 205 41.05 -0.66 -2.63
N ALA C 206 42.18 -0.30 -3.22
CA ALA C 206 43.24 0.40 -2.49
C ALA C 206 42.72 1.75 -2.00
N PHE C 207 41.94 2.46 -2.83
CA PHE C 207 41.37 3.76 -2.49
C PHE C 207 40.39 3.59 -1.30
N ALA C 208 39.53 2.57 -1.39
CA ALA C 208 38.56 2.28 -0.33
C ALA C 208 39.28 2.00 0.98
N LEU C 209 40.35 1.21 0.97
CA LEU C 209 41.11 0.92 2.18
C LEU C 209 41.70 2.19 2.75
N ARG C 210 42.27 3.07 1.91
CA ARG C 210 42.81 4.32 2.43
C ARG C 210 41.71 5.16 3.10
N SER C 211 40.50 5.18 2.53
CA SER C 211 39.40 5.92 3.13
C SER C 211 39.11 5.38 4.53
N GLN C 212 39.03 4.05 4.67
CA GLN C 212 38.74 3.46 5.97
C GLN C 212 39.86 3.77 6.95
N GLN C 213 41.11 3.62 6.52
CA GLN C 213 42.23 3.85 7.43
C GLN C 213 42.28 5.31 7.87
N LYS C 214 42.07 6.24 6.92
CA LYS C 214 42.15 7.66 7.28
C LYS C 214 41.00 8.09 8.19
N ALA C 215 39.80 7.55 7.92
CA ALA C 215 38.64 7.88 8.77
C ALA C 215 38.85 7.31 10.17
N ALA C 216 39.36 6.09 10.29
CA ALA C 216 39.59 5.50 11.61
C ALA C 216 40.60 6.36 12.40
N ALA C 217 41.65 6.86 11.71
CA ALA C 217 42.68 7.68 12.35
C ALA C 217 42.08 9.01 12.80
N ALA C 218 41.27 9.62 11.93
CA ALA C 218 40.64 10.89 12.26
C ALA C 218 39.67 10.72 13.44
N GLN C 219 38.93 9.61 13.49
CA GLN C 219 37.98 9.38 14.57
C GLN C 219 38.75 9.27 15.89
N ALA C 220 39.83 8.49 15.90
CA ALA C 220 40.63 8.27 17.10
C ALA C 220 41.30 9.55 17.59
N ALA C 221 41.64 10.45 16.65
CA ALA C 221 42.27 11.75 16.95
C ALA C 221 41.27 12.77 17.49
N GLY C 222 39.98 12.46 17.42
CA GLY C 222 38.95 13.37 17.91
C GLY C 222 38.52 14.39 16.86
N PHE C 223 38.94 14.20 15.60
CA PHE C 223 38.62 15.15 14.54
C PHE C 223 37.12 15.23 14.28
N PHE C 224 36.44 14.09 14.15
CA PHE C 224 35.00 14.10 13.92
C PHE C 224 34.26 14.61 15.15
N ALA C 225 34.78 14.31 16.35
CA ALA C 225 34.09 14.75 17.57
C ALA C 225 33.97 16.28 17.60
N GLU C 226 34.94 17.00 17.01
CA GLU C 226 34.90 18.46 16.99
C GLU C 226 33.80 18.97 16.06
N GLU C 227 33.38 18.14 15.08
CA GLU C 227 32.32 18.54 14.16
C GLU C 227 30.92 18.17 14.67
N ILE C 228 30.85 17.23 15.62
CA ILE C 228 29.62 16.53 15.95
C ILE C 228 28.91 17.11 17.16
N VAL C 229 27.57 17.21 17.02
CA VAL C 229 26.70 17.41 18.16
C VAL C 229 25.85 16.17 18.33
N PRO C 230 25.59 15.74 19.59
CA PRO C 230 24.90 14.47 19.83
C PRO C 230 23.43 14.55 19.46
N VAL C 231 22.87 13.38 19.13
CA VAL C 231 21.44 13.23 18.94
C VAL C 231 20.88 12.50 20.15
N ARG C 232 19.93 13.14 20.84
CA ARG C 232 19.31 12.56 22.02
C ARG C 232 18.00 11.93 21.58
N ILE C 233 17.83 10.66 21.95
CA ILE C 233 16.63 9.90 21.62
C ILE C 233 15.92 9.49 22.91
N ALA C 234 14.61 9.82 22.99
CA ALA C 234 13.85 9.63 24.22
C ALA C 234 13.48 8.16 24.44
N GLY C 238 15.38 5.44 29.87
CA GLY C 238 16.43 6.48 29.87
C GLY C 238 16.79 6.97 28.46
N GLU C 239 17.19 8.24 28.37
CA GLU C 239 17.68 8.85 27.13
C GLU C 239 18.82 8.02 26.53
N ILE C 240 18.81 7.86 25.20
CA ILE C 240 19.93 7.28 24.47
C ILE C 240 20.63 8.42 23.73
N ILE C 241 21.96 8.42 23.75
CA ILE C 241 22.70 9.51 23.13
C ILE C 241 23.59 8.94 22.03
N VAL C 242 23.38 9.44 20.79
CA VAL C 242 24.15 8.99 19.64
C VAL C 242 25.19 10.07 19.31
N GLU C 243 26.48 9.68 19.34
CA GLU C 243 27.57 10.64 19.26
C GLU C 243 28.67 10.24 18.25
N ARG C 244 28.68 8.98 17.79
CA ARG C 244 29.77 8.48 16.95
C ARG C 244 29.28 8.12 15.55
N ASP C 245 30.06 8.48 14.52
CA ASP C 245 29.79 8.02 13.16
C ASP C 245 29.87 6.50 13.16
N GLU C 246 28.83 5.80 12.67
N GLU C 246 28.80 5.89 12.63
CA GLU C 246 28.89 4.34 12.81
CA GLU C 246 28.52 4.46 12.74
C GLU C 246 28.93 3.56 11.48
C GLU C 246 29.04 3.64 11.54
N HIS C 247 29.11 4.26 10.35
CA HIS C 247 29.29 3.52 9.10
C HIS C 247 30.71 2.96 8.94
N LEU C 248 31.68 3.54 9.66
CA LEU C 248 33.08 3.17 9.46
C LEU C 248 33.28 1.67 9.64
N ARG C 249 34.16 1.12 8.79
CA ARG C 249 34.61 -0.26 8.94
C ARG C 249 36.12 -0.29 9.09
N PRO C 250 36.69 0.09 10.25
CA PRO C 250 38.16 0.14 10.43
C PRO C 250 38.80 -1.23 10.26
N GLU C 251 37.98 -2.30 10.42
CA GLU C 251 38.44 -3.68 10.32
C GLU C 251 38.76 -4.08 8.87
N THR C 252 38.41 -3.23 7.91
CA THR C 252 38.62 -3.52 6.49
C THR C 252 40.08 -3.82 6.20
N THR C 253 40.33 -4.92 5.46
CA THR C 253 41.64 -5.23 4.89
C THR C 253 41.52 -5.32 3.36
N LEU C 254 42.67 -5.15 2.67
CA LEU C 254 42.69 -5.35 1.22
C LEU C 254 42.24 -6.77 0.87
N GLU C 255 42.68 -7.76 1.65
CA GLU C 255 42.34 -9.15 1.39
C GLU C 255 40.81 -9.35 1.39
N ALA C 256 40.13 -8.75 2.39
CA ALA C 256 38.68 -8.86 2.50
C ALA C 256 38.02 -8.15 1.32
N LEU C 257 38.55 -6.98 0.94
CA LEU C 257 37.98 -6.25 -0.21
C LEU C 257 38.08 -7.07 -1.48
N THR C 258 39.20 -7.76 -1.63
CA THR C 258 39.47 -8.51 -2.85
C THR C 258 38.50 -9.67 -3.01
N LYS C 259 38.02 -10.24 -1.88
CA LYS C 259 37.13 -11.39 -1.92
C LYS C 259 35.70 -11.03 -2.29
N LEU C 260 35.33 -9.75 -2.18
CA LEU C 260 33.96 -9.35 -2.47
C LEU C 260 33.63 -9.57 -3.95
N LYS C 261 32.36 -9.91 -4.21
CA LYS C 261 31.87 -10.09 -5.56
C LYS C 261 31.31 -8.77 -6.09
N PRO C 262 31.59 -8.37 -7.35
CA PRO C 262 30.97 -7.15 -7.87
C PRO C 262 29.44 -7.21 -7.88
N VAL C 263 28.81 -6.05 -7.61
CA VAL C 263 27.36 -5.91 -7.59
C VAL C 263 26.74 -6.41 -8.90
N ASN C 264 27.39 -6.10 -10.03
CA ASN C 264 26.79 -6.24 -11.36
C ASN C 264 27.35 -7.39 -12.19
N GLY C 265 28.12 -8.28 -11.57
CA GLY C 265 28.56 -9.51 -12.23
C GLY C 265 30.08 -9.62 -12.28
N PRO C 266 30.62 -10.81 -12.66
CA PRO C 266 32.05 -11.08 -12.49
C PRO C 266 32.99 -10.28 -13.39
N ASP C 267 32.47 -9.73 -14.49
CA ASP C 267 33.25 -8.90 -15.40
C ASP C 267 33.23 -7.41 -15.02
N LYS C 268 32.61 -7.10 -13.87
CA LYS C 268 32.49 -5.74 -13.37
C LYS C 268 33.44 -5.54 -12.19
N THR C 269 33.41 -4.33 -11.60
CA THR C 269 34.42 -3.95 -10.61
C THR C 269 33.85 -3.35 -9.30
N VAL C 270 32.65 -2.74 -9.34
CA VAL C 270 32.11 -2.04 -8.18
C VAL C 270 31.51 -3.07 -7.22
N THR C 271 31.87 -2.97 -5.93
CA THR C 271 31.41 -3.88 -4.90
C THR C 271 30.79 -3.06 -3.77
N ALA C 272 30.21 -3.75 -2.79
CA ALA C 272 29.75 -3.08 -1.58
C ALA C 272 30.91 -2.45 -0.82
N GLY C 273 32.14 -2.97 -0.99
CA GLY C 273 33.25 -2.50 -0.20
C GLY C 273 33.98 -1.29 -0.79
N ASN C 274 33.81 -1.02 -2.10
CA ASN C 274 34.46 0.12 -2.72
C ASN C 274 33.45 1.19 -3.13
N ALA C 275 32.33 1.25 -2.39
CA ALA C 275 31.24 2.18 -2.62
C ALA C 275 30.78 2.71 -1.27
N SER C 276 30.16 3.90 -1.28
CA SER C 276 29.46 4.37 -0.09
C SER C 276 28.20 3.54 0.15
N GLY C 277 27.50 3.91 1.21
CA GLY C 277 26.25 3.27 1.63
C GLY C 277 25.06 4.22 1.56
N VAL C 278 23.97 3.77 2.17
CA VAL C 278 22.81 4.62 2.41
C VAL C 278 22.69 4.85 3.93
N ASN C 279 22.41 6.11 4.30
CA ASN C 279 22.73 6.60 5.63
C ASN C 279 21.78 7.72 6.06
N ASP C 280 21.88 8.07 7.37
CA ASP C 280 21.05 9.10 8.02
C ASP C 280 21.97 10.15 8.64
N GLY C 281 21.60 11.43 8.49
CA GLY C 281 22.33 12.48 9.18
C GLY C 281 21.89 13.88 8.75
N ALA C 282 22.34 14.91 9.50
CA ALA C 282 22.06 16.30 9.15
C ALA C 282 23.22 17.21 9.54
N ALA C 283 23.29 18.39 8.92
CA ALA C 283 24.38 19.34 9.19
C ALA C 283 23.87 20.75 8.90
N ALA C 284 24.51 21.75 9.54
CA ALA C 284 24.13 23.13 9.30
C ALA C 284 25.28 24.07 9.64
N MET C 285 25.29 25.24 9.02
CA MET C 285 26.29 26.25 9.30
C MET C 285 25.73 27.64 9.06
N ILE C 286 26.40 28.63 9.66
CA ILE C 286 25.98 30.03 9.52
C ILE C 286 26.83 30.70 8.44
N LEU C 287 26.18 31.49 7.57
N LEU C 287 26.17 31.45 7.54
CA LEU C 287 26.87 32.36 6.63
CA LEU C 287 26.88 32.35 6.64
C LEU C 287 26.44 33.80 6.86
C LEU C 287 26.50 33.79 7.00
N ALA C 288 27.41 34.73 6.75
CA ALA C 288 27.15 36.10 7.15
C ALA C 288 27.97 37.11 6.37
N SER C 289 27.37 38.27 6.11
CA SER C 289 28.15 39.39 5.57
C SER C 289 29.10 39.89 6.65
N ALA C 290 30.06 40.75 6.28
CA ALA C 290 30.95 41.38 7.26
C ALA C 290 30.17 42.13 8.34
N ALA C 291 29.12 42.86 7.94
CA ALA C 291 28.32 43.64 8.86
C ALA C 291 27.61 42.72 9.86
N ALA C 292 27.10 41.57 9.36
CA ALA C 292 26.41 40.64 10.23
C ALA C 292 27.39 39.93 11.17
N VAL C 293 28.60 39.63 10.70
CA VAL C 293 29.63 39.04 11.56
C VAL C 293 29.83 39.94 12.79
N LYS C 294 29.95 41.25 12.55
CA LYS C 294 30.23 42.17 13.64
C LYS C 294 29.03 42.29 14.58
N LYS C 295 27.85 42.45 13.99
CA LYS C 295 26.62 42.69 14.74
C LYS C 295 26.33 41.54 15.69
N HIS C 296 26.54 40.30 15.20
CA HIS C 296 26.11 39.11 15.91
C HIS C 296 27.25 38.44 16.68
N GLY C 297 28.44 39.06 16.71
CA GLY C 297 29.57 38.53 17.46
C GLY C 297 30.03 37.16 16.93
N LEU C 298 29.88 36.93 15.63
CA LEU C 298 30.28 35.67 15.02
C LEU C 298 31.79 35.61 14.80
N THR C 299 32.31 34.38 14.64
CA THR C 299 33.71 34.20 14.28
C THR C 299 33.78 33.84 12.80
N PRO C 300 34.30 34.73 11.92
CA PRO C 300 34.36 34.41 10.49
C PRO C 300 35.52 33.42 10.33
N ARG C 301 35.23 32.30 9.67
CA ARG C 301 36.20 31.21 9.57
C ARG C 301 36.73 31.04 8.15
N ALA C 302 35.89 31.25 7.14
CA ALA C 302 36.34 31.20 5.74
C ALA C 302 35.47 32.15 4.92
N ARG C 303 36.04 32.66 3.83
CA ARG C 303 35.28 33.41 2.84
C ARG C 303 34.87 32.42 1.74
N VAL C 304 33.62 32.52 1.27
CA VAL C 304 33.19 31.68 0.15
C VAL C 304 33.66 32.34 -1.15
N LEU C 305 34.34 31.55 -2.02
CA LEU C 305 34.87 32.11 -3.27
C LEU C 305 33.86 31.97 -4.41
N GLY C 306 33.18 30.83 -4.49
CA GLY C 306 32.20 30.62 -5.52
C GLY C 306 31.75 29.17 -5.66
N MET C 307 30.71 28.95 -6.49
CA MET C 307 30.17 27.62 -6.73
C MET C 307 29.94 27.49 -8.24
N ALA C 308 30.15 26.28 -8.80
CA ALA C 308 29.76 26.03 -10.18
C ALA C 308 29.21 24.62 -10.32
N SER C 309 28.30 24.47 -11.28
CA SER C 309 27.68 23.19 -11.59
C SER C 309 28.05 22.75 -13.00
N GLY C 310 27.93 21.44 -13.24
CA GLY C 310 28.20 20.89 -14.57
C GLY C 310 27.29 19.71 -14.86
N GLY C 311 27.03 19.42 -16.15
CA GLY C 311 26.26 18.24 -16.52
C GLY C 311 27.10 17.28 -17.37
N VAL C 312 26.80 15.99 -17.22
CA VAL C 312 27.44 14.94 -18.02
C VAL C 312 26.37 13.92 -18.39
N ALA C 313 26.75 12.90 -19.18
CA ALA C 313 25.80 11.85 -19.50
C ALA C 313 25.37 11.14 -18.21
N PRO C 314 24.06 10.90 -18.01
CA PRO C 314 23.60 10.10 -16.87
C PRO C 314 24.35 8.79 -16.64
N ARG C 315 24.69 8.09 -17.74
CA ARG C 315 25.27 6.76 -17.62
C ARG C 315 26.68 6.78 -17.00
N VAL C 316 27.34 7.95 -16.97
CA VAL C 316 28.64 8.12 -16.33
C VAL C 316 28.61 9.27 -15.32
N MET C 317 27.55 9.30 -14.51
CA MET C 317 27.32 10.46 -13.64
C MET C 317 28.49 10.76 -12.71
N GLY C 318 29.25 9.72 -12.35
CA GLY C 318 30.37 9.88 -11.42
C GLY C 318 31.43 10.87 -11.90
N ILE C 319 31.54 11.09 -13.23
CA ILE C 319 32.53 12.03 -13.75
C ILE C 319 32.04 13.48 -13.72
N GLY C 320 30.79 13.69 -13.25
CA GLY C 320 30.18 15.02 -13.14
C GLY C 320 31.06 16.10 -12.50
N PRO C 321 31.85 15.81 -11.43
CA PRO C 321 32.68 16.86 -10.84
C PRO C 321 33.67 17.53 -11.80
N VAL C 322 34.11 16.81 -12.85
CA VAL C 322 35.15 17.36 -13.68
C VAL C 322 34.72 18.67 -14.36
N PRO C 323 33.59 18.72 -15.11
CA PRO C 323 33.19 19.99 -15.71
C PRO C 323 32.86 21.06 -14.65
N ALA C 324 32.34 20.65 -13.49
CA ALA C 324 32.02 21.62 -12.44
C ALA C 324 33.29 22.29 -11.90
N VAL C 325 34.29 21.47 -11.57
CA VAL C 325 35.55 21.99 -11.06
C VAL C 325 36.23 22.86 -12.12
N ARG C 326 36.27 22.38 -13.37
CA ARG C 326 36.92 23.18 -14.41
C ARG C 326 36.22 24.53 -14.59
N LYS C 327 34.86 24.52 -14.58
CA LYS C 327 34.12 25.77 -14.72
C LYS C 327 34.46 26.74 -13.58
N LEU C 328 34.51 26.23 -12.35
CA LEU C 328 34.69 27.12 -11.21
C LEU C 328 36.11 27.67 -11.20
N THR C 329 37.10 26.79 -11.38
CA THR C 329 38.49 27.20 -11.31
C THR C 329 38.83 28.17 -12.45
N GLU C 330 38.29 27.93 -13.66
CA GLU C 330 38.57 28.83 -14.78
C GLU C 330 38.00 30.22 -14.49
N ARG C 331 36.81 30.29 -13.90
CA ARG C 331 36.22 31.57 -13.61
C ARG C 331 37.00 32.31 -12.51
N LEU C 332 37.44 31.59 -11.45
CA LEU C 332 38.13 32.23 -10.34
C LEU C 332 39.60 32.48 -10.63
N GLY C 333 40.15 31.82 -11.66
CA GLY C 333 41.58 31.95 -11.98
C GLY C 333 42.48 31.24 -10.96
N ILE C 334 42.02 30.08 -10.47
CA ILE C 334 42.70 29.23 -9.50
C ILE C 334 43.01 27.90 -10.19
N ALA C 335 44.20 27.35 -10.00
CA ALA C 335 44.47 26.01 -10.50
C ALA C 335 44.02 24.98 -9.47
N VAL C 336 43.65 23.77 -9.93
CA VAL C 336 43.31 22.70 -9.01
C VAL C 336 44.44 22.47 -8.00
N SER C 337 45.69 22.58 -8.47
CA SER C 337 46.86 22.36 -7.61
C SER C 337 47.01 23.42 -6.52
N ASP C 338 46.24 24.54 -6.59
CA ASP C 338 46.32 25.63 -5.63
C ASP C 338 45.55 25.28 -4.36
N PHE C 339 44.67 24.27 -4.36
CA PHE C 339 43.89 23.98 -3.15
C PHE C 339 44.72 23.19 -2.14
N ASP C 340 44.60 23.60 -0.88
CA ASP C 340 45.28 22.93 0.22
C ASP C 340 44.47 21.79 0.80
N VAL C 341 43.16 21.72 0.49
CA VAL C 341 42.36 20.54 0.77
C VAL C 341 41.40 20.36 -0.41
N ILE C 342 41.21 19.11 -0.84
CA ILE C 342 40.13 18.77 -1.75
C ILE C 342 39.27 17.71 -1.04
N GLU C 343 38.00 18.06 -0.79
CA GLU C 343 37.01 17.11 -0.28
C GLU C 343 36.16 16.66 -1.47
N LEU C 344 36.46 15.44 -1.95
CA LEU C 344 35.81 14.84 -3.13
C LEU C 344 34.88 13.74 -2.63
N ASN C 345 33.57 13.85 -2.94
CA ASN C 345 32.65 12.83 -2.49
C ASN C 345 33.07 11.45 -3.00
N GLU C 346 32.96 10.44 -2.14
CA GLU C 346 33.30 9.06 -2.46
C GLU C 346 32.04 8.22 -2.65
N ALA C 347 31.19 8.57 -3.63
CA ALA C 347 30.06 7.70 -3.90
C ALA C 347 30.58 6.31 -4.27
N PHE C 348 31.60 6.30 -5.16
CA PHE C 348 32.26 5.06 -5.57
C PHE C 348 33.74 5.35 -5.77
N ALA C 349 34.59 4.39 -5.38
CA ALA C 349 36.01 4.56 -5.63
C ALA C 349 36.29 4.75 -7.12
N SER C 350 35.54 4.07 -8.02
CA SER C 350 35.85 4.17 -9.45
C SER C 350 35.68 5.63 -9.87
N GLN C 351 34.63 6.29 -9.36
CA GLN C 351 34.43 7.67 -9.78
C GLN C 351 35.33 8.64 -9.04
N GLY C 352 35.65 8.39 -7.76
CA GLY C 352 36.62 9.27 -7.12
C GLY C 352 37.94 9.27 -7.90
N LEU C 353 38.43 8.06 -8.22
CA LEU C 353 39.69 7.93 -8.93
C LEU C 353 39.62 8.56 -10.33
N ALA C 354 38.51 8.30 -11.05
CA ALA C 354 38.42 8.84 -12.41
C ALA C 354 38.46 10.36 -12.40
N VAL C 355 37.77 10.98 -11.42
CA VAL C 355 37.76 12.43 -11.32
C VAL C 355 39.17 12.96 -11.02
N LEU C 356 39.85 12.36 -10.03
CA LEU C 356 41.19 12.85 -9.70
C LEU C 356 42.10 12.77 -10.91
N ARG C 357 42.06 11.64 -11.62
CA ARG C 357 42.92 11.46 -12.79
C ARG C 357 42.64 12.52 -13.85
N GLU C 358 41.35 12.81 -14.10
CA GLU C 358 40.99 13.77 -15.12
C GLU C 358 41.50 15.17 -14.76
N LEU C 359 41.56 15.46 -13.44
CA LEU C 359 41.97 16.77 -12.94
C LEU C 359 43.48 16.84 -12.72
N GLY C 360 44.22 15.74 -12.97
CA GLY C 360 45.67 15.76 -12.83
C GLY C 360 46.17 15.62 -11.39
N VAL C 361 45.33 15.06 -10.50
CA VAL C 361 45.69 14.89 -9.09
C VAL C 361 46.00 13.41 -8.86
N ALA C 362 47.06 13.08 -8.11
CA ALA C 362 47.40 11.69 -7.81
C ALA C 362 46.27 10.97 -7.06
N ASP C 363 46.21 9.65 -7.26
CA ASP C 363 45.17 8.81 -6.66
C ASP C 363 45.22 8.86 -5.13
N ASP C 364 46.41 9.13 -4.59
CA ASP C 364 46.66 9.16 -3.15
C ASP C 364 47.22 10.52 -2.72
N ALA C 365 46.93 11.57 -3.51
CA ALA C 365 47.43 12.90 -3.17
C ALA C 365 47.11 13.27 -1.72
N PRO C 366 48.07 13.83 -0.96
CA PRO C 366 47.87 14.04 0.48
C PRO C 366 46.75 15.01 0.83
N GLN C 367 46.47 15.95 -0.08
CA GLN C 367 45.47 16.99 0.21
C GLN C 367 44.05 16.51 -0.08
N VAL C 368 43.91 15.30 -0.64
CA VAL C 368 42.59 14.78 -0.98
C VAL C 368 42.06 13.90 0.16
N ASN C 369 40.85 14.22 0.66
CA ASN C 369 40.14 13.40 1.64
C ASN C 369 41.07 12.94 2.75
N PRO C 370 41.79 13.87 3.45
CA PRO C 370 42.82 13.46 4.41
C PRO C 370 42.28 12.76 5.65
N ASN C 371 40.96 12.93 5.92
CA ASN C 371 40.30 12.29 7.05
C ASN C 371 39.34 11.20 6.56
N GLY C 372 39.55 10.75 5.30
CA GLY C 372 38.70 9.76 4.68
C GLY C 372 37.44 10.40 4.13
N GLY C 373 36.54 9.56 3.64
CA GLY C 373 35.33 10.05 3.00
C GLY C 373 34.20 9.05 3.05
N ALA C 374 33.22 9.23 2.16
CA ALA C 374 31.95 8.51 2.24
C ALA C 374 32.06 6.98 2.22
N ILE C 375 33.11 6.39 1.62
CA ILE C 375 33.15 4.94 1.72
C ILE C 375 33.19 4.51 3.19
N ALA C 376 33.96 5.24 4.00
CA ALA C 376 34.02 4.99 5.44
C ALA C 376 32.84 5.64 6.18
N LEU C 377 32.55 6.89 5.86
CA LEU C 377 31.69 7.70 6.73
C LEU C 377 30.22 7.52 6.39
N GLY C 378 29.89 7.09 5.17
CA GLY C 378 28.51 7.07 4.70
C GLY C 378 28.09 8.38 4.05
N ALA C 379 26.88 8.38 3.48
CA ALA C 379 26.46 9.49 2.63
C ALA C 379 24.95 9.69 2.69
N PRO C 380 24.39 10.34 3.75
CA PRO C 380 22.97 10.73 3.72
C PRO C 380 22.85 11.84 2.67
N LEU C 381 22.14 11.57 1.55
CA LEU C 381 22.31 12.43 0.38
C LEU C 381 22.26 13.92 0.67
N GLY C 382 21.14 14.42 1.24
CA GLY C 382 20.98 15.86 1.42
C GLY C 382 21.99 16.49 2.37
N MET C 383 22.54 15.70 3.31
N MET C 383 22.49 15.69 3.33
CA MET C 383 23.46 16.25 4.30
CA MET C 383 23.48 16.12 4.32
C MET C 383 24.92 16.25 3.81
C MET C 383 24.86 16.31 3.68
N SER C 384 25.20 15.38 2.82
N SER C 384 25.26 15.31 2.89
CA SER C 384 26.58 15.06 2.48
CA SER C 384 26.65 15.08 2.47
C SER C 384 27.36 16.27 1.96
C SER C 384 27.36 16.35 2.01
N GLY C 385 26.72 17.09 1.10
CA GLY C 385 27.36 18.25 0.51
C GLY C 385 27.66 19.34 1.54
N ALA C 386 26.76 19.48 2.55
CA ALA C 386 27.02 20.43 3.62
C ALA C 386 28.19 19.91 4.47
N ARG C 387 28.23 18.58 4.71
CA ARG C 387 29.37 18.02 5.44
C ARG C 387 30.70 18.30 4.71
N LEU C 388 30.71 18.12 3.37
CA LEU C 388 31.99 18.32 2.68
C LEU C 388 32.50 19.76 2.85
N VAL C 389 31.59 20.74 2.80
CA VAL C 389 32.04 22.11 2.97
C VAL C 389 32.55 22.34 4.40
N LEU C 390 31.78 21.88 5.40
CA LEU C 390 32.20 22.17 6.77
C LEU C 390 33.49 21.41 7.13
N THR C 391 33.65 20.19 6.60
CA THR C 391 34.85 19.42 6.92
C THR C 391 36.06 19.96 6.18
N ALA C 392 35.86 20.47 4.95
CA ALA C 392 36.97 21.11 4.25
C ALA C 392 37.49 22.29 5.07
N LEU C 393 36.55 23.09 5.60
CA LEU C 393 36.94 24.25 6.40
C LEU C 393 37.71 23.81 7.65
N HIS C 394 37.15 22.82 8.35
CA HIS C 394 37.78 22.26 9.54
C HIS C 394 39.22 21.82 9.23
N GLN C 395 39.40 21.09 8.11
CA GLN C 395 40.73 20.61 7.72
C GLN C 395 41.67 21.77 7.38
N LEU C 396 41.18 22.83 6.71
CA LEU C 396 42.03 24.00 6.47
C LEU C 396 42.53 24.59 7.80
N GLU C 397 41.65 24.64 8.83
CA GLU C 397 42.06 25.18 10.13
C GLU C 397 43.13 24.28 10.76
N LYS C 398 42.90 22.96 10.71
CA LYS C 398 43.86 22.04 11.31
C LYS C 398 45.24 22.16 10.65
N SER C 399 45.26 22.30 9.31
CA SER C 399 46.51 22.22 8.55
C SER C 399 47.12 23.59 8.28
N GLY C 400 46.38 24.66 8.56
CA GLY C 400 46.86 25.99 8.21
C GLY C 400 46.83 26.28 6.72
N GLY C 401 46.02 25.50 5.97
CA GLY C 401 45.83 25.73 4.55
C GLY C 401 45.03 27.00 4.25
N ARG C 402 45.04 27.44 2.98
CA ARG C 402 44.35 28.64 2.58
C ARG C 402 43.08 28.27 1.81
N LYS C 403 43.23 27.82 0.56
CA LYS C 403 42.04 27.57 -0.26
C LYS C 403 41.61 26.11 -0.16
N GLY C 404 40.30 25.89 -0.13
CA GLY C 404 39.75 24.54 -0.14
C GLY C 404 38.69 24.36 -1.23
N LEU C 405 38.59 23.13 -1.73
CA LEU C 405 37.62 22.77 -2.75
C LEU C 405 36.79 21.60 -2.22
N ALA C 406 35.47 21.70 -2.36
CA ALA C 406 34.57 20.58 -2.11
C ALA C 406 33.79 20.30 -3.39
N THR C 407 33.72 19.02 -3.79
CA THR C 407 33.07 18.72 -5.06
C THR C 407 32.45 17.33 -5.02
N MET C 408 31.34 17.17 -5.74
CA MET C 408 30.66 15.89 -5.70
C MET C 408 29.85 15.61 -6.95
N CYS C 409 29.69 14.31 -7.18
CA CYS C 409 28.90 13.83 -8.31
C CYS C 409 27.43 13.77 -7.92
N VAL C 410 26.56 13.70 -8.94
CA VAL C 410 25.11 13.79 -8.78
C VAL C 410 24.44 12.79 -9.72
N GLY C 411 23.52 12.01 -9.19
CA GLY C 411 22.73 11.10 -10.02
C GLY C 411 22.07 11.82 -11.20
N VAL C 412 21.89 11.07 -12.29
CA VAL C 412 21.34 11.60 -13.54
C VAL C 412 22.30 12.60 -14.20
N GLY C 413 23.59 12.58 -13.78
CA GLY C 413 24.66 13.19 -14.58
C GLY C 413 24.95 14.66 -14.27
N GLN C 414 25.35 14.96 -13.01
CA GLN C 414 25.83 16.32 -12.74
C GLN C 414 27.02 16.28 -11.79
N GLY C 415 27.64 17.46 -11.65
CA GLY C 415 28.62 17.69 -10.61
C GLY C 415 28.40 19.08 -10.03
N LEU C 416 28.88 19.24 -8.81
CA LEU C 416 28.84 20.55 -8.16
C LEU C 416 30.18 20.77 -7.48
N ALA C 417 30.68 22.02 -7.49
CA ALA C 417 31.96 22.35 -6.87
C ALA C 417 31.81 23.69 -6.14
N LEU C 418 32.45 23.79 -4.96
CA LEU C 418 32.40 25.01 -4.19
C LEU C 418 33.76 25.25 -3.56
N ALA C 419 34.25 26.49 -3.68
CA ALA C 419 35.58 26.88 -3.21
C ALA C 419 35.45 27.88 -2.07
N ILE C 420 36.32 27.71 -1.06
CA ILE C 420 36.39 28.59 0.11
C ILE C 420 37.85 28.97 0.38
N GLU C 421 38.05 30.02 1.19
CA GLU C 421 39.37 30.43 1.62
C GLU C 421 39.36 30.73 3.11
N ARG C 422 40.22 30.04 3.86
CA ARG C 422 40.29 30.30 5.30
C ARG C 422 40.67 31.76 5.57
N VAL C 423 40.04 32.37 6.59
CA VAL C 423 40.42 33.71 7.03
C VAL C 423 40.82 33.68 8.50
N GLY D 22 -31.31 -44.47 12.12
CA GLY D 22 -29.92 -44.81 11.60
C GLY D 22 -29.74 -44.57 10.10
N SER D 23 -30.86 -44.48 9.37
CA SER D 23 -30.78 -44.28 7.93
C SER D 23 -30.47 -42.82 7.61
N MET D 24 -29.85 -42.61 6.44
CA MET D 24 -29.66 -41.27 5.89
C MET D 24 -31.03 -40.69 5.50
N HIS D 25 -31.07 -39.37 5.32
CA HIS D 25 -32.29 -38.66 4.97
C HIS D 25 -32.20 -38.15 3.54
N ASP D 26 -33.31 -38.24 2.79
CA ASP D 26 -33.41 -37.57 1.50
C ASP D 26 -33.26 -36.05 1.66
N VAL D 27 -32.65 -35.40 0.67
CA VAL D 27 -32.40 -33.97 0.68
C VAL D 27 -32.96 -33.36 -0.60
N PHE D 28 -33.78 -32.32 -0.47
CA PHE D 28 -34.41 -31.71 -1.64
C PHE D 28 -33.91 -30.28 -1.83
N ILE D 29 -33.56 -29.95 -3.07
CA ILE D 29 -33.40 -28.55 -3.47
C ILE D 29 -34.79 -28.01 -3.76
N CYS D 30 -35.06 -26.83 -3.17
CA CYS D 30 -36.34 -26.13 -3.31
C CYS D 30 -36.07 -24.88 -4.14
N ASP D 31 -36.44 -23.70 -3.68
CA ASP D 31 -36.29 -22.50 -4.49
C ASP D 31 -34.81 -22.16 -4.68
N ALA D 32 -34.51 -21.51 -5.82
CA ALA D 32 -33.16 -21.08 -6.14
C ALA D 32 -33.24 -19.80 -6.98
N ILE D 33 -32.27 -18.88 -6.76
CA ILE D 33 -32.30 -17.60 -7.44
C ILE D 33 -30.86 -17.08 -7.55
N ARG D 34 -30.62 -16.17 -8.51
CA ARG D 34 -29.30 -15.58 -8.67
C ARG D 34 -29.42 -14.12 -9.12
N THR D 35 -28.35 -13.35 -8.90
CA THR D 35 -28.22 -12.06 -9.55
C THR D 35 -27.87 -12.28 -11.03
N PRO D 36 -28.00 -11.24 -11.87
CA PRO D 36 -27.31 -11.27 -13.17
C PRO D 36 -25.81 -11.37 -12.90
N ILE D 37 -25.04 -11.77 -13.93
CA ILE D 37 -23.58 -11.76 -13.86
C ILE D 37 -23.09 -10.50 -14.57
N GLY D 38 -22.33 -9.67 -13.85
CA GLY D 38 -21.75 -8.45 -14.43
C GLY D 38 -20.32 -8.64 -14.94
N ARG D 39 -19.95 -7.77 -15.88
CA ARG D 39 -18.58 -7.72 -16.38
C ARG D 39 -17.67 -7.07 -15.34
N PHE D 40 -16.38 -7.40 -15.37
CA PHE D 40 -15.40 -6.67 -14.56
C PHE D 40 -15.52 -5.15 -14.79
N GLY D 41 -15.67 -4.37 -13.71
CA GLY D 41 -15.76 -2.93 -13.83
C GLY D 41 -17.12 -2.45 -14.36
N GLY D 42 -18.05 -3.40 -14.53
CA GLY D 42 -19.30 -3.17 -15.24
C GLY D 42 -20.49 -2.98 -14.30
N ALA D 43 -21.62 -3.63 -14.63
CA ALA D 43 -22.93 -3.27 -14.11
C ALA D 43 -23.05 -3.45 -12.59
N LEU D 44 -22.29 -4.39 -12.03
CA LEU D 44 -22.38 -4.65 -10.59
C LEU D 44 -21.12 -4.24 -9.85
N ALA D 45 -20.21 -3.48 -10.50
CA ALA D 45 -18.91 -3.22 -9.89
C ALA D 45 -19.03 -2.34 -8.65
N SER D 46 -20.11 -1.55 -8.54
CA SER D 46 -20.31 -0.68 -7.38
C SER D 46 -20.82 -1.42 -6.14
N VAL D 47 -21.19 -2.72 -6.26
CA VAL D 47 -21.93 -3.40 -5.20
C VAL D 47 -20.93 -4.20 -4.35
N ARG D 48 -20.82 -3.86 -3.05
CA ARG D 48 -19.92 -4.60 -2.16
C ARG D 48 -20.25 -6.10 -2.24
N ALA D 49 -19.22 -6.96 -2.09
CA ALA D 49 -19.41 -8.41 -2.17
C ALA D 49 -20.40 -8.92 -1.12
N ASP D 50 -20.37 -8.35 0.12
CA ASP D 50 -21.25 -8.81 1.18
C ASP D 50 -22.69 -8.41 0.85
N ASP D 51 -22.88 -7.16 0.37
CA ASP D 51 -24.21 -6.73 -0.05
C ASP D 51 -24.73 -7.55 -1.24
N LEU D 52 -23.82 -7.89 -2.18
CA LEU D 52 -24.22 -8.65 -3.35
C LEU D 52 -24.68 -10.05 -2.93
N ALA D 53 -23.94 -10.67 -1.98
CA ALA D 53 -24.32 -11.99 -1.46
C ALA D 53 -25.71 -11.95 -0.82
N ALA D 54 -26.02 -10.81 -0.17
CA ALA D 54 -27.30 -10.65 0.50
C ALA D 54 -28.47 -10.56 -0.49
N VAL D 55 -28.25 -10.14 -1.74
CA VAL D 55 -29.34 -9.92 -2.67
C VAL D 55 -30.16 -11.20 -2.88
N PRO D 56 -29.55 -12.36 -3.24
CA PRO D 56 -30.35 -13.58 -3.39
C PRO D 56 -30.96 -14.07 -2.09
N LEU D 57 -30.29 -13.80 -0.95
CA LEU D 57 -30.89 -14.18 0.33
C LEU D 57 -32.19 -13.41 0.59
N LYS D 58 -32.17 -12.09 0.33
CA LYS D 58 -33.37 -11.29 0.49
C LYS D 58 -34.49 -11.79 -0.43
N ALA D 59 -34.14 -12.20 -1.65
CA ALA D 59 -35.12 -12.69 -2.60
C ALA D 59 -35.72 -14.03 -2.11
N LEU D 60 -34.87 -14.93 -1.57
CA LEU D 60 -35.41 -16.18 -1.04
C LEU D 60 -36.45 -15.91 0.05
N ILE D 61 -36.16 -14.92 0.93
CA ILE D 61 -37.11 -14.59 1.99
C ILE D 61 -38.45 -14.15 1.40
N GLU D 62 -38.41 -13.27 0.40
CA GLU D 62 -39.65 -12.73 -0.19
C GLU D 62 -40.42 -13.85 -0.89
N ARG D 63 -39.68 -14.77 -1.56
CA ARG D 63 -40.28 -15.77 -2.43
C ARG D 63 -40.82 -16.98 -1.67
N ASN D 64 -40.46 -17.16 -0.37
CA ASN D 64 -40.80 -18.37 0.35
C ASN D 64 -41.43 -17.98 1.70
N PRO D 65 -42.65 -17.41 1.68
CA PRO D 65 -43.24 -16.80 2.90
C PRO D 65 -43.80 -17.79 3.92
N GLY D 66 -43.79 -19.09 3.61
CA GLY D 66 -44.21 -20.11 4.58
C GLY D 66 -43.09 -20.53 5.54
N VAL D 67 -41.85 -20.13 5.24
CA VAL D 67 -40.72 -20.56 6.04
C VAL D 67 -40.72 -19.81 7.39
N GLN D 68 -40.46 -20.57 8.46
CA GLN D 68 -40.17 -19.98 9.76
C GLN D 68 -38.66 -19.74 9.80
N TRP D 69 -38.25 -18.49 9.52
CA TRP D 69 -36.87 -18.19 9.22
C TRP D 69 -35.93 -18.47 10.38
N ASP D 70 -36.44 -18.42 11.61
CA ASP D 70 -35.58 -18.73 12.75
C ASP D 70 -35.25 -20.22 12.87
N GLN D 71 -35.77 -21.04 11.94
N GLN D 71 -35.75 -21.04 11.93
CA GLN D 71 -35.48 -22.46 11.90
CA GLN D 71 -35.43 -22.46 11.90
C GLN D 71 -34.33 -22.80 10.93
C GLN D 71 -34.51 -22.83 10.73
N VAL D 72 -33.85 -21.84 10.14
CA VAL D 72 -32.76 -22.13 9.20
C VAL D 72 -31.55 -22.57 10.03
N ASP D 73 -31.02 -23.76 9.75
CA ASP D 73 -29.94 -24.35 10.53
C ASP D 73 -28.59 -23.75 10.20
N GLU D 74 -28.38 -23.32 8.93
CA GLU D 74 -27.07 -22.85 8.52
C GLU D 74 -27.20 -22.20 7.13
N VAL D 75 -26.37 -21.18 6.90
CA VAL D 75 -26.13 -20.66 5.56
C VAL D 75 -24.69 -21.02 5.18
N PHE D 76 -24.56 -21.80 4.10
CA PHE D 76 -23.25 -22.21 3.56
C PHE D 76 -23.01 -21.39 2.28
N PHE D 77 -21.91 -20.61 2.23
CA PHE D 77 -21.65 -19.84 1.01
C PHE D 77 -20.23 -20.11 0.52
N GLY D 78 -20.12 -20.23 -0.81
CA GLY D 78 -18.80 -20.33 -1.46
C GLY D 78 -18.23 -18.95 -1.79
N CYS D 79 -16.91 -18.78 -1.61
CA CYS D 79 -16.25 -17.53 -1.95
C CYS D 79 -14.75 -17.84 -2.10
N ALA D 80 -14.17 -17.49 -3.27
CA ALA D 80 -12.77 -17.87 -3.50
C ALA D 80 -11.76 -16.87 -2.94
N ASN D 81 -12.17 -15.61 -2.73
CA ASN D 81 -11.22 -14.57 -2.39
C ASN D 81 -11.10 -14.39 -0.87
N GLN D 82 -12.11 -13.71 -0.28
CA GLN D 82 -12.27 -13.50 1.18
C GLN D 82 -11.25 -12.51 1.73
N ALA D 83 -10.59 -11.71 0.87
CA ALA D 83 -9.68 -10.67 1.33
C ALA D 83 -10.32 -9.27 1.36
N GLY D 84 -11.43 -9.10 0.62
CA GLY D 84 -12.07 -7.79 0.44
C GLY D 84 -13.29 -7.63 1.33
N GLU D 85 -14.37 -7.09 0.76
CA GLU D 85 -15.59 -6.86 1.54
C GLU D 85 -16.27 -8.19 1.84
N ASP D 86 -15.72 -9.28 1.26
CA ASP D 86 -16.11 -10.66 1.53
C ASP D 86 -15.28 -11.28 2.66
N ASN D 87 -14.52 -10.47 3.42
CA ASN D 87 -13.68 -11.02 4.48
C ASN D 87 -14.49 -11.46 5.70
N ARG D 88 -13.87 -12.35 6.48
CA ARG D 88 -14.33 -12.70 7.83
C ARG D 88 -15.68 -13.39 7.80
N ASN D 89 -15.82 -14.36 6.89
CA ASN D 89 -16.96 -15.27 6.84
C ASN D 89 -18.16 -14.58 6.22
N VAL D 90 -18.10 -14.41 4.90
CA VAL D 90 -19.11 -13.66 4.16
C VAL D 90 -20.48 -14.31 4.31
N ALA D 91 -20.57 -15.64 4.48
CA ALA D 91 -21.87 -16.28 4.71
C ALA D 91 -22.64 -15.61 5.85
N ARG D 92 -21.94 -15.43 6.99
CA ARG D 92 -22.58 -14.81 8.16
C ARG D 92 -22.82 -13.31 7.93
N MET D 93 -21.86 -12.61 7.34
CA MET D 93 -22.09 -11.20 7.02
C MET D 93 -23.36 -11.02 6.18
N ALA D 94 -23.49 -11.84 5.12
CA ALA D 94 -24.58 -11.73 4.16
C ALA D 94 -25.92 -12.09 4.81
N LEU D 95 -25.96 -13.10 5.66
CA LEU D 95 -27.27 -13.45 6.21
C LEU D 95 -27.76 -12.33 7.15
N LEU D 96 -26.83 -11.68 7.87
CA LEU D 96 -27.24 -10.55 8.74
C LEU D 96 -27.70 -9.37 7.88
N LEU D 97 -26.97 -9.03 6.82
CA LEU D 97 -27.34 -7.95 5.93
C LEU D 97 -28.69 -8.22 5.25
N ALA D 98 -28.98 -9.50 4.98
CA ALA D 98 -30.23 -9.89 4.32
C ALA D 98 -31.45 -9.80 5.24
N GLY D 99 -31.24 -9.60 6.55
CA GLY D 99 -32.36 -9.47 7.46
C GLY D 99 -32.78 -10.80 8.10
N LEU D 100 -31.94 -11.85 7.91
CA LEU D 100 -32.22 -13.10 8.60
C LEU D 100 -31.90 -12.94 10.10
N PRO D 101 -32.61 -13.68 10.99
CA PRO D 101 -32.36 -13.60 12.44
C PRO D 101 -30.90 -13.84 12.84
N GLU D 102 -30.44 -13.13 13.88
CA GLU D 102 -29.06 -13.26 14.34
C GLU D 102 -28.78 -14.66 14.92
N SER D 103 -29.84 -15.44 15.20
CA SER D 103 -29.69 -16.81 15.64
C SER D 103 -29.22 -17.78 14.54
N ILE D 104 -29.20 -17.36 13.27
N ILE D 104 -29.24 -17.39 13.25
CA ILE D 104 -28.86 -18.25 12.16
CA ILE D 104 -28.89 -18.35 12.21
C ILE D 104 -27.34 -18.29 11.97
C ILE D 104 -27.38 -18.32 11.94
N PRO D 105 -26.69 -19.48 12.06
CA PRO D 105 -25.25 -19.56 11.78
C PRO D 105 -24.88 -19.53 10.29
N GLY D 106 -23.62 -19.14 10.00
CA GLY D 106 -23.13 -19.19 8.62
C GLY D 106 -21.67 -19.63 8.57
N VAL D 107 -21.31 -20.23 7.43
CA VAL D 107 -19.94 -20.70 7.20
C VAL D 107 -19.59 -20.55 5.70
N THR D 108 -18.32 -20.18 5.45
CA THR D 108 -17.85 -19.91 4.09
C THR D 108 -16.85 -20.98 3.63
N LEU D 109 -17.03 -21.46 2.37
CA LEU D 109 -16.22 -22.54 1.79
C LEU D 109 -15.38 -21.97 0.65
N ASN D 110 -14.15 -22.51 0.54
CA ASN D 110 -13.25 -22.10 -0.51
C ASN D 110 -12.64 -23.32 -1.21
N ARG D 111 -13.17 -23.61 -2.41
CA ARG D 111 -12.51 -24.51 -3.36
C ARG D 111 -12.42 -23.77 -4.69
N LEU D 112 -11.94 -22.53 -4.63
CA LEU D 112 -11.77 -21.68 -5.81
C LEU D 112 -13.05 -21.67 -6.64
N SER D 113 -12.95 -21.97 -7.94
N SER D 113 -12.94 -22.00 -7.93
CA SER D 113 -14.12 -21.88 -8.81
CA SER D 113 -14.08 -21.95 -8.85
C SER D 113 -15.24 -22.84 -8.38
C SER D 113 -15.23 -22.85 -8.40
N ALA D 114 -14.94 -23.89 -7.60
CA ALA D 114 -15.96 -24.87 -7.25
C ALA D 114 -16.64 -24.55 -5.91
N SER D 115 -16.28 -23.41 -5.29
CA SER D 115 -16.76 -23.08 -3.94
C SER D 115 -18.28 -23.16 -3.77
N GLY D 116 -19.02 -22.58 -4.72
CA GLY D 116 -20.47 -22.54 -4.64
C GLY D 116 -21.10 -23.94 -4.77
N MET D 117 -20.46 -24.80 -5.59
CA MET D 117 -20.95 -26.17 -5.67
C MET D 117 -20.65 -26.92 -4.37
N ASP D 118 -19.48 -26.65 -3.79
N ASP D 118 -19.46 -26.71 -3.79
CA ASP D 118 -19.09 -27.27 -2.54
CA ASP D 118 -19.12 -27.29 -2.51
C ASP D 118 -20.05 -26.84 -1.41
C ASP D 118 -20.18 -26.89 -1.48
N ALA D 119 -20.57 -25.60 -1.48
CA ALA D 119 -21.58 -25.15 -0.51
C ALA D 119 -22.83 -26.02 -0.60
N VAL D 120 -23.33 -26.29 -1.83
CA VAL D 120 -24.50 -27.14 -2.03
C VAL D 120 -24.25 -28.56 -1.51
N GLY D 121 -23.09 -29.14 -1.86
CA GLY D 121 -22.85 -30.51 -1.48
C GLY D 121 -22.64 -30.68 0.04
N THR D 122 -22.02 -29.66 0.64
CA THR D 122 -21.79 -29.63 2.08
C THR D 122 -23.12 -29.49 2.84
N ALA D 123 -24.01 -28.61 2.35
CA ALA D 123 -25.36 -28.51 2.89
C ALA D 123 -26.08 -29.86 2.77
N PHE D 124 -25.96 -30.51 1.60
CA PHE D 124 -26.56 -31.81 1.38
C PHE D 124 -26.09 -32.83 2.42
N ARG D 125 -24.76 -32.92 2.65
CA ARG D 125 -24.23 -33.88 3.60
C ARG D 125 -24.71 -33.62 5.03
N ALA D 126 -24.85 -32.34 5.41
CA ALA D 126 -25.33 -31.98 6.73
C ALA D 126 -26.77 -32.48 6.95
N ILE D 127 -27.65 -32.36 5.93
CA ILE D 127 -29.03 -32.83 6.06
C ILE D 127 -29.08 -34.37 5.94
N ALA D 128 -28.32 -34.95 4.99
CA ALA D 128 -28.34 -36.40 4.78
C ALA D 128 -27.91 -37.14 6.05
N SER D 129 -26.98 -36.55 6.81
CA SER D 129 -26.45 -37.15 8.03
C SER D 129 -27.33 -36.86 9.26
N GLY D 130 -28.47 -36.14 9.07
CA GLY D 130 -29.42 -35.95 10.14
C GLY D 130 -29.06 -34.79 11.07
N GLU D 131 -28.03 -34.01 10.73
CA GLU D 131 -27.53 -32.98 11.65
C GLU D 131 -28.28 -31.66 11.47
N MET D 132 -28.97 -31.50 10.33
CA MET D 132 -29.73 -30.31 10.00
C MET D 132 -30.97 -30.70 9.19
N GLU D 133 -31.93 -29.76 9.07
CA GLU D 133 -33.20 -29.99 8.39
C GLU D 133 -33.46 -28.95 7.29
N LEU D 134 -33.02 -27.71 7.49
CA LEU D 134 -33.35 -26.60 6.58
C LEU D 134 -32.12 -25.70 6.46
N VAL D 135 -31.62 -25.53 5.23
CA VAL D 135 -30.38 -24.79 5.03
C VAL D 135 -30.47 -23.94 3.78
N ILE D 136 -29.56 -22.95 3.71
CA ILE D 136 -29.37 -22.21 2.46
C ILE D 136 -27.93 -22.47 2.01
N ALA D 137 -27.77 -22.70 0.68
CA ALA D 137 -26.44 -22.84 0.07
C ALA D 137 -26.32 -21.86 -1.09
N GLY D 138 -25.15 -21.25 -1.22
CA GLY D 138 -24.96 -20.39 -2.37
C GLY D 138 -23.50 -19.98 -2.53
N GLY D 139 -23.29 -18.88 -3.26
CA GLY D 139 -21.94 -18.41 -3.45
C GLY D 139 -21.91 -16.99 -4.00
N VAL D 140 -20.75 -16.35 -3.86
CA VAL D 140 -20.60 -14.97 -4.31
C VAL D 140 -19.16 -14.76 -4.79
N GLU D 141 -19.00 -13.87 -5.78
CA GLU D 141 -17.70 -13.28 -6.01
C GLU D 141 -17.88 -11.89 -6.58
N SER D 142 -17.11 -10.91 -6.06
CA SER D 142 -17.01 -9.62 -6.72
C SER D 142 -15.56 -9.47 -7.18
N MET D 143 -15.30 -9.93 -8.41
CA MET D 143 -13.94 -9.86 -8.92
C MET D 143 -13.54 -8.40 -9.24
N SER D 144 -14.53 -7.56 -9.61
CA SER D 144 -14.26 -6.14 -9.79
C SER D 144 -13.60 -5.55 -8.54
N ARG D 145 -14.14 -5.92 -7.37
CA ARG D 145 -13.76 -5.26 -6.12
C ARG D 145 -12.68 -6.02 -5.35
N ALA D 146 -12.13 -7.11 -5.92
CA ALA D 146 -11.05 -7.83 -5.26
C ALA D 146 -9.94 -6.85 -4.90
N PRO D 147 -9.44 -6.86 -3.65
CA PRO D 147 -8.44 -5.86 -3.24
C PRO D 147 -7.02 -6.22 -3.64
N PHE D 148 -6.10 -5.30 -3.35
CA PHE D 148 -4.67 -5.58 -3.35
C PHE D 148 -4.26 -6.05 -1.96
N VAL D 149 -3.21 -6.87 -1.89
CA VAL D 149 -2.69 -7.35 -0.61
C VAL D 149 -1.20 -7.04 -0.52
N MET D 150 -0.72 -6.78 0.70
CA MET D 150 0.67 -6.44 0.94
C MET D 150 1.15 -7.21 2.17
N GLY D 151 2.17 -8.07 1.99
CA GLY D 151 2.70 -8.78 3.13
C GLY D 151 3.27 -7.82 4.19
N LYS D 152 3.32 -8.27 5.45
CA LYS D 152 4.01 -7.51 6.48
C LYS D 152 5.52 -7.43 6.21
N ALA D 153 6.16 -6.39 6.74
CA ALA D 153 7.62 -6.30 6.77
C ALA D 153 8.17 -7.44 7.64
N GLU D 154 9.26 -8.07 7.17
N GLU D 154 9.24 -8.10 7.20
CA GLU D 154 9.89 -9.19 7.85
CA GLU D 154 9.78 -9.16 8.04
C GLU D 154 11.11 -8.71 8.63
C GLU D 154 10.94 -8.64 8.89
N SER D 155 11.33 -7.40 8.64
CA SER D 155 12.42 -6.75 9.37
C SER D 155 12.11 -5.27 9.52
N ALA D 156 12.69 -4.64 10.55
CA ALA D 156 12.56 -3.19 10.69
C ALA D 156 13.18 -2.49 9.49
N TYR D 157 12.47 -1.46 8.98
CA TYR D 157 12.95 -0.66 7.84
C TYR D 157 13.13 -1.51 6.58
N SER D 158 12.30 -2.56 6.41
CA SER D 158 12.41 -3.38 5.22
C SER D 158 12.18 -2.56 3.96
N ARG D 159 13.04 -2.80 2.94
CA ARG D 159 12.91 -2.17 1.63
C ARG D 159 12.07 -3.01 0.68
N ASN D 160 11.56 -4.14 1.17
CA ASN D 160 10.93 -5.16 0.32
C ASN D 160 9.44 -5.24 0.62
N MET D 161 8.71 -4.16 0.34
CA MET D 161 7.26 -4.15 0.47
C MET D 161 6.65 -4.13 -0.94
N LYS D 162 5.58 -4.91 -1.13
CA LYS D 162 5.02 -5.10 -2.47
C LYS D 162 3.50 -5.27 -2.40
N LEU D 163 2.77 -4.69 -3.37
CA LEU D 163 1.33 -4.94 -3.52
C LEU D 163 1.07 -6.02 -4.56
N GLU D 164 0.01 -6.82 -4.35
N GLU D 164 0.10 -6.91 -4.30
CA GLU D 164 -0.34 -7.90 -5.27
CA GLU D 164 -0.32 -7.84 -5.35
C GLU D 164 -1.85 -7.93 -5.49
C GLU D 164 -1.83 -7.71 -5.54
N ASP D 165 -2.26 -7.99 -6.77
CA ASP D 165 -3.66 -7.99 -7.16
C ASP D 165 -4.29 -9.34 -6.80
N THR D 166 -5.48 -9.34 -6.17
CA THR D 166 -6.18 -10.58 -5.85
C THR D 166 -7.35 -10.86 -6.79
N THR D 167 -7.49 -10.10 -7.88
CA THR D 167 -8.62 -10.29 -8.80
C THR D 167 -8.74 -11.76 -9.24
N ILE D 168 -7.61 -12.34 -9.71
CA ILE D 168 -7.57 -13.74 -10.08
C ILE D 168 -6.12 -14.21 -10.09
N GLY D 169 -5.93 -15.47 -9.72
CA GLY D 169 -4.65 -16.11 -9.97
C GLY D 169 -3.61 -15.92 -8.88
N TRP D 170 -2.35 -16.29 -9.17
CA TRP D 170 -1.36 -16.46 -8.12
C TRP D 170 -0.99 -15.15 -7.42
N ARG D 171 -0.84 -15.24 -6.10
CA ARG D 171 -0.17 -14.19 -5.32
C ARG D 171 0.52 -14.87 -4.12
N PHE D 172 1.52 -14.19 -3.54
CA PHE D 172 2.32 -14.82 -2.48
C PHE D 172 2.80 -16.21 -2.91
N ILE D 173 3.50 -16.27 -4.06
CA ILE D 173 3.95 -17.53 -4.62
C ILE D 173 4.98 -18.20 -3.70
N ASN D 174 4.71 -19.46 -3.36
CA ASN D 174 5.66 -20.28 -2.60
C ASN D 174 6.69 -20.83 -3.58
N PRO D 175 8.00 -20.58 -3.39
CA PRO D 175 9.00 -21.13 -4.30
C PRO D 175 8.96 -22.65 -4.37
N LEU D 176 8.53 -23.34 -3.30
CA LEU D 176 8.44 -24.80 -3.32
C LEU D 176 7.29 -25.28 -4.20
N MET D 177 6.20 -24.52 -4.25
CA MET D 177 5.10 -24.82 -5.17
C MET D 177 5.57 -24.65 -6.61
N LYS D 178 6.24 -23.53 -6.91
CA LYS D 178 6.73 -23.25 -8.26
C LYS D 178 7.68 -24.36 -8.72
N SER D 179 8.61 -24.77 -7.84
CA SER D 179 9.62 -25.73 -8.24
C SER D 179 9.03 -27.12 -8.52
N GLN D 180 8.03 -27.53 -7.74
CA GLN D 180 7.50 -28.88 -7.83
C GLN D 180 6.36 -29.00 -8.83
N TYR D 181 5.43 -28.03 -8.83
CA TYR D 181 4.18 -28.14 -9.57
C TYR D 181 4.01 -27.02 -10.60
N GLY D 182 4.90 -26.02 -10.53
CA GLY D 182 4.77 -24.80 -11.33
C GLY D 182 3.68 -23.88 -10.79
N VAL D 183 3.66 -22.64 -11.33
CA VAL D 183 2.62 -21.67 -10.99
C VAL D 183 2.05 -21.12 -12.29
N ASP D 184 1.69 -22.04 -13.20
CA ASP D 184 1.03 -21.66 -14.45
C ASP D 184 -0.21 -20.81 -14.18
N SER D 185 -0.42 -19.77 -14.99
CA SER D 185 -1.67 -19.03 -14.94
C SER D 185 -2.79 -19.96 -15.43
N MET D 186 -4.04 -19.58 -15.15
CA MET D 186 -5.12 -20.45 -15.58
C MET D 186 -5.12 -20.56 -17.11
N PRO D 187 -4.99 -19.45 -17.90
CA PRO D 187 -4.90 -19.64 -19.36
C PRO D 187 -3.71 -20.50 -19.81
N GLU D 188 -2.57 -20.43 -19.10
CA GLU D 188 -1.45 -21.30 -19.44
C GLU D 188 -1.85 -22.78 -19.23
N THR D 189 -2.54 -23.07 -18.11
CA THR D 189 -3.00 -24.45 -17.92
C THR D 189 -3.94 -24.89 -19.04
N ALA D 190 -4.72 -23.96 -19.58
CA ALA D 190 -5.67 -24.32 -20.64
C ALA D 190 -4.93 -24.58 -21.95
N ASP D 191 -3.83 -23.86 -22.19
CA ASP D 191 -2.96 -24.16 -23.32
C ASP D 191 -2.30 -25.52 -23.13
N ASN D 192 -1.90 -25.85 -21.90
CA ASN D 192 -1.32 -27.16 -21.60
C ASN D 192 -2.31 -28.28 -21.91
N VAL D 193 -3.58 -28.10 -21.52
CA VAL D 193 -4.62 -29.06 -21.84
C VAL D 193 -4.82 -29.18 -23.35
N ALA D 194 -4.85 -28.04 -24.06
CA ALA D 194 -4.99 -28.10 -25.53
C ALA D 194 -3.87 -28.92 -26.16
N ASP D 195 -2.64 -28.76 -25.65
CA ASP D 195 -1.48 -29.44 -26.21
C ASP D 195 -1.52 -30.93 -25.87
N ASP D 196 -1.76 -31.26 -24.59
CA ASP D 196 -1.63 -32.63 -24.11
C ASP D 196 -2.79 -33.52 -24.56
N TYR D 197 -3.98 -32.92 -24.70
CA TYR D 197 -5.19 -33.64 -25.09
C TYR D 197 -5.55 -33.37 -26.55
N GLN D 198 -4.68 -32.64 -27.29
CA GLN D 198 -4.85 -32.39 -28.72
C GLN D 198 -6.21 -31.76 -29.03
N VAL D 199 -6.48 -30.58 -28.45
CA VAL D 199 -7.70 -29.87 -28.75
C VAL D 199 -7.37 -28.66 -29.63
N SER D 200 -7.84 -28.65 -30.88
CA SER D 200 -7.42 -27.61 -31.82
C SER D 200 -8.05 -26.25 -31.54
N ARG D 201 -7.38 -25.19 -31.99
CA ARG D 201 -7.91 -23.84 -31.96
C ARG D 201 -9.29 -23.81 -32.63
N ALA D 202 -9.40 -24.44 -33.80
CA ALA D 202 -10.66 -24.41 -34.55
C ALA D 202 -11.79 -25.03 -33.72
N ASP D 203 -11.51 -26.15 -33.04
CA ASP D 203 -12.56 -26.79 -32.23
C ASP D 203 -12.93 -25.94 -31.01
N GLN D 204 -11.92 -25.30 -30.41
CA GLN D 204 -12.16 -24.41 -29.26
C GLN D 204 -13.05 -23.25 -29.69
N ASP D 205 -12.79 -22.66 -30.86
CA ASP D 205 -13.57 -21.50 -31.31
C ASP D 205 -14.99 -21.93 -31.69
N ALA D 206 -15.15 -23.10 -32.33
CA ALA D 206 -16.48 -23.63 -32.62
C ALA D 206 -17.31 -23.81 -31.33
N PHE D 207 -16.69 -24.38 -30.29
CA PHE D 207 -17.35 -24.54 -28.99
C PHE D 207 -17.76 -23.19 -28.41
N ALA D 208 -16.85 -22.22 -28.44
CA ALA D 208 -17.15 -20.88 -27.95
C ALA D 208 -18.33 -20.27 -28.70
N LEU D 209 -18.38 -20.45 -30.03
CA LEU D 209 -19.46 -19.89 -30.81
C LEU D 209 -20.79 -20.53 -30.42
N ARG D 210 -20.83 -21.85 -30.21
CA ARG D 210 -22.06 -22.49 -29.77
C ARG D 210 -22.48 -21.97 -28.39
N SER D 211 -21.53 -21.74 -27.49
CA SER D 211 -21.88 -21.16 -26.18
C SER D 211 -22.59 -19.82 -26.33
N GLN D 212 -22.04 -18.95 -27.20
CA GLN D 212 -22.61 -17.62 -27.41
C GLN D 212 -24.00 -17.75 -28.05
N GLN D 213 -24.14 -18.62 -29.05
CA GLN D 213 -25.40 -18.76 -29.75
C GLN D 213 -26.47 -19.32 -28.80
N LYS D 214 -26.13 -20.37 -28.05
CA LYS D 214 -27.11 -20.95 -27.13
C LYS D 214 -27.50 -20.00 -26.00
N ALA D 215 -26.55 -19.22 -25.48
CA ALA D 215 -26.86 -18.26 -24.42
C ALA D 215 -27.74 -17.14 -24.98
N ALA D 216 -27.45 -16.68 -26.20
CA ALA D 216 -28.28 -15.62 -26.79
C ALA D 216 -29.72 -16.10 -26.99
N ALA D 217 -29.89 -17.37 -27.37
CA ALA D 217 -31.21 -17.96 -27.55
C ALA D 217 -31.95 -18.09 -26.22
N ALA D 218 -31.24 -18.57 -25.19
CA ALA D 218 -31.82 -18.72 -23.86
C ALA D 218 -32.22 -17.35 -23.30
N GLN D 219 -31.38 -16.33 -23.50
CA GLN D 219 -31.71 -14.98 -23.06
C GLN D 219 -32.99 -14.50 -23.74
N ALA D 220 -33.09 -14.71 -25.05
CA ALA D 220 -34.24 -14.24 -25.81
C ALA D 220 -35.53 -14.97 -25.40
N ALA D 221 -35.39 -16.25 -25.01
CA ALA D 221 -36.49 -17.07 -24.56
C ALA D 221 -36.99 -16.69 -23.16
N GLY D 222 -36.23 -15.87 -22.40
CA GLY D 222 -36.59 -15.51 -21.04
C GLY D 222 -36.14 -16.57 -20.03
N PHE D 223 -35.26 -17.48 -20.45
CA PHE D 223 -34.79 -18.55 -19.58
C PHE D 223 -33.99 -17.99 -18.40
N PHE D 224 -33.00 -17.12 -18.70
CA PHE D 224 -32.21 -16.53 -17.62
C PHE D 224 -33.10 -15.67 -16.71
N ALA D 225 -34.09 -14.97 -17.30
CA ALA D 225 -34.97 -14.09 -16.52
C ALA D 225 -35.67 -14.87 -15.41
N GLU D 226 -35.98 -16.16 -15.66
CA GLU D 226 -36.65 -17.00 -14.68
C GLU D 226 -35.74 -17.29 -13.48
N GLU D 227 -34.43 -17.17 -13.66
CA GLU D 227 -33.46 -17.44 -12.61
C GLU D 227 -33.05 -16.20 -11.82
N ILE D 228 -33.33 -15.00 -12.35
CA ILE D 228 -32.69 -13.78 -11.90
C ILE D 228 -33.57 -12.94 -10.99
N VAL D 229 -32.94 -12.40 -9.93
CA VAL D 229 -33.49 -11.30 -9.14
C VAL D 229 -32.69 -10.05 -9.51
N PRO D 230 -33.37 -8.91 -9.78
CA PRO D 230 -32.65 -7.69 -10.17
C PRO D 230 -31.85 -7.08 -9.02
N VAL D 231 -30.84 -6.29 -9.41
CA VAL D 231 -30.05 -5.51 -8.47
C VAL D 231 -30.29 -4.03 -8.78
N ARG D 232 -30.71 -3.25 -7.77
CA ARG D 232 -30.95 -1.83 -7.94
C ARG D 232 -29.66 -1.05 -7.70
N ILE D 233 -29.38 -0.07 -8.59
CA ILE D 233 -28.17 0.76 -8.54
C ILE D 233 -28.59 2.23 -8.56
N ALA D 234 -27.94 3.05 -7.72
CA ALA D 234 -28.22 4.49 -7.71
C ALA D 234 -27.34 5.21 -8.74
N HIS D 235 -27.98 6.00 -9.61
CA HIS D 235 -27.29 6.98 -10.44
C HIS D 235 -27.60 8.38 -9.91
N LYS D 236 -27.02 9.41 -10.52
CA LYS D 236 -27.13 10.77 -10.01
C LYS D 236 -28.58 11.26 -10.08
N LYS D 237 -29.29 10.91 -11.16
CA LYS D 237 -30.60 11.49 -11.43
C LYS D 237 -31.74 10.54 -11.05
N GLY D 238 -31.40 9.35 -10.54
CA GLY D 238 -32.39 8.34 -10.21
C GLY D 238 -31.77 6.94 -10.17
N GLU D 239 -32.61 5.93 -9.91
CA GLU D 239 -32.14 4.56 -9.79
C GLU D 239 -32.40 3.80 -11.09
N ILE D 240 -31.55 2.79 -11.31
CA ILE D 240 -31.77 1.82 -12.38
C ILE D 240 -31.78 0.40 -11.82
N ILE D 241 -32.24 -0.55 -12.63
CA ILE D 241 -32.13 -1.95 -12.24
C ILE D 241 -31.27 -2.71 -13.24
N VAL D 242 -30.37 -3.54 -12.69
CA VAL D 242 -29.60 -4.49 -13.49
C VAL D 242 -30.36 -5.81 -13.46
N GLU D 243 -30.83 -6.24 -14.63
CA GLU D 243 -31.68 -7.42 -14.72
C GLU D 243 -31.16 -8.43 -15.74
N ARG D 244 -30.17 -8.06 -16.55
CA ARG D 244 -29.68 -8.94 -17.60
C ARG D 244 -28.20 -9.27 -17.40
N ASP D 245 -27.85 -10.53 -17.70
CA ASP D 245 -26.46 -10.94 -17.76
C ASP D 245 -25.70 -10.08 -18.77
N GLU D 246 -24.60 -9.48 -18.32
CA GLU D 246 -23.86 -8.46 -19.07
C GLU D 246 -22.77 -9.04 -19.99
N HIS D 247 -22.26 -10.25 -19.69
CA HIS D 247 -21.06 -10.75 -20.35
C HIS D 247 -21.29 -11.23 -21.78
N LEU D 248 -22.54 -11.55 -22.15
CA LEU D 248 -22.79 -12.21 -23.44
C LEU D 248 -22.28 -11.34 -24.57
N ARG D 249 -21.78 -12.03 -25.63
CA ARG D 249 -21.36 -11.39 -26.86
C ARG D 249 -22.13 -12.03 -28.00
N PRO D 250 -23.45 -11.73 -28.14
CA PRO D 250 -24.29 -12.43 -29.12
C PRO D 250 -23.90 -12.23 -30.58
N GLU D 251 -23.08 -11.18 -30.85
CA GLU D 251 -22.68 -10.91 -32.22
C GLU D 251 -21.39 -11.66 -32.59
N THR D 252 -20.89 -12.52 -31.69
CA THR D 252 -19.72 -13.35 -31.99
C THR D 252 -19.94 -14.15 -33.27
N THR D 253 -18.93 -14.17 -34.14
CA THR D 253 -18.89 -15.00 -35.34
C THR D 253 -17.62 -15.84 -35.31
N LEU D 254 -17.59 -16.92 -36.11
CA LEU D 254 -16.38 -17.71 -36.25
C LEU D 254 -15.23 -16.86 -36.80
N GLU D 255 -15.50 -15.96 -37.76
CA GLU D 255 -14.46 -15.08 -38.30
C GLU D 255 -13.82 -14.22 -37.19
N ALA D 256 -14.67 -13.63 -36.34
CA ALA D 256 -14.17 -12.76 -35.29
C ALA D 256 -13.28 -13.55 -34.34
N LEU D 257 -13.71 -14.77 -33.97
CA LEU D 257 -12.92 -15.59 -33.06
C LEU D 257 -11.59 -15.98 -33.70
N THR D 258 -11.59 -16.24 -35.02
CA THR D 258 -10.41 -16.71 -35.74
C THR D 258 -9.31 -15.63 -35.73
N LYS D 259 -9.70 -14.35 -35.73
CA LYS D 259 -8.77 -13.24 -35.83
C LYS D 259 -8.09 -12.93 -34.49
N LEU D 260 -8.63 -13.45 -33.37
CA LEU D 260 -8.11 -13.11 -32.05
C LEU D 260 -6.70 -13.71 -31.89
N LYS D 261 -5.85 -13.02 -31.12
CA LYS D 261 -4.50 -13.48 -30.83
C LYS D 261 -4.51 -14.31 -29.54
N PRO D 262 -3.82 -15.47 -29.45
CA PRO D 262 -3.73 -16.18 -28.19
C PRO D 262 -3.09 -15.36 -27.07
N VAL D 263 -3.60 -15.57 -25.85
CA VAL D 263 -3.13 -14.88 -24.66
C VAL D 263 -1.62 -15.05 -24.46
N ASN D 264 -1.12 -16.27 -24.72
CA ASN D 264 0.23 -16.66 -24.31
C ASN D 264 1.21 -16.78 -25.48
N GLY D 265 0.84 -16.25 -26.65
CA GLY D 265 1.79 -16.20 -27.76
C GLY D 265 1.28 -16.94 -28.99
N PRO D 266 1.91 -16.70 -30.17
CA PRO D 266 1.46 -17.27 -31.44
C PRO D 266 1.36 -18.80 -31.57
N ASP D 267 2.18 -19.53 -30.81
CA ASP D 267 2.21 -21.00 -30.83
C ASP D 267 1.13 -21.60 -29.93
N LYS D 268 0.28 -20.76 -29.34
CA LYS D 268 -0.71 -21.22 -28.37
C LYS D 268 -2.11 -21.15 -28.98
N THR D 269 -3.15 -21.47 -28.20
CA THR D 269 -4.50 -21.61 -28.74
C THR D 269 -5.56 -20.85 -27.94
N VAL D 270 -5.33 -20.63 -26.64
CA VAL D 270 -6.37 -20.03 -25.79
C VAL D 270 -6.40 -18.52 -26.05
N THR D 271 -7.59 -17.97 -26.31
CA THR D 271 -7.79 -16.55 -26.55
C THR D 271 -8.83 -15.98 -25.58
N ALA D 272 -9.02 -14.65 -25.61
CA ALA D 272 -10.07 -14.06 -24.79
C ALA D 272 -11.46 -14.52 -25.25
N GLY D 273 -11.54 -14.94 -26.52
CA GLY D 273 -12.82 -15.32 -27.11
C GLY D 273 -13.24 -16.75 -26.82
N ASN D 274 -12.27 -17.64 -26.46
CA ASN D 274 -12.62 -19.03 -26.20
C ASN D 274 -12.35 -19.39 -24.73
N ALA D 275 -12.37 -18.36 -23.88
CA ALA D 275 -12.22 -18.49 -22.43
C ALA D 275 -13.32 -17.72 -21.74
N SER D 276 -13.62 -18.11 -20.51
N SER D 276 -13.58 -18.11 -20.50
CA SER D 276 -14.52 -17.30 -19.70
CA SER D 276 -14.46 -17.35 -19.61
C SER D 276 -13.82 -16.00 -19.28
C SER D 276 -13.78 -16.04 -19.20
N GLY D 277 -14.54 -15.19 -18.51
CA GLY D 277 -14.04 -13.89 -18.07
C GLY D 277 -13.86 -13.81 -16.57
N VAL D 278 -13.79 -12.54 -16.16
N VAL D 278 -13.53 -12.60 -16.07
CA VAL D 278 -13.63 -12.08 -14.79
CA VAL D 278 -13.63 -12.34 -14.65
C VAL D 278 -14.90 -11.29 -14.46
C VAL D 278 -14.86 -11.44 -14.47
N ASN D 279 -15.64 -11.73 -13.42
CA ASN D 279 -17.04 -11.30 -13.32
C ASN D 279 -17.53 -11.18 -11.87
N ASP D 280 -18.72 -10.58 -11.73
CA ASP D 280 -19.37 -10.33 -10.43
C ASP D 280 -20.75 -11.00 -10.40
N GLY D 281 -21.10 -11.63 -9.26
CA GLY D 281 -22.45 -12.18 -9.11
C GLY D 281 -22.62 -12.99 -7.83
N ALA D 282 -23.88 -13.30 -7.50
CA ALA D 282 -24.18 -14.17 -6.35
C ALA D 282 -25.41 -15.04 -6.64
N ALA D 283 -25.52 -16.16 -5.93
CA ALA D 283 -26.66 -17.06 -6.09
C ALA D 283 -26.95 -17.77 -4.77
N ALA D 284 -28.19 -18.26 -4.61
CA ALA D 284 -28.49 -19.02 -3.40
C ALA D 284 -29.72 -19.89 -3.62
N MET D 285 -29.82 -20.96 -2.84
CA MET D 285 -30.94 -21.88 -2.94
C MET D 285 -31.21 -22.51 -1.57
N ILE D 286 -32.44 -23.03 -1.43
CA ILE D 286 -32.85 -23.70 -0.20
C ILE D 286 -32.71 -25.22 -0.38
N LEU D 287 -32.15 -25.90 0.65
CA LEU D 287 -32.15 -27.36 0.71
C LEU D 287 -32.89 -27.78 1.99
N ALA D 288 -33.63 -28.90 1.92
CA ALA D 288 -34.47 -29.25 3.06
C ALA D 288 -34.73 -30.75 3.09
N SER D 289 -34.86 -31.31 4.30
CA SER D 289 -35.38 -32.65 4.49
C SER D 289 -36.85 -32.69 4.09
N ALA D 290 -37.40 -33.90 3.91
CA ALA D 290 -38.82 -34.02 3.62
C ALA D 290 -39.67 -33.33 4.69
N ALA D 291 -39.31 -33.52 5.97
CA ALA D 291 -40.08 -32.95 7.07
C ALA D 291 -40.05 -31.43 7.00
N ALA D 292 -38.89 -30.85 6.66
CA ALA D 292 -38.78 -29.40 6.56
C ALA D 292 -39.55 -28.86 5.34
N VAL D 293 -39.53 -29.61 4.21
CA VAL D 293 -40.31 -29.18 3.05
C VAL D 293 -41.77 -29.02 3.49
N LYS D 294 -42.30 -30.06 4.17
CA LYS D 294 -43.68 -30.04 4.61
C LYS D 294 -43.94 -28.89 5.60
N LYS D 295 -43.08 -28.76 6.63
CA LYS D 295 -43.30 -27.82 7.73
C LYS D 295 -43.30 -26.38 7.22
N HIS D 296 -42.40 -26.08 6.28
CA HIS D 296 -42.14 -24.71 5.86
C HIS D 296 -42.88 -24.35 4.57
N GLY D 297 -43.70 -25.27 4.07
CA GLY D 297 -44.49 -24.99 2.89
C GLY D 297 -43.67 -24.77 1.62
N LEU D 298 -42.50 -25.44 1.53
CA LEU D 298 -41.63 -25.35 0.37
C LEU D 298 -42.16 -26.20 -0.79
N THR D 299 -41.65 -25.89 -1.97
CA THR D 299 -41.92 -26.70 -3.15
C THR D 299 -40.65 -27.48 -3.47
N PRO D 300 -40.59 -28.83 -3.23
CA PRO D 300 -39.37 -29.60 -3.55
C PRO D 300 -39.26 -29.73 -5.06
N ARG D 301 -38.02 -29.58 -5.56
CA ARG D 301 -37.81 -29.53 -7.01
C ARG D 301 -36.88 -30.64 -7.52
N ALA D 302 -35.87 -31.03 -6.73
CA ALA D 302 -34.97 -32.12 -7.08
C ALA D 302 -34.46 -32.75 -5.79
N ARG D 303 -34.10 -34.03 -5.87
CA ARG D 303 -33.37 -34.67 -4.79
C ARG D 303 -31.89 -34.61 -5.13
N VAL D 304 -31.05 -34.33 -4.14
CA VAL D 304 -29.61 -34.39 -4.35
C VAL D 304 -29.15 -35.84 -4.24
N LEU D 305 -28.39 -36.29 -5.27
CA LEU D 305 -27.93 -37.68 -5.29
C LEU D 305 -26.55 -37.84 -4.63
N GLY D 306 -25.64 -36.91 -4.91
CA GLY D 306 -24.33 -36.95 -4.27
C GLY D 306 -23.33 -35.99 -4.90
N MET D 307 -22.16 -35.91 -4.27
CA MET D 307 -21.08 -35.03 -4.70
C MET D 307 -19.76 -35.80 -4.58
N ALA D 308 -18.85 -35.60 -5.56
CA ALA D 308 -17.49 -36.13 -5.44
C ALA D 308 -16.46 -35.11 -5.96
N SER D 309 -15.26 -35.18 -5.37
CA SER D 309 -14.13 -34.35 -5.73
C SER D 309 -12.98 -35.21 -6.28
N GLY D 310 -12.16 -34.60 -7.13
CA GLY D 310 -10.99 -35.26 -7.68
C GLY D 310 -9.81 -34.29 -7.77
N GLY D 311 -8.58 -34.82 -7.77
CA GLY D 311 -7.37 -34.05 -7.95
C GLY D 311 -6.62 -34.49 -9.21
N VAL D 312 -5.95 -33.51 -9.84
CA VAL D 312 -5.09 -33.74 -11.01
C VAL D 312 -3.86 -32.86 -10.88
N ALA D 313 -2.93 -32.98 -11.83
CA ALA D 313 -1.77 -32.09 -11.85
C ALA D 313 -2.24 -30.63 -11.97
N PRO D 314 -1.71 -29.72 -11.15
CA PRO D 314 -2.01 -28.28 -11.31
C PRO D 314 -1.84 -27.77 -12.74
N ARG D 315 -0.81 -28.25 -13.44
CA ARG D 315 -0.51 -27.66 -14.74
C ARG D 315 -1.55 -28.01 -15.81
N VAL D 316 -2.42 -28.99 -15.52
CA VAL D 316 -3.54 -29.31 -16.41
C VAL D 316 -4.86 -29.34 -15.65
N MET D 317 -5.05 -28.30 -14.81
CA MET D 317 -6.18 -28.28 -13.87
C MET D 317 -7.52 -28.47 -14.58
N GLY D 318 -7.61 -28.05 -15.85
CA GLY D 318 -8.88 -28.10 -16.57
C GLY D 318 -9.45 -29.51 -16.75
N ILE D 319 -8.60 -30.55 -16.65
CA ILE D 319 -9.05 -31.92 -16.78
C ILE D 319 -9.60 -32.46 -15.45
N GLY D 320 -9.51 -31.67 -14.36
CA GLY D 320 -9.98 -32.05 -13.04
C GLY D 320 -11.39 -32.68 -12.99
N PRO D 321 -12.39 -32.23 -13.77
CA PRO D 321 -13.71 -32.86 -13.73
C PRO D 321 -13.72 -34.37 -14.01
N VAL D 322 -12.72 -34.86 -14.77
CA VAL D 322 -12.79 -36.26 -15.20
C VAL D 322 -12.75 -37.20 -13.99
N PRO D 323 -11.74 -37.15 -13.11
CA PRO D 323 -11.75 -38.03 -11.94
C PRO D 323 -12.94 -37.78 -11.01
N ALA D 324 -13.41 -36.51 -10.89
CA ALA D 324 -14.55 -36.22 -10.03
C ALA D 324 -15.82 -36.89 -10.55
N VAL D 325 -16.08 -36.73 -11.86
CA VAL D 325 -17.26 -37.35 -12.46
C VAL D 325 -17.19 -38.87 -12.38
N ARG D 326 -16.01 -39.45 -12.68
CA ARG D 326 -15.88 -40.91 -12.65
C ARG D 326 -16.12 -41.42 -11.23
N LYS D 327 -15.58 -40.71 -10.23
CA LYS D 327 -15.76 -41.14 -8.84
C LYS D 327 -17.24 -41.13 -8.46
N LEU D 328 -17.96 -40.05 -8.79
CA LEU D 328 -19.36 -39.91 -8.38
C LEU D 328 -20.21 -40.96 -9.09
N THR D 329 -20.03 -41.08 -10.42
CA THR D 329 -20.90 -41.96 -11.20
C THR D 329 -20.63 -43.43 -10.86
N GLU D 330 -19.36 -43.79 -10.59
CA GLU D 330 -19.09 -45.17 -10.20
C GLU D 330 -19.79 -45.51 -8.87
N ARG D 331 -19.74 -44.56 -7.93
CA ARG D 331 -20.34 -44.80 -6.63
C ARG D 331 -21.86 -44.89 -6.73
N LEU D 332 -22.47 -44.01 -7.54
CA LEU D 332 -23.94 -43.98 -7.62
C LEU D 332 -24.47 -45.06 -8.57
N GLY D 333 -23.60 -45.63 -9.44
CA GLY D 333 -24.04 -46.62 -10.41
C GLY D 333 -24.88 -45.99 -11.53
N ILE D 334 -24.50 -44.77 -11.95
CA ILE D 334 -25.13 -44.02 -13.02
C ILE D 334 -24.08 -43.82 -14.11
N ALA D 335 -24.42 -44.12 -15.38
CA ALA D 335 -23.52 -43.83 -16.49
C ALA D 335 -23.59 -42.35 -16.82
N VAL D 336 -22.49 -41.79 -17.32
CA VAL D 336 -22.49 -40.41 -17.78
C VAL D 336 -23.61 -40.19 -18.80
N SER D 337 -23.84 -41.17 -19.68
CA SER D 337 -24.83 -41.02 -20.73
C SER D 337 -26.26 -41.03 -20.18
N ASP D 338 -26.45 -41.37 -18.89
CA ASP D 338 -27.78 -41.42 -18.30
C ASP D 338 -28.31 -40.03 -17.92
N PHE D 339 -27.45 -39.01 -17.88
CA PHE D 339 -27.88 -37.68 -17.49
C PHE D 339 -28.62 -36.99 -18.63
N ASP D 340 -29.73 -36.33 -18.30
CA ASP D 340 -30.52 -35.59 -19.27
C ASP D 340 -29.99 -34.16 -19.43
N VAL D 341 -29.21 -33.68 -18.45
CA VAL D 341 -28.47 -32.43 -18.65
C VAL D 341 -27.09 -32.60 -18.01
N ILE D 342 -26.06 -32.07 -18.68
CA ILE D 342 -24.76 -31.90 -18.08
C ILE D 342 -24.40 -30.42 -18.16
N GLU D 343 -24.24 -29.78 -16.98
CA GLU D 343 -23.70 -28.44 -16.88
C GLU D 343 -22.22 -28.51 -16.53
N LEU D 344 -21.39 -28.33 -17.57
CA LEU D 344 -19.94 -28.39 -17.48
C LEU D 344 -19.41 -26.97 -17.52
N ASN D 345 -18.69 -26.56 -16.47
CA ASN D 345 -18.16 -25.20 -16.45
C ASN D 345 -17.25 -24.98 -17.67
N GLU D 346 -17.38 -23.79 -18.29
CA GLU D 346 -16.59 -23.44 -19.46
C GLU D 346 -15.52 -22.44 -19.05
N ALA D 347 -14.61 -22.86 -18.16
CA ALA D 347 -13.49 -21.98 -17.86
C ALA D 347 -12.71 -21.65 -19.14
N PHE D 348 -12.44 -22.70 -19.94
CA PHE D 348 -11.80 -22.56 -21.25
C PHE D 348 -12.42 -23.62 -22.16
N ALA D 349 -12.61 -23.24 -23.44
CA ALA D 349 -13.08 -24.22 -24.41
C ALA D 349 -12.14 -25.42 -24.48
N SER D 350 -10.81 -25.20 -24.36
CA SER D 350 -9.88 -26.33 -24.48
C SER D 350 -10.19 -27.39 -23.43
N GLN D 351 -10.48 -26.94 -22.19
CA GLN D 351 -10.70 -27.93 -21.14
C GLN D 351 -12.13 -28.46 -21.16
N GLY D 352 -13.12 -27.64 -21.57
CA GLY D 352 -14.46 -28.22 -21.71
C GLY D 352 -14.43 -29.38 -22.71
N LEU D 353 -13.82 -29.12 -23.87
CA LEU D 353 -13.72 -30.17 -24.90
C LEU D 353 -12.93 -31.37 -24.41
N ALA D 354 -11.78 -31.15 -23.76
CA ALA D 354 -10.97 -32.27 -23.30
C ALA D 354 -11.74 -33.15 -22.32
N VAL D 355 -12.50 -32.53 -21.41
CA VAL D 355 -13.27 -33.30 -20.45
C VAL D 355 -14.34 -34.14 -21.16
N LEU D 356 -15.10 -33.51 -22.08
CA LEU D 356 -16.13 -34.25 -22.79
C LEU D 356 -15.52 -35.46 -23.52
N ARG D 357 -14.39 -35.23 -24.19
CA ARG D 357 -13.75 -36.32 -24.95
C ARG D 357 -13.32 -37.46 -24.03
N GLU D 358 -12.76 -37.13 -22.85
CA GLU D 358 -12.33 -38.17 -21.93
C GLU D 358 -13.50 -38.98 -21.41
N LEU D 359 -14.67 -38.33 -21.27
CA LEU D 359 -15.87 -38.95 -20.71
C LEU D 359 -16.74 -39.60 -21.79
N GLY D 360 -16.31 -39.51 -23.06
CA GLY D 360 -17.02 -40.18 -24.15
C GLY D 360 -18.30 -39.47 -24.61
N VAL D 361 -18.36 -38.16 -24.36
CA VAL D 361 -19.51 -37.36 -24.73
C VAL D 361 -19.11 -36.48 -25.92
N ALA D 362 -19.98 -36.38 -26.95
CA ALA D 362 -19.66 -35.59 -28.14
C ALA D 362 -19.43 -34.13 -27.77
N ASP D 363 -18.59 -33.45 -28.56
CA ASP D 363 -18.21 -32.06 -28.37
C ASP D 363 -19.42 -31.13 -28.41
N ASP D 364 -20.47 -31.56 -29.13
CA ASP D 364 -21.69 -30.77 -29.33
C ASP D 364 -22.93 -31.52 -28.83
N ALA D 365 -22.74 -32.47 -27.91
CA ALA D 365 -23.84 -33.30 -27.44
C ALA D 365 -25.01 -32.42 -26.96
N PRO D 366 -26.27 -32.75 -27.33
CA PRO D 366 -27.38 -31.84 -27.07
C PRO D 366 -27.65 -31.56 -25.59
N GLN D 367 -27.29 -32.52 -24.72
CA GLN D 367 -27.57 -32.42 -23.30
C GLN D 367 -26.52 -31.57 -22.57
N VAL D 368 -25.42 -31.20 -23.26
CA VAL D 368 -24.36 -30.43 -22.60
C VAL D 368 -24.60 -28.93 -22.82
N ASN D 369 -24.64 -28.19 -21.70
CA ASN D 369 -24.71 -26.73 -21.71
C ASN D 369 -25.73 -26.22 -22.73
N PRO D 370 -27.00 -26.69 -22.65
CA PRO D 370 -28.00 -26.38 -23.68
C PRO D 370 -28.35 -24.89 -23.77
N ASN D 371 -28.08 -24.16 -22.68
CA ASN D 371 -28.34 -22.72 -22.62
C ASN D 371 -27.04 -21.93 -22.64
N GLY D 372 -25.95 -22.56 -23.13
CA GLY D 372 -24.65 -21.92 -23.12
C GLY D 372 -24.00 -21.98 -21.73
N GLY D 373 -22.82 -21.38 -21.61
CA GLY D 373 -22.05 -21.47 -20.40
C GLY D 373 -21.14 -20.27 -20.22
N ALA D 374 -20.12 -20.43 -19.37
CA ALA D 374 -19.33 -19.31 -18.87
C ALA D 374 -18.60 -18.52 -19.96
N ILE D 375 -18.33 -19.12 -21.14
CA ILE D 375 -17.70 -18.28 -22.15
C ILE D 375 -18.64 -17.11 -22.49
N ALA D 376 -19.93 -17.41 -22.59
CA ALA D 376 -20.95 -16.38 -22.82
C ALA D 376 -21.32 -15.63 -21.54
N LEU D 377 -21.54 -16.38 -20.44
CA LEU D 377 -22.21 -15.83 -19.26
C LEU D 377 -21.24 -15.20 -18.26
N GLY D 378 -19.96 -15.55 -18.30
CA GLY D 378 -19.00 -15.13 -17.29
C GLY D 378 -18.99 -16.09 -16.11
N ALA D 379 -18.06 -15.87 -15.17
CA ALA D 379 -17.85 -16.82 -14.09
C ALA D 379 -17.28 -16.15 -12.85
N PRO D 380 -18.13 -15.51 -12.01
CA PRO D 380 -17.68 -15.04 -10.71
C PRO D 380 -17.38 -16.28 -9.87
N LEU D 381 -16.13 -16.47 -9.46
CA LEU D 381 -15.70 -17.79 -9.02
C LEU D 381 -16.65 -18.43 -8.02
N GLY D 382 -16.84 -17.79 -6.85
CA GLY D 382 -17.62 -18.43 -5.80
C GLY D 382 -19.10 -18.65 -6.14
N MET D 383 -19.64 -17.84 -7.05
N MET D 383 -19.65 -17.83 -7.04
CA MET D 383 -21.05 -17.94 -7.43
CA MET D 383 -21.02 -17.99 -7.50
C MET D 383 -21.29 -19.02 -8.49
C MET D 383 -21.14 -19.25 -8.38
N SER D 384 -20.26 -19.34 -9.29
N SER D 384 -20.19 -19.39 -9.31
CA SER D 384 -20.41 -20.16 -10.49
CA SER D 384 -20.38 -20.16 -10.53
C SER D 384 -20.99 -21.54 -10.21
C SER D 384 -20.93 -21.57 -10.27
N GLY D 385 -20.40 -22.26 -9.25
CA GLY D 385 -20.81 -23.63 -8.94
C GLY D 385 -22.26 -23.71 -8.47
N ALA D 386 -22.72 -22.68 -7.71
CA ALA D 386 -24.11 -22.63 -7.28
C ALA D 386 -25.00 -22.39 -8.50
N ARG D 387 -24.55 -21.52 -9.43
CA ARG D 387 -25.30 -21.31 -10.68
C ARG D 387 -25.44 -22.62 -11.48
N LEU D 388 -24.35 -23.41 -11.58
CA LEU D 388 -24.45 -24.62 -12.39
C LEU D 388 -25.52 -25.55 -11.83
N VAL D 389 -25.57 -25.71 -10.50
CA VAL D 389 -26.58 -26.59 -9.92
C VAL D 389 -27.98 -26.04 -10.18
N LEU D 390 -28.20 -24.74 -9.90
CA LEU D 390 -29.55 -24.23 -10.06
C LEU D 390 -30.02 -24.23 -11.53
N THR D 391 -29.10 -23.96 -12.46
CA THR D 391 -29.48 -23.91 -13.87
C THR D 391 -29.70 -25.34 -14.40
N ALA D 392 -28.94 -26.34 -13.91
CA ALA D 392 -29.19 -27.72 -14.29
C ALA D 392 -30.61 -28.10 -13.90
N LEU D 393 -31.01 -27.71 -12.67
CA LEU D 393 -32.35 -28.07 -12.21
C LEU D 393 -33.41 -27.38 -13.07
N HIS D 394 -33.21 -26.08 -13.33
CA HIS D 394 -34.11 -25.31 -14.17
C HIS D 394 -34.29 -25.99 -15.53
N GLN D 395 -33.16 -26.38 -16.16
CA GLN D 395 -33.22 -27.01 -17.46
C GLN D 395 -33.97 -28.34 -17.42
N LEU D 396 -33.74 -29.15 -16.37
CA LEU D 396 -34.51 -30.39 -16.21
C LEU D 396 -36.01 -30.12 -16.18
N GLU D 397 -36.43 -29.07 -15.44
CA GLU D 397 -37.85 -28.79 -15.33
C GLU D 397 -38.41 -28.38 -16.70
N LYS D 398 -37.72 -27.47 -17.39
CA LYS D 398 -38.23 -27.01 -18.68
C LYS D 398 -38.33 -28.15 -19.71
N SER D 399 -37.34 -29.08 -19.70
CA SER D 399 -37.21 -30.10 -20.73
C SER D 399 -37.92 -31.41 -20.39
N GLY D 400 -38.34 -31.55 -19.11
CA GLY D 400 -38.89 -32.81 -18.62
C GLY D 400 -37.84 -33.88 -18.32
N GLY D 401 -36.55 -33.51 -18.27
CA GLY D 401 -35.49 -34.46 -17.98
C GLY D 401 -35.51 -34.92 -16.52
N ARG D 402 -34.77 -35.99 -16.22
CA ARG D 402 -34.80 -36.60 -14.89
C ARG D 402 -33.50 -36.32 -14.13
N LYS D 403 -32.36 -36.87 -14.56
CA LYS D 403 -31.13 -36.70 -13.80
C LYS D 403 -30.25 -35.61 -14.42
N GLY D 404 -29.59 -34.86 -13.55
CA GLY D 404 -28.67 -33.82 -13.97
C GLY D 404 -27.30 -33.96 -13.30
N LEU D 405 -26.25 -33.57 -14.04
CA LEU D 405 -24.89 -33.54 -13.56
C LEU D 405 -24.33 -32.14 -13.75
N ALA D 406 -23.74 -31.57 -12.68
CA ALA D 406 -23.00 -30.32 -12.76
C ALA D 406 -21.55 -30.59 -12.35
N THR D 407 -20.59 -30.07 -13.14
CA THR D 407 -19.20 -30.37 -12.81
C THR D 407 -18.30 -29.23 -13.27
N MET D 408 -17.18 -29.07 -12.55
CA MET D 408 -16.32 -27.95 -12.92
C MET D 408 -14.88 -28.21 -12.49
N CYS D 409 -13.96 -27.55 -13.21
CA CYS D 409 -12.55 -27.59 -12.89
C CYS D 409 -12.21 -26.55 -11.82
N VAL D 410 -11.03 -26.75 -11.23
CA VAL D 410 -10.57 -25.95 -10.09
C VAL D 410 -9.09 -25.63 -10.25
N GLY D 411 -8.72 -24.36 -10.04
CA GLY D 411 -7.32 -23.98 -10.03
C GLY D 411 -6.50 -24.81 -9.05
N VAL D 412 -5.24 -25.08 -9.43
CA VAL D 412 -4.30 -25.87 -8.66
C VAL D 412 -4.69 -27.36 -8.72
N GLY D 413 -5.54 -27.72 -9.70
CA GLY D 413 -5.69 -29.11 -10.11
C GLY D 413 -6.78 -29.88 -9.34
N GLN D 414 -8.04 -29.42 -9.44
CA GLN D 414 -9.10 -30.27 -8.91
C GLN D 414 -10.33 -30.25 -9.83
N GLY D 415 -11.26 -31.15 -9.51
CA GLY D 415 -12.58 -31.16 -10.11
C GLY D 415 -13.61 -31.41 -9.02
N LEU D 416 -14.85 -30.97 -9.27
CA LEU D 416 -15.97 -31.29 -8.40
C LEU D 416 -17.18 -31.65 -9.26
N ALA D 417 -17.98 -32.60 -8.82
CA ALA D 417 -19.16 -33.06 -9.56
C ALA D 417 -20.31 -33.26 -8.58
N LEU D 418 -21.51 -32.87 -9.00
CA LEU D 418 -22.70 -32.99 -8.14
C LEU D 418 -23.88 -33.44 -9.01
N ALA D 419 -24.61 -34.48 -8.57
CA ALA D 419 -25.71 -35.05 -9.32
C ALA D 419 -27.04 -34.83 -8.58
N ILE D 420 -28.09 -34.54 -9.35
CA ILE D 420 -29.44 -34.28 -8.85
C ILE D 420 -30.46 -35.07 -9.68
N GLU D 421 -31.66 -35.24 -9.13
CA GLU D 421 -32.74 -35.86 -9.88
C GLU D 421 -34.02 -35.08 -9.66
N ARG D 422 -34.68 -34.65 -10.74
CA ARG D 422 -35.92 -33.89 -10.62
C ARG D 422 -37.00 -34.73 -9.94
N VAL D 423 -37.82 -34.10 -9.04
CA VAL D 423 -38.92 -34.79 -8.36
C VAL D 423 -40.05 -35.13 -9.34
#